data_9GKW
#
_entry.id   9GKW
#
_cell.length_a   131.616
_cell.length_b   144.034
_cell.length_c   92.959
_cell.angle_alpha   90.000
_cell.angle_beta   92.119
_cell.angle_gamma   90.000
#
_symmetry.space_group_name_H-M   'C 1 2 1'
#
loop_
_entity.id
_entity.type
_entity.pdbx_description
1 polymer 'Dimethoate hydrolase'
2 non-polymer 'OCTANOIC ACID (CAPRYLIC ACID)'
3 non-polymer 'POTASSIUM ION'
4 non-polymer 'ZINC ION'
5 non-polymer 'PENTAETHYLENE GLYCOL'
6 water water
#
_entity_poly.entity_id   1
_entity_poly.type   'polypeptide(L)'
_entity_poly.pdbx_seq_one_letter_code
;MAHHHHHHVGTMARTGFYTDERTFWHATGMQALFLPVGDWVQPPNGTAGADTPDSKRRLLNLAHASGLIRKLTLPEAIPA
TVEDVCRVHPRDYIDRFKATSDAGGGDLGHLAPFSKGGYEIAMLSCGLAIAAVDDVLSGKVDNAYALCRPAGHHCLADTP
MGFCLLANIPIAIEAAKARHGISRVAVVDWDVHHGNGTQSIFYDRADVLTISIHQDRCFPPGYSGAEDRGEGAGLGYNLN
VPLPAGAGHDAYVQAFDDIVVPALDDFKPDLIIVASGLDANSVDPLARMLLHSESYRLLTQKMLDAAARLCGGKLVVVHE
GGYAEAYVPFCGHALLEALSGERTAVVDPVLEMAEAWQPGPEAAAFHRQWIDRLVADLGK
;
_entity_poly.pdbx_strand_id   A,B,C,D
#
# COMPACT_ATOMS: atom_id res chain seq x y z
N ARG A 14 -30.00 -21.90 10.42
CA ARG A 14 -29.67 -20.48 10.45
C ARG A 14 -28.44 -20.21 11.32
N THR A 15 -27.50 -19.53 10.70
CA THR A 15 -26.34 -18.94 11.35
C THR A 15 -26.47 -17.43 11.21
N GLY A 16 -26.40 -16.71 12.32
CA GLY A 16 -26.34 -15.27 12.28
C GLY A 16 -24.89 -14.82 12.14
N PHE A 17 -24.68 -13.77 11.35
CA PHE A 17 -23.36 -13.23 11.10
C PHE A 17 -23.40 -11.77 11.49
N TYR A 18 -22.53 -11.36 12.39
CA TYR A 18 -22.65 -10.04 12.98
C TYR A 18 -21.41 -9.24 12.61
N THR A 19 -21.63 -8.13 11.91
CA THR A 19 -20.54 -7.37 11.31
C THR A 19 -21.05 -5.96 11.06
N ASP A 20 -20.10 -5.03 10.95
CA ASP A 20 -20.48 -3.67 10.59
C ASP A 20 -19.33 -3.00 9.87
N GLU A 21 -19.66 -2.28 8.79
CA GLU A 21 -18.65 -1.58 8.02
C GLU A 21 -17.63 -0.85 8.90
N ARG A 22 -18.08 -0.24 10.01
CA ARG A 22 -17.17 0.67 10.72
C ARG A 22 -16.09 -0.05 11.50
N THR A 23 -16.22 -1.37 11.75
CA THR A 23 -15.16 -2.12 12.40
C THR A 23 -13.89 -2.10 11.58
N PHE A 24 -14.01 -1.99 10.25
CA PHE A 24 -12.87 -1.91 9.34
C PHE A 24 -12.27 -0.52 9.29
N TRP A 25 -12.81 0.43 10.05
CA TRP A 25 -12.28 1.79 10.05
C TRP A 25 -11.35 2.06 11.21
N HIS A 26 -11.35 1.18 12.22
CA HIS A 26 -10.37 1.23 13.28
C HIS A 26 -8.97 1.18 12.67
N ALA A 27 -8.09 2.07 13.09
CA ALA A 27 -6.72 2.05 12.58
C ALA A 27 -5.75 2.14 13.74
N THR A 28 -4.75 1.29 13.74
CA THR A 28 -3.83 1.26 14.85
C THR A 28 -2.75 2.33 14.74
N GLY A 29 -2.62 2.99 13.59
CA GLY A 29 -1.69 4.08 13.42
C GLY A 29 -0.50 3.68 12.57
N MET A 30 0.54 4.51 12.62
CA MET A 30 1.65 4.39 11.69
C MET A 30 2.72 3.50 12.31
N GLN A 31 2.58 2.19 12.06
CA GLN A 31 3.50 1.16 12.49
C GLN A 31 3.95 0.35 11.28
N ALA A 32 5.17 -0.17 11.34
CA ALA A 32 5.57 -1.23 10.43
C ALA A 32 5.27 -2.53 11.16
N LEU A 33 4.37 -3.33 10.60
CA LEU A 33 3.82 -4.47 11.32
C LEU A 33 3.34 -3.98 12.69
N PHE A 34 3.80 -4.58 13.80
CA PHE A 34 3.49 -4.05 15.13
C PHE A 34 4.57 -3.13 15.68
N LEU A 35 5.52 -2.68 14.87
CA LEU A 35 6.61 -1.83 15.34
C LEU A 35 6.23 -0.35 15.23
N PRO A 36 6.10 0.38 16.34
CA PRO A 36 5.87 1.84 16.25
C PRO A 36 6.98 2.51 15.46
N VAL A 37 6.59 3.37 14.53
CA VAL A 37 7.57 4.14 13.73
C VAL A 37 8.33 5.10 14.65
N GLY A 38 9.52 5.49 14.21
CA GLY A 38 10.44 6.28 14.97
C GLY A 38 11.67 5.48 15.37
N ASP A 39 12.72 6.20 15.76
CA ASP A 39 14.03 5.62 15.97
C ASP A 39 14.40 4.81 14.74
N TRP A 40 14.68 3.52 14.91
CA TRP A 40 15.25 2.72 13.83
C TRP A 40 14.20 2.08 12.94
N VAL A 41 12.91 2.31 13.19
CA VAL A 41 11.84 1.72 12.39
C VAL A 41 11.35 2.74 11.35
N GLN A 42 11.63 2.44 10.10
CA GLN A 42 11.22 3.15 8.90
C GLN A 42 9.72 2.98 8.68
N PRO A 43 9.00 4.07 8.40
CA PRO A 43 7.58 3.96 8.05
C PRO A 43 7.34 3.03 6.87
N PRO A 44 6.25 2.27 6.91
CA PRO A 44 5.93 1.35 5.81
C PRO A 44 5.38 2.11 4.61
N ASN A 45 5.73 1.65 3.41
CA ASN A 45 5.16 2.27 2.22
C ASN A 45 3.84 1.63 1.82
N GLY A 46 3.56 0.42 2.28
CA GLY A 46 2.30 -0.25 2.02
C GLY A 46 1.27 0.07 3.08
N THR A 47 0.44 -0.92 3.39
CA THR A 47 -0.55 -0.77 4.44
C THR A 47 0.14 -0.69 5.78
N ALA A 48 -0.27 0.28 6.61
CA ALA A 48 0.31 0.42 7.94
C ALA A 48 -0.27 -0.62 8.89
N GLY A 49 0.55 -1.10 9.82
CA GLY A 49 0.05 -1.89 10.93
C GLY A 49 0.14 -3.39 10.68
N ALA A 50 -0.32 -4.13 11.69
CA ALA A 50 -0.43 -5.58 11.60
C ALA A 50 -1.89 -6.03 11.70
N ASP A 51 -2.63 -5.51 12.67
CA ASP A 51 -4.10 -5.59 12.64
C ASP A 51 -4.59 -4.60 11.60
N THR A 52 -4.48 -5.01 10.32
CA THR A 52 -4.97 -4.14 9.27
C THR A 52 -6.46 -4.39 9.03
N PRO A 53 -7.17 -3.36 8.57
CA PRO A 53 -8.56 -3.56 8.16
C PRO A 53 -8.73 -4.79 7.29
N ASP A 54 -7.90 -4.93 6.24
CA ASP A 54 -8.14 -5.96 5.25
C ASP A 54 -7.86 -7.35 5.79
N SER A 55 -7.01 -7.45 6.82
CA SER A 55 -6.79 -8.73 7.44
C SER A 55 -8.06 -9.31 8.04
N LYS A 56 -9.08 -8.49 8.23
CA LYS A 56 -10.40 -8.95 8.63
C LYS A 56 -11.44 -8.79 7.54
N ARG A 57 -11.40 -7.69 6.77
CA ARG A 57 -12.43 -7.48 5.74
C ARG A 57 -12.37 -8.53 4.64
N ARG A 58 -11.19 -9.05 4.32
CA ARG A 58 -11.12 -9.99 3.20
C ARG A 58 -11.85 -11.28 3.50
N LEU A 59 -12.03 -11.66 4.77
CA LEU A 59 -12.90 -12.78 5.08
C LEU A 59 -14.33 -12.49 4.65
N LEU A 60 -14.86 -11.33 5.03
CA LEU A 60 -16.20 -10.93 4.61
C LEU A 60 -16.30 -10.86 3.09
N ASN A 61 -15.29 -10.27 2.42
CA ASN A 61 -15.31 -10.21 0.95
C ASN A 61 -15.46 -11.60 0.33
N LEU A 62 -14.67 -12.57 0.81
CA LEU A 62 -14.71 -13.90 0.22
C LEU A 62 -16.08 -14.55 0.45
N ALA A 63 -16.69 -14.31 1.61
CA ALA A 63 -18.01 -14.87 1.86
C ALA A 63 -19.09 -14.21 1.00
N HIS A 64 -18.94 -12.92 0.64
CA HIS A 64 -19.82 -12.34 -0.38
C HIS A 64 -19.58 -12.98 -1.73
N ALA A 65 -18.31 -13.10 -2.11
CA ALA A 65 -17.96 -13.58 -3.44
C ALA A 65 -18.38 -15.03 -3.65
N SER A 66 -18.41 -15.83 -2.59
CA SER A 66 -18.79 -17.22 -2.74
C SER A 66 -20.30 -17.41 -2.79
N GLY A 67 -21.06 -16.39 -2.38
CA GLY A 67 -22.48 -16.53 -2.15
C GLY A 67 -22.85 -16.95 -0.74
N LEU A 68 -21.87 -17.32 0.07
CA LEU A 68 -22.15 -17.84 1.40
C LEU A 68 -22.89 -16.83 2.28
N ILE A 69 -22.55 -15.54 2.14
CA ILE A 69 -23.16 -14.50 2.95
C ILE A 69 -24.65 -14.42 2.71
N ARG A 70 -25.07 -14.77 1.50
CA ARG A 70 -26.48 -14.79 1.13
C ARG A 70 -27.26 -15.77 1.99
N LYS A 71 -26.60 -16.81 2.48
CA LYS A 71 -27.25 -17.90 3.20
C LYS A 71 -27.32 -17.67 4.70
N LEU A 72 -26.68 -16.61 5.20
CA LEU A 72 -26.68 -16.31 6.62
C LEU A 72 -27.61 -15.13 6.87
N THR A 73 -27.95 -14.87 8.13
CA THR A 73 -28.69 -13.66 8.48
C THR A 73 -27.75 -12.64 9.10
N LEU A 74 -27.84 -11.40 8.63
CA LEU A 74 -26.99 -10.29 9.07
C LEU A 74 -27.82 -9.30 9.87
N PRO A 75 -27.92 -9.45 11.19
CA PRO A 75 -28.61 -8.42 11.98
C PRO A 75 -27.87 -7.10 11.90
N GLU A 76 -28.63 -6.02 12.00
CA GLU A 76 -28.00 -4.72 12.09
C GLU A 76 -27.24 -4.64 13.40
N ALA A 77 -26.04 -4.07 13.35
CA ALA A 77 -25.19 -3.99 14.54
C ALA A 77 -25.84 -3.16 15.65
N ILE A 78 -25.67 -3.62 16.88
CA ILE A 78 -26.10 -2.89 18.07
C ILE A 78 -24.87 -2.66 18.93
N PRO A 79 -24.36 -1.44 19.03
CA PRO A 79 -23.15 -1.21 19.83
C PRO A 79 -23.35 -1.56 21.29
N ALA A 80 -22.24 -1.94 21.94
CA ALA A 80 -22.28 -2.09 23.39
C ALA A 80 -22.56 -0.75 24.04
N THR A 81 -23.35 -0.76 25.11
CA THR A 81 -23.53 0.43 25.93
C THR A 81 -22.44 0.49 26.99
N VAL A 82 -22.27 1.68 27.56
CA VAL A 82 -21.30 1.84 28.66
C VAL A 82 -21.72 0.97 29.84
N GLU A 83 -23.04 0.84 30.06
CA GLU A 83 -23.51 -0.12 31.06
C GLU A 83 -23.06 -1.54 30.75
N ASP A 84 -23.16 -1.98 29.49
CA ASP A 84 -22.63 -3.31 29.15
C ASP A 84 -21.15 -3.40 29.53
N VAL A 85 -20.34 -2.50 28.99
CA VAL A 85 -18.90 -2.69 29.11
C VAL A 85 -18.47 -2.55 30.57
N CYS A 86 -19.19 -1.76 31.36
CA CYS A 86 -18.84 -1.59 32.76
C CYS A 86 -19.25 -2.77 33.62
N ARG A 87 -19.93 -3.78 33.08
CA ARG A 87 -20.04 -5.01 33.86
C ARG A 87 -18.70 -5.74 33.98
N VAL A 88 -17.68 -5.29 33.25
CA VAL A 88 -16.34 -5.86 33.30
C VAL A 88 -15.28 -4.80 33.61
N HIS A 89 -15.35 -3.65 32.94
CA HIS A 89 -14.35 -2.62 33.09
C HIS A 89 -14.77 -1.57 34.11
N PRO A 90 -13.80 -0.97 34.80
CA PRO A 90 -14.11 0.20 35.63
C PRO A 90 -14.46 1.38 34.75
N ARG A 91 -15.40 2.20 35.25
CA ARG A 91 -15.86 3.34 34.49
C ARG A 91 -14.71 4.28 34.13
N ASP A 92 -13.74 4.43 35.04
N ASP A 92 -13.72 4.43 35.01
CA ASP A 92 -12.61 5.33 34.82
CA ASP A 92 -12.68 5.41 34.71
C ASP A 92 -11.83 4.94 33.57
C ASP A 92 -11.74 4.95 33.59
N TYR A 93 -11.59 3.64 33.38
CA TYR A 93 -10.93 3.20 32.15
C TYR A 93 -11.72 3.65 30.93
N ILE A 94 -13.04 3.38 30.94
CA ILE A 94 -13.90 3.67 29.81
C ILE A 94 -13.91 5.17 29.49
N ASP A 95 -13.97 6.01 30.53
CA ASP A 95 -13.92 7.46 30.34
C ASP A 95 -12.56 7.92 29.81
N ARG A 96 -11.48 7.35 30.34
CA ARG A 96 -10.17 7.77 29.83
C ARG A 96 -9.99 7.32 28.39
N PHE A 97 -10.50 6.14 28.07
CA PHE A 97 -10.47 5.62 26.70
C PHE A 97 -11.20 6.59 25.76
N LYS A 98 -12.44 6.97 26.11
CA LYS A 98 -13.21 7.88 25.27
C LYS A 98 -12.53 9.24 25.12
N ALA A 99 -11.95 9.76 26.20
CA ALA A 99 -11.31 11.06 26.11
C ALA A 99 -10.06 11.03 25.23
N THR A 100 -9.26 9.97 25.34
CA THR A 100 -8.06 9.83 24.52
C THR A 100 -8.43 9.64 23.05
N SER A 101 -9.52 8.91 22.80
CA SER A 101 -9.99 8.72 21.44
C SER A 101 -10.50 10.04 20.85
N ASP A 102 -11.24 10.83 21.64
CA ASP A 102 -11.64 12.16 21.20
C ASP A 102 -10.43 13.01 20.86
N ALA A 103 -9.41 12.97 21.70
CA ALA A 103 -8.25 13.84 21.49
C ALA A 103 -7.35 13.33 20.38
N GLY A 104 -7.69 12.22 19.74
CA GLY A 104 -6.96 11.79 18.56
C GLY A 104 -6.30 10.43 18.69
N GLY A 105 -6.61 9.70 19.74
CA GLY A 105 -6.14 8.34 19.90
C GLY A 105 -4.86 8.22 20.70
N GLY A 106 -4.40 6.99 20.84
CA GLY A 106 -3.21 6.74 21.63
C GLY A 106 -3.10 5.25 21.96
N ASP A 107 -2.59 4.97 23.15
CA ASP A 107 -2.43 3.60 23.62
C ASP A 107 -2.41 3.65 25.14
N LEU A 108 -3.41 3.07 25.77
CA LEU A 108 -3.56 3.10 27.22
C LEU A 108 -3.10 1.81 27.89
N GLY A 109 -2.45 0.91 27.17
CA GLY A 109 -2.03 -0.37 27.73
C GLY A 109 -0.75 -0.84 27.10
N HIS A 110 -0.64 -2.14 26.83
CA HIS A 110 0.57 -2.72 26.24
CA HIS A 110 0.56 -2.71 26.24
C HIS A 110 0.22 -3.20 24.84
N LEU A 111 0.75 -2.50 23.82
CA LEU A 111 0.54 -2.87 22.41
C LEU A 111 -0.94 -2.77 22.01
N ALA A 112 -1.59 -1.68 22.39
CA ALA A 112 -3.02 -1.52 22.13
C ALA A 112 -3.32 -0.14 21.53
N PRO A 113 -2.70 0.21 20.40
CA PRO A 113 -2.88 1.55 19.85
C PRO A 113 -4.19 1.72 19.09
N PHE A 114 -4.70 2.95 19.08
CA PHE A 114 -5.91 3.23 18.32
C PHE A 114 -5.89 4.68 17.87
N SER A 115 -6.62 4.97 16.79
CA SER A 115 -6.66 6.33 16.27
C SER A 115 -7.86 7.05 16.83
N LYS A 116 -8.06 8.30 16.37
CA LYS A 116 -9.25 9.06 16.70
C LYS A 116 -10.50 8.29 16.30
N GLY A 117 -11.50 8.26 17.19
CA GLY A 117 -12.72 7.52 16.97
C GLY A 117 -12.64 6.03 17.25
N GLY A 118 -11.51 5.53 17.77
CA GLY A 118 -11.39 4.12 18.07
C GLY A 118 -12.30 3.68 19.20
N TYR A 119 -12.67 4.61 20.07
CA TYR A 119 -13.60 4.29 21.17
C TYR A 119 -14.95 3.86 20.62
N GLU A 120 -15.54 4.65 19.71
CA GLU A 120 -16.82 4.29 19.12
C GLU A 120 -16.73 2.96 18.40
N ILE A 121 -15.63 2.73 17.67
CA ILE A 121 -15.50 1.49 16.91
C ILE A 121 -15.30 0.30 17.85
N ALA A 122 -14.54 0.48 18.94
CA ALA A 122 -14.44 -0.58 19.93
C ALA A 122 -15.78 -0.90 20.56
N MET A 123 -16.61 0.13 20.79
CA MET A 123 -17.93 -0.09 21.38
C MET A 123 -18.84 -0.83 20.40
N LEU A 124 -18.72 -0.48 19.10
CA LEU A 124 -19.42 -1.22 18.05
C LEU A 124 -18.98 -2.68 18.00
N SER A 125 -17.65 -2.91 17.93
CA SER A 125 -17.11 -4.27 17.85
C SER A 125 -17.66 -5.13 18.98
N CYS A 126 -17.63 -4.61 20.20
CA CYS A 126 -18.10 -5.36 21.35
C CYS A 126 -19.59 -5.68 21.24
N GLY A 127 -20.38 -4.74 20.71
CA GLY A 127 -21.81 -4.98 20.54
C GLY A 127 -22.12 -6.13 19.59
N LEU A 128 -21.18 -6.44 18.67
CA LEU A 128 -21.34 -7.60 17.81
C LEU A 128 -21.30 -8.89 18.61
N ALA A 129 -20.35 -9.01 19.55
CA ALA A 129 -20.28 -10.21 20.37
C ALA A 129 -21.44 -10.30 21.35
N ILE A 130 -21.83 -9.17 21.95
CA ILE A 130 -23.02 -9.15 22.81
C ILE A 130 -24.23 -9.70 22.05
N ALA A 131 -24.48 -9.15 20.85
CA ALA A 131 -25.69 -9.50 20.11
C ALA A 131 -25.66 -10.96 19.64
N ALA A 132 -24.51 -11.42 19.13
CA ALA A 132 -24.42 -12.81 18.68
C ALA A 132 -24.78 -13.77 19.80
N VAL A 133 -24.26 -13.53 21.00
CA VAL A 133 -24.61 -14.39 22.13
C VAL A 133 -26.08 -14.23 22.49
N ASP A 134 -26.59 -12.99 22.40
CA ASP A 134 -27.97 -12.75 22.78
C ASP A 134 -28.94 -13.48 21.86
N ASP A 135 -28.69 -13.47 20.55
CA ASP A 135 -29.65 -14.03 19.61
C ASP A 135 -29.65 -15.55 19.64
N VAL A 136 -28.53 -16.18 19.98
CA VAL A 136 -28.51 -17.65 20.08
C VAL A 136 -29.24 -18.10 21.33
N LEU A 137 -28.93 -17.48 22.47
CA LEU A 137 -29.62 -17.81 23.71
C LEU A 137 -31.12 -17.61 23.58
N SER A 138 -31.54 -16.60 22.81
CA SER A 138 -32.95 -16.31 22.66
C SER A 138 -33.58 -17.13 21.56
N GLY A 139 -32.79 -17.91 20.84
CA GLY A 139 -33.33 -18.83 19.86
C GLY A 139 -33.61 -18.23 18.50
N LYS A 140 -33.14 -17.00 18.26
CA LYS A 140 -33.35 -16.37 16.96
C LYS A 140 -32.49 -17.01 15.87
N VAL A 141 -31.28 -17.47 16.19
CA VAL A 141 -30.46 -18.29 15.31
C VAL A 141 -29.96 -19.48 16.11
N ASP A 142 -29.55 -20.55 15.40
CA ASP A 142 -28.98 -21.71 16.09
C ASP A 142 -27.54 -21.45 16.56
N ASN A 143 -26.75 -20.77 15.73
CA ASN A 143 -25.38 -20.45 16.09
C ASN A 143 -25.02 -19.13 15.42
N ALA A 144 -23.83 -18.61 15.74
CA ALA A 144 -23.48 -17.28 15.27
C ALA A 144 -21.98 -17.09 15.15
N TYR A 145 -21.60 -16.17 14.27
CA TYR A 145 -20.24 -15.68 14.09
C TYR A 145 -20.25 -14.16 14.20
N ALA A 146 -19.43 -13.60 15.09
CA ALA A 146 -19.27 -12.15 15.21
C ALA A 146 -17.88 -11.78 14.70
N LEU A 147 -17.84 -11.00 13.62
CA LEU A 147 -16.61 -10.52 13.02
C LEU A 147 -16.14 -9.28 13.78
N CYS A 148 -15.60 -9.51 14.97
CA CYS A 148 -15.20 -8.41 15.85
C CYS A 148 -13.89 -7.81 15.38
N ARG A 149 -13.81 -6.47 15.41
CA ARG A 149 -12.53 -5.79 15.25
C ARG A 149 -12.74 -4.39 15.83
N PRO A 150 -11.93 -3.94 16.81
CA PRO A 150 -10.79 -4.61 17.48
C PRO A 150 -11.19 -5.87 18.26
N ALA A 151 -10.20 -6.75 18.47
CA ALA A 151 -10.40 -8.03 19.13
C ALA A 151 -10.51 -7.81 20.64
N GLY A 152 -10.69 -8.90 21.40
CA GLY A 152 -10.97 -8.73 22.83
C GLY A 152 -10.19 -9.54 23.84
N HIS A 153 -9.64 -10.69 23.44
CA HIS A 153 -9.29 -11.70 24.45
C HIS A 153 -7.99 -11.41 25.20
N HIS A 154 -7.20 -10.41 24.84
CA HIS A 154 -6.07 -10.02 25.69
C HIS A 154 -6.40 -8.90 26.67
N CYS A 155 -7.59 -8.32 26.58
CA CYS A 155 -7.88 -7.10 27.33
C CYS A 155 -8.16 -7.42 28.79
N LEU A 156 -7.44 -6.77 29.69
CA LEU A 156 -7.70 -6.93 31.10
C LEU A 156 -8.80 -5.95 31.53
N ALA A 157 -9.33 -6.16 32.74
CA ALA A 157 -10.40 -5.29 33.24
C ALA A 157 -10.01 -3.81 33.14
N ASP A 158 -8.80 -3.48 33.54
CA ASP A 158 -8.36 -2.09 33.50
C ASP A 158 -7.19 -1.85 32.54
N THR A 159 -6.82 -2.84 31.71
CA THR A 159 -5.61 -2.71 30.88
C THR A 159 -5.78 -3.33 29.50
N PRO A 160 -5.94 -2.53 28.45
CA PRO A 160 -5.99 -3.12 27.10
C PRO A 160 -4.62 -3.65 26.72
N MET A 161 -4.61 -4.63 25.81
CA MET A 161 -3.38 -5.35 25.45
C MET A 161 -3.55 -6.00 24.09
N GLY A 162 -2.45 -6.11 23.35
CA GLY A 162 -2.41 -7.00 22.21
C GLY A 162 -3.53 -6.77 21.22
N PHE A 163 -3.71 -5.51 20.83
CA PHE A 163 -4.71 -5.04 19.87
C PHE A 163 -6.13 -5.13 20.38
N CYS A 164 -6.33 -5.35 21.68
CA CYS A 164 -7.66 -5.57 22.23
C CYS A 164 -7.98 -4.45 23.20
N LEU A 165 -9.04 -3.71 22.90
CA LEU A 165 -9.37 -2.48 23.62
C LEU A 165 -10.53 -2.65 24.61
N LEU A 166 -11.35 -3.68 24.42
CA LEU A 166 -12.42 -4.05 25.33
C LEU A 166 -12.47 -5.56 25.42
N ALA A 167 -12.99 -6.06 26.53
CA ALA A 167 -13.04 -7.51 26.74
C ALA A 167 -14.34 -8.04 26.15
N ASN A 168 -14.32 -8.24 24.82
CA ASN A 168 -15.55 -8.52 24.07
C ASN A 168 -16.31 -9.71 24.62
N ILE A 169 -15.66 -10.86 24.72
CA ILE A 169 -16.33 -12.08 25.16
C ILE A 169 -16.75 -11.95 26.62
N PRO A 170 -15.89 -11.54 27.57
CA PRO A 170 -16.40 -11.31 28.94
C PRO A 170 -17.60 -10.37 29.01
N ILE A 171 -17.57 -9.25 28.28
CA ILE A 171 -18.72 -8.35 28.28
C ILE A 171 -19.96 -9.08 27.79
N ALA A 172 -19.81 -9.83 26.69
CA ALA A 172 -20.93 -10.55 26.11
C ALA A 172 -21.48 -11.56 27.10
N ILE A 173 -20.59 -12.22 27.84
CA ILE A 173 -21.05 -13.20 28.83
C ILE A 173 -21.84 -12.48 29.93
N GLU A 174 -21.32 -11.35 30.41
CA GLU A 174 -21.97 -10.67 31.53
C GLU A 174 -23.31 -10.06 31.14
N ALA A 175 -23.45 -9.56 29.90
CA ALA A 175 -24.76 -9.18 29.41
C ALA A 175 -25.70 -10.37 29.40
N ALA A 176 -25.19 -11.54 28.95
CA ALA A 176 -26.02 -12.73 28.86
C ALA A 176 -26.47 -13.20 30.23
N LYS A 177 -25.61 -13.08 31.25
CA LYS A 177 -26.04 -13.47 32.60
C LYS A 177 -27.12 -12.52 33.11
N ALA A 178 -27.01 -11.23 32.78
CA ALA A 178 -27.98 -10.24 33.25
C ALA A 178 -29.31 -10.33 32.50
N ARG A 179 -29.27 -10.58 31.18
CA ARG A 179 -30.49 -10.62 30.40
C ARG A 179 -31.16 -12.00 30.39
N HIS A 180 -30.38 -13.09 30.55
CA HIS A 180 -30.92 -14.45 30.49
C HIS A 180 -30.61 -15.32 31.70
N GLY A 181 -29.70 -14.93 32.58
CA GLY A 181 -29.38 -15.73 33.73
C GLY A 181 -28.71 -17.06 33.41
N ILE A 182 -27.93 -17.11 32.34
CA ILE A 182 -27.26 -18.36 32.00
C ILE A 182 -26.26 -18.72 33.10
N SER A 183 -26.19 -20.02 33.43
CA SER A 183 -25.45 -20.54 34.58
C SER A 183 -24.00 -20.95 34.27
N ARG A 184 -23.75 -21.63 33.15
N ARG A 184 -23.76 -21.62 33.14
CA ARG A 184 -22.42 -22.15 32.85
CA ARG A 184 -22.46 -22.21 32.81
C ARG A 184 -22.07 -21.85 31.40
C ARG A 184 -22.08 -21.84 31.38
N VAL A 185 -20.93 -21.18 31.21
CA VAL A 185 -20.41 -20.81 29.89
C VAL A 185 -18.99 -21.33 29.76
N ALA A 186 -18.68 -22.02 28.66
CA ALA A 186 -17.31 -22.40 28.34
C ALA A 186 -16.82 -21.56 27.17
N VAL A 187 -15.59 -21.04 27.26
CA VAL A 187 -14.96 -20.32 26.17
C VAL A 187 -13.75 -21.13 25.71
N VAL A 188 -13.73 -21.49 24.43
CA VAL A 188 -12.64 -22.21 23.80
C VAL A 188 -11.89 -21.20 22.94
N ASP A 189 -10.67 -20.85 23.35
CA ASP A 189 -9.87 -19.83 22.70
C ASP A 189 -8.82 -20.53 21.82
N TRP A 190 -9.07 -20.60 20.51
CA TRP A 190 -8.07 -21.17 19.63
C TRP A 190 -7.32 -20.12 18.82
N ASP A 191 -7.50 -18.83 19.13
CA ASP A 191 -6.54 -17.83 18.67
C ASP A 191 -5.15 -18.28 19.12
N VAL A 192 -4.12 -18.00 18.32
CA VAL A 192 -2.83 -18.64 18.57
C VAL A 192 -2.11 -18.05 19.79
N HIS A 193 -2.61 -16.93 20.32
CA HIS A 193 -2.02 -16.30 21.49
C HIS A 193 -2.85 -16.58 22.74
N HIS A 194 -2.20 -16.60 23.90
CA HIS A 194 -2.91 -16.96 25.11
C HIS A 194 -4.01 -15.95 25.44
N GLY A 195 -5.21 -16.43 25.73
CA GLY A 195 -6.33 -15.57 26.08
C GLY A 195 -6.21 -15.06 27.51
N ASN A 196 -5.23 -14.20 27.75
CA ASN A 196 -4.95 -13.83 29.14
C ASN A 196 -6.05 -12.94 29.71
N GLY A 197 -6.75 -12.19 28.86
CA GLY A 197 -7.81 -11.34 29.35
C GLY A 197 -8.97 -12.15 29.94
N THR A 198 -9.49 -13.09 29.16
CA THR A 198 -10.53 -14.00 29.64
C THR A 198 -10.10 -14.73 30.90
N GLN A 199 -8.89 -15.30 30.86
CA GLN A 199 -8.36 -16.02 32.02
C GLN A 199 -8.38 -15.16 33.28
N SER A 200 -7.90 -13.93 33.19
CA SER A 200 -7.83 -13.08 34.37
C SER A 200 -9.22 -12.68 34.86
N ILE A 201 -10.12 -12.38 33.92
CA ILE A 201 -11.42 -11.84 34.34
C ILE A 201 -12.23 -12.90 35.09
N PHE A 202 -12.14 -14.17 34.70
CA PHE A 202 -12.94 -15.21 35.34
C PHE A 202 -12.12 -16.14 36.21
N TYR A 203 -10.90 -15.74 36.59
CA TYR A 203 -9.97 -16.67 37.21
C TYR A 203 -10.48 -17.26 38.52
N ASP A 204 -11.30 -16.53 39.28
CA ASP A 204 -11.75 -17.05 40.55
C ASP A 204 -13.22 -17.44 40.50
N ARG A 205 -13.75 -17.69 39.29
CA ARG A 205 -15.15 -18.03 39.06
C ARG A 205 -15.29 -19.39 38.40
N ALA A 206 -16.26 -20.18 38.89
CA ALA A 206 -16.52 -21.50 38.36
C ALA A 206 -17.64 -21.53 37.32
N ASP A 207 -18.34 -20.41 37.12
CA ASP A 207 -19.48 -20.40 36.18
C ASP A 207 -19.03 -20.23 34.74
N VAL A 208 -17.78 -19.82 34.51
CA VAL A 208 -17.20 -19.67 33.18
C VAL A 208 -15.92 -20.47 33.13
N LEU A 209 -15.90 -21.51 32.32
CA LEU A 209 -14.69 -22.30 32.12
C LEU A 209 -13.94 -21.69 30.94
N THR A 210 -12.69 -21.27 31.18
CA THR A 210 -11.90 -20.60 30.15
C THR A 210 -10.77 -21.53 29.71
N ILE A 211 -10.77 -21.88 28.43
CA ILE A 211 -9.76 -22.74 27.84
C ILE A 211 -9.00 -21.94 26.79
N SER A 212 -7.68 -22.09 26.80
CA SER A 212 -6.85 -21.40 25.83
C SER A 212 -5.83 -22.37 25.27
N ILE A 213 -5.88 -22.58 23.97
CA ILE A 213 -4.84 -23.26 23.21
C ILE A 213 -3.98 -22.17 22.59
N HIS A 214 -2.66 -22.28 22.74
CA HIS A 214 -1.84 -21.17 22.24
C HIS A 214 -0.40 -21.62 22.02
N GLN A 215 0.29 -20.89 21.15
CA GLN A 215 1.70 -21.17 20.95
C GLN A 215 2.44 -20.86 22.23
N ASP A 216 3.16 -21.86 22.74
CA ASP A 216 4.01 -21.70 23.91
C ASP A 216 4.83 -20.42 23.80
N ARG A 217 4.70 -19.57 24.82
CA ARG A 217 5.55 -18.40 25.05
C ARG A 217 5.31 -17.24 24.08
N CYS A 218 4.26 -17.25 23.28
CA CYS A 218 4.21 -16.29 22.18
C CYS A 218 3.67 -14.94 22.65
N PHE A 219 2.37 -14.85 22.93
CA PHE A 219 1.86 -13.62 23.50
C PHE A 219 0.79 -13.92 24.54
N PRO A 220 0.90 -13.41 25.78
CA PRO A 220 2.01 -12.59 26.33
C PRO A 220 3.34 -13.34 26.27
N PRO A 221 4.42 -12.62 25.91
CA PRO A 221 5.67 -13.31 25.59
C PRO A 221 6.23 -14.07 26.78
N GLY A 222 6.66 -15.30 26.52
CA GLY A 222 7.24 -16.13 27.56
C GLY A 222 6.26 -16.88 28.43
N TYR A 223 4.95 -16.73 28.20
CA TYR A 223 3.96 -17.38 29.04
C TYR A 223 3.56 -18.74 28.45
N SER A 224 3.51 -19.77 29.32
CA SER A 224 3.00 -21.09 28.97
C SER A 224 1.69 -21.35 29.70
N GLY A 225 1.71 -21.52 31.02
CA GLY A 225 0.52 -21.37 31.82
C GLY A 225 -0.26 -22.62 32.15
N ALA A 226 0.27 -23.82 31.84
CA ALA A 226 -0.47 -25.06 32.10
C ALA A 226 -0.81 -25.24 33.58
N GLU A 227 0.07 -24.80 34.47
N GLU A 227 0.07 -24.79 34.48
CA GLU A 227 -0.17 -24.92 35.90
CA GLU A 227 -0.18 -24.92 35.91
C GLU A 227 -1.17 -23.90 36.44
C GLU A 227 -1.16 -23.88 36.45
N ASP A 228 -1.59 -22.91 35.64
CA ASP A 228 -2.50 -21.87 36.11
C ASP A 228 -3.92 -22.35 35.87
N ARG A 229 -4.52 -22.96 36.90
CA ARG A 229 -5.76 -23.70 36.74
C ARG A 229 -6.97 -23.02 37.40
N GLY A 230 -6.82 -21.78 37.82
CA GLY A 230 -7.86 -21.09 38.56
C GLY A 230 -7.45 -20.89 40.02
N GLU A 231 -8.28 -20.13 40.73
CA GLU A 231 -8.03 -19.92 42.16
C GLU A 231 -9.37 -19.84 42.89
N GLY A 232 -9.37 -20.30 44.13
CA GLY A 232 -10.59 -20.23 44.93
C GLY A 232 -11.66 -21.10 44.31
N ALA A 233 -12.87 -20.54 44.18
CA ALA A 233 -13.97 -21.25 43.52
C ALA A 233 -13.68 -21.47 42.05
N GLY A 234 -12.75 -20.70 41.46
CA GLY A 234 -12.38 -20.93 40.07
C GLY A 234 -11.35 -22.00 39.85
N LEU A 235 -10.93 -22.69 40.91
CA LEU A 235 -9.85 -23.67 40.80
C LEU A 235 -10.30 -24.86 39.99
N GLY A 236 -9.64 -25.09 38.85
CA GLY A 236 -10.04 -26.13 37.93
C GLY A 236 -11.00 -25.68 36.86
N TYR A 237 -11.26 -24.37 36.76
CA TYR A 237 -12.13 -23.81 35.74
C TYR A 237 -11.38 -22.86 34.81
N ASN A 238 -10.06 -22.96 34.81
CA ASN A 238 -9.20 -22.39 33.79
C ASN A 238 -8.26 -23.49 33.29
N LEU A 239 -8.09 -23.57 31.96
CA LEU A 239 -7.35 -24.66 31.34
C LEU A 239 -6.47 -24.13 30.19
N ASN A 240 -5.16 -24.05 30.41
CA ASN A 240 -4.22 -23.63 29.38
C ASN A 240 -3.61 -24.83 28.67
N VAL A 241 -3.63 -24.78 27.36
CA VAL A 241 -3.04 -25.81 26.53
C VAL A 241 -1.98 -25.17 25.64
N PRO A 242 -0.77 -24.94 26.15
CA PRO A 242 0.30 -24.43 25.29
C PRO A 242 0.81 -25.54 24.39
N LEU A 243 1.18 -25.16 23.16
CA LEU A 243 1.66 -26.07 22.14
C LEU A 243 2.97 -25.51 21.57
N PRO A 244 3.93 -26.37 21.25
CA PRO A 244 5.22 -25.87 20.75
C PRO A 244 5.05 -25.14 19.43
N ALA A 245 5.89 -24.12 19.21
CA ALA A 245 5.97 -23.51 17.88
C ALA A 245 6.19 -24.58 16.82
N GLY A 246 5.57 -24.40 15.68
CA GLY A 246 5.69 -25.36 14.58
C GLY A 246 4.74 -26.54 14.63
N ALA A 247 3.78 -26.57 15.56
CA ALA A 247 2.78 -27.62 15.52
C ALA A 247 1.69 -27.26 14.51
N GLY A 248 0.99 -28.29 14.02
CA GLY A 248 0.00 -28.07 12.99
C GLY A 248 -1.31 -28.85 13.16
N HIS A 249 -1.84 -29.34 12.03
CA HIS A 249 -3.19 -29.87 11.97
C HIS A 249 -3.40 -31.01 12.97
N ASP A 250 -2.57 -32.07 12.88
CA ASP A 250 -2.72 -33.26 13.71
C ASP A 250 -2.46 -32.97 15.19
N ALA A 251 -1.53 -32.06 15.49
CA ALA A 251 -1.29 -31.67 16.88
C ALA A 251 -2.52 -31.02 17.50
N TYR A 252 -3.11 -30.04 16.80
CA TYR A 252 -4.32 -29.39 17.28
C TYR A 252 -5.48 -30.39 17.40
N VAL A 253 -5.58 -31.33 16.46
CA VAL A 253 -6.68 -32.29 16.53
C VAL A 253 -6.56 -33.13 17.79
N GLN A 254 -5.34 -33.57 18.11
CA GLN A 254 -5.15 -34.36 19.33
C GLN A 254 -5.40 -33.54 20.58
N ALA A 255 -4.97 -32.27 20.58
CA ALA A 255 -5.24 -31.40 21.73
C ALA A 255 -6.74 -31.25 21.94
N PHE A 256 -7.51 -31.16 20.85
CA PHE A 256 -8.95 -31.03 21.01
C PHE A 256 -9.56 -32.36 21.45
N ASP A 257 -9.13 -33.47 20.84
CA ASP A 257 -9.69 -34.80 21.17
C ASP A 257 -9.36 -35.20 22.61
N ASP A 258 -8.12 -34.99 23.04
CA ASP A 258 -7.66 -35.49 24.32
C ASP A 258 -7.79 -34.50 25.47
N ILE A 259 -7.96 -33.20 25.19
CA ILE A 259 -8.02 -32.19 26.25
C ILE A 259 -9.28 -31.33 26.17
N VAL A 260 -9.45 -30.61 25.06
CA VAL A 260 -10.47 -29.56 25.02
C VAL A 260 -11.86 -30.18 25.16
N VAL A 261 -12.17 -31.12 24.29
CA VAL A 261 -13.51 -31.71 24.29
C VAL A 261 -13.78 -32.48 25.58
N PRO A 262 -12.84 -33.28 26.13
CA PRO A 262 -13.16 -33.89 27.44
C PRO A 262 -13.47 -32.86 28.50
N ALA A 263 -12.80 -31.71 28.48
CA ALA A 263 -13.06 -30.68 29.47
C ALA A 263 -14.44 -30.07 29.28
N LEU A 264 -14.88 -29.91 28.03
CA LEU A 264 -16.24 -29.45 27.79
C LEU A 264 -17.26 -30.47 28.29
N ASP A 265 -16.98 -31.76 28.07
CA ASP A 265 -17.88 -32.80 28.56
C ASP A 265 -18.04 -32.74 30.08
N ASP A 266 -16.92 -32.64 30.81
CA ASP A 266 -16.96 -32.64 32.27
C ASP A 266 -17.67 -31.42 32.82
N PHE A 267 -17.56 -30.29 32.12
CA PHE A 267 -18.03 -29.01 32.62
C PHE A 267 -19.53 -28.82 32.40
N LYS A 268 -20.10 -29.43 31.36
CA LYS A 268 -21.50 -29.22 30.99
C LYS A 268 -21.83 -27.73 30.87
N PRO A 269 -21.33 -27.04 29.85
CA PRO A 269 -21.76 -25.66 29.64
C PRO A 269 -23.19 -25.59 29.11
N ASP A 270 -23.83 -24.45 29.36
CA ASP A 270 -25.09 -24.16 28.70
C ASP A 270 -24.90 -23.34 27.44
N LEU A 271 -23.67 -22.91 27.16
CA LEU A 271 -23.33 -22.15 25.98
C LEU A 271 -21.85 -22.35 25.71
N ILE A 272 -21.48 -22.59 24.46
CA ILE A 272 -20.08 -22.62 24.05
C ILE A 272 -19.80 -21.38 23.22
N ILE A 273 -18.77 -20.63 23.60
CA ILE A 273 -18.24 -19.53 22.80
C ILE A 273 -16.80 -19.88 22.46
N VAL A 274 -16.44 -19.75 21.19
CA VAL A 274 -15.05 -19.91 20.79
C VAL A 274 -14.49 -18.53 20.46
N ALA A 275 -13.34 -18.21 21.02
CA ALA A 275 -12.59 -17.02 20.64
C ALA A 275 -11.72 -17.45 19.46
N SER A 276 -12.16 -17.16 18.24
CA SER A 276 -11.57 -17.69 17.03
C SER A 276 -10.69 -16.61 16.41
N GLY A 277 -9.44 -16.56 16.82
CA GLY A 277 -8.42 -15.94 16.01
C GLY A 277 -7.99 -16.93 14.94
N LEU A 278 -7.64 -16.41 13.76
CA LEU A 278 -7.20 -17.28 12.68
C LEU A 278 -5.69 -17.22 12.49
N ASP A 279 -4.97 -16.76 13.51
CA ASP A 279 -3.54 -16.49 13.38
C ASP A 279 -2.66 -17.72 13.61
N ALA A 280 -3.24 -18.90 13.87
CA ALA A 280 -2.44 -20.13 13.82
C ALA A 280 -2.25 -20.66 12.41
N ASN A 281 -2.80 -19.98 11.40
CA ASN A 281 -2.63 -20.43 10.02
C ASN A 281 -1.15 -20.43 9.61
N SER A 282 -0.85 -21.22 8.58
CA SER A 282 0.54 -21.56 8.21
C SER A 282 1.38 -20.40 7.68
N VAL A 283 0.80 -19.23 7.35
CA VAL A 283 1.62 -18.13 6.87
C VAL A 283 1.37 -16.86 7.67
N ASP A 284 0.84 -17.00 8.90
CA ASP A 284 0.64 -15.79 9.69
C ASP A 284 1.98 -15.22 10.15
N PRO A 285 2.17 -13.89 10.11
CA PRO A 285 3.42 -13.33 10.60
C PRO A 285 3.54 -13.33 12.10
N LEU A 286 2.43 -13.37 12.86
CA LEU A 286 2.48 -13.18 14.30
C LEU A 286 2.43 -14.49 15.08
N ALA A 287 2.62 -15.61 14.41
CA ALA A 287 2.88 -16.86 15.12
C ALA A 287 3.62 -17.81 14.18
N ARG A 288 3.94 -18.99 14.71
CA ARG A 288 4.79 -19.98 14.04
C ARG A 288 4.07 -21.31 13.86
N MET A 289 2.74 -21.32 13.78
CA MET A 289 1.98 -22.57 13.74
C MET A 289 1.57 -22.95 12.31
N LEU A 290 1.15 -24.22 12.16
CA LEU A 290 0.95 -24.75 10.81
C LEU A 290 -0.48 -25.23 10.51
N LEU A 291 -1.49 -24.43 10.84
CA LEU A 291 -2.86 -24.81 10.55
C LEU A 291 -3.25 -24.35 9.16
N HIS A 292 -4.24 -25.03 8.58
CA HIS A 292 -4.70 -24.66 7.25
C HIS A 292 -6.21 -24.60 7.27
N SER A 293 -6.80 -24.22 6.12
CA SER A 293 -8.22 -23.89 6.13
C SER A 293 -9.07 -25.06 6.63
N GLU A 294 -8.73 -26.28 6.22
CA GLU A 294 -9.52 -27.42 6.69
C GLU A 294 -9.28 -27.72 8.17
N SER A 295 -8.17 -27.26 8.75
CA SER A 295 -8.01 -27.37 10.20
C SER A 295 -9.11 -26.64 10.92
N TYR A 296 -9.47 -25.45 10.42
CA TYR A 296 -10.51 -24.65 11.06
C TYR A 296 -11.91 -25.24 10.85
N ARG A 297 -12.17 -25.79 9.65
CA ARG A 297 -13.43 -26.50 9.42
C ARG A 297 -13.61 -27.65 10.40
N LEU A 298 -12.56 -28.44 10.62
CA LEU A 298 -12.67 -29.63 11.46
C LEU A 298 -12.76 -29.26 12.94
N LEU A 299 -12.01 -28.25 13.38
CA LEU A 299 -12.14 -27.78 14.77
C LEU A 299 -13.51 -27.14 15.01
N THR A 300 -14.09 -26.47 14.00
CA THR A 300 -15.44 -25.97 14.16
C THR A 300 -16.46 -27.10 14.26
N GLN A 301 -16.25 -28.19 13.49
CA GLN A 301 -17.13 -29.35 13.61
C GLN A 301 -17.05 -29.99 14.99
N LYS A 302 -15.87 -30.06 15.59
CA LYS A 302 -15.78 -30.54 16.97
C LYS A 302 -16.59 -29.64 17.92
N MET A 303 -16.50 -28.30 17.76
CA MET A 303 -17.28 -27.43 18.62
C MET A 303 -18.77 -27.56 18.36
N LEU A 304 -19.15 -27.75 17.09
CA LEU A 304 -20.55 -27.93 16.74
C LEU A 304 -21.10 -29.21 17.38
N ASP A 305 -20.37 -30.31 17.28
CA ASP A 305 -20.85 -31.56 17.86
C ASP A 305 -20.91 -31.47 19.38
N ALA A 306 -19.92 -30.83 20.00
CA ALA A 306 -19.99 -30.60 21.45
C ALA A 306 -21.23 -29.83 21.82
N ALA A 307 -21.53 -28.74 21.09
CA ALA A 307 -22.67 -27.89 21.42
C ALA A 307 -23.97 -28.64 21.23
N ALA A 308 -24.08 -29.41 20.15
CA ALA A 308 -25.25 -30.25 19.93
C ALA A 308 -25.47 -31.19 21.11
N ARG A 309 -24.37 -31.76 21.62
CA ARG A 309 -24.43 -32.75 22.67
C ARG A 309 -24.62 -32.14 24.06
N LEU A 310 -24.18 -30.90 24.29
CA LEU A 310 -24.11 -30.38 25.65
C LEU A 310 -25.08 -29.24 25.94
N CYS A 311 -25.43 -28.44 24.95
CA CYS A 311 -26.21 -27.22 25.21
C CYS A 311 -27.12 -26.91 24.03
N GLY A 312 -27.79 -27.91 23.50
CA GLY A 312 -28.77 -27.71 22.46
C GLY A 312 -28.26 -26.99 21.23
N GLY A 313 -26.97 -27.15 20.90
CA GLY A 313 -26.40 -26.58 19.70
C GLY A 313 -26.08 -25.11 19.78
N LYS A 314 -26.02 -24.55 20.99
CA LYS A 314 -25.81 -23.11 21.16
C LYS A 314 -24.32 -22.85 21.14
N LEU A 315 -23.84 -22.32 20.00
CA LEU A 315 -22.43 -22.06 19.75
C LEU A 315 -22.28 -20.67 19.16
N VAL A 316 -21.38 -19.88 19.73
CA VAL A 316 -21.06 -18.55 19.22
C VAL A 316 -19.58 -18.54 18.90
N VAL A 317 -19.23 -18.05 17.71
CA VAL A 317 -17.84 -17.90 17.29
C VAL A 317 -17.56 -16.41 17.20
N VAL A 318 -16.51 -15.96 17.87
CA VAL A 318 -16.17 -14.55 17.90
C VAL A 318 -14.77 -14.36 17.32
N HIS A 319 -14.67 -13.48 16.32
CA HIS A 319 -13.40 -13.24 15.68
C HIS A 319 -12.42 -12.53 16.63
N GLU A 320 -11.19 -13.04 16.72
CA GLU A 320 -10.13 -12.35 17.46
C GLU A 320 -9.04 -11.88 16.50
N GLY A 321 -7.83 -12.46 16.54
CA GLY A 321 -6.74 -12.08 15.65
C GLY A 321 -6.70 -12.89 14.36
N GLY A 322 -5.57 -12.76 13.66
CA GLY A 322 -5.43 -13.28 12.32
C GLY A 322 -4.86 -12.19 11.43
N TYR A 323 -3.65 -12.40 10.89
CA TYR A 323 -2.88 -11.28 10.34
C TYR A 323 -2.38 -11.49 8.92
N ALA A 324 -2.45 -12.72 8.41
CA ALA A 324 -2.10 -13.08 7.03
C ALA A 324 -3.28 -12.79 6.11
N GLU A 325 -3.22 -11.62 5.45
CA GLU A 325 -4.34 -11.08 4.69
C GLU A 325 -4.75 -12.01 3.55
N ALA A 326 -3.79 -12.67 2.92
CA ALA A 326 -4.05 -13.51 1.77
C ALA A 326 -4.68 -14.85 2.16
N TYR A 327 -4.42 -15.34 3.38
CA TYR A 327 -4.82 -16.70 3.72
C TYR A 327 -5.94 -16.79 4.77
N VAL A 328 -6.02 -15.80 5.66
CA VAL A 328 -7.10 -15.74 6.64
C VAL A 328 -8.49 -15.90 6.00
N PRO A 329 -8.77 -15.33 4.82
CA PRO A 329 -10.11 -15.56 4.22
C PRO A 329 -10.47 -17.03 4.02
N PHE A 330 -9.53 -17.88 3.56
CA PHE A 330 -9.86 -19.28 3.31
C PHE A 330 -10.04 -20.04 4.63
N CYS A 331 -9.27 -19.68 5.66
CA CYS A 331 -9.44 -20.29 6.96
C CYS A 331 -10.81 -19.97 7.56
N GLY A 332 -11.18 -18.68 7.59
CA GLY A 332 -12.46 -18.29 8.14
C GLY A 332 -13.63 -18.75 7.30
N HIS A 333 -13.46 -18.84 5.99
CA HIS A 333 -14.56 -19.25 5.13
C HIS A 333 -14.93 -20.70 5.36
N ALA A 334 -13.94 -21.57 5.50
CA ALA A 334 -14.26 -22.98 5.76
C ALA A 334 -14.91 -23.14 7.13
N LEU A 335 -14.45 -22.37 8.12
CA LEU A 335 -15.12 -22.34 9.42
C LEU A 335 -16.59 -21.95 9.26
N LEU A 336 -16.86 -20.90 8.47
CA LEU A 336 -18.24 -20.46 8.30
C LEU A 336 -19.06 -21.49 7.56
N GLU A 337 -18.43 -22.18 6.61
CA GLU A 337 -19.08 -23.29 5.91
C GLU A 337 -19.56 -24.35 6.90
N ALA A 338 -18.70 -24.77 7.83
CA ALA A 338 -19.12 -25.77 8.81
C ALA A 338 -20.18 -25.18 9.74
N LEU A 339 -19.92 -23.98 10.26
CA LEU A 339 -20.86 -23.33 11.16
C LEU A 339 -22.27 -23.34 10.59
N SER A 340 -22.41 -22.99 9.30
CA SER A 340 -23.71 -22.89 8.64
C SER A 340 -24.16 -24.17 7.93
N GLY A 341 -23.30 -25.18 7.80
CA GLY A 341 -23.66 -26.35 7.00
C GLY A 341 -23.91 -26.06 5.54
N GLU A 342 -23.24 -25.06 4.98
CA GLU A 342 -23.45 -24.62 3.61
C GLU A 342 -22.26 -24.99 2.73
N ARG A 343 -22.54 -25.42 1.49
CA ARG A 343 -21.51 -25.71 0.50
C ARG A 343 -21.35 -24.55 -0.47
N THR A 344 -20.11 -24.19 -0.79
CA THR A 344 -19.82 -23.25 -1.87
C THR A 344 -18.78 -23.88 -2.79
N ALA A 345 -18.43 -23.16 -3.86
CA ALA A 345 -17.39 -23.63 -4.78
C ALA A 345 -16.00 -23.14 -4.40
N VAL A 346 -15.87 -22.41 -3.29
CA VAL A 346 -14.56 -21.93 -2.87
C VAL A 346 -13.59 -23.10 -2.75
N VAL A 347 -12.40 -22.94 -3.32
CA VAL A 347 -11.31 -23.88 -3.14
C VAL A 347 -10.12 -23.08 -2.60
N ASP A 348 -9.48 -23.62 -1.56
CA ASP A 348 -8.28 -23.05 -0.99
C ASP A 348 -7.11 -23.38 -1.91
N PRO A 349 -6.54 -22.39 -2.61
CA PRO A 349 -5.45 -22.68 -3.55
C PRO A 349 -4.12 -22.98 -2.87
N VAL A 350 -4.05 -22.90 -1.54
CA VAL A 350 -2.84 -23.21 -0.78
C VAL A 350 -2.88 -24.58 -0.14
N LEU A 351 -4.05 -25.23 -0.13
CA LEU A 351 -4.27 -26.38 0.76
C LEU A 351 -3.24 -27.49 0.51
N GLU A 352 -3.03 -27.87 -0.75
CA GLU A 352 -2.12 -28.99 -1.01
C GLU A 352 -0.74 -28.72 -0.43
N MET A 353 -0.24 -27.49 -0.64
CA MET A 353 1.07 -27.08 -0.14
C MET A 353 1.10 -27.05 1.38
N ALA A 354 0.09 -26.45 1.99
CA ALA A 354 -0.02 -26.45 3.45
C ALA A 354 -0.08 -27.87 3.99
N GLU A 355 -0.71 -28.80 3.28
CA GLU A 355 -0.67 -30.19 3.71
C GLU A 355 0.74 -30.77 3.60
N ALA A 356 1.46 -30.47 2.52
CA ALA A 356 2.83 -30.96 2.38
C ALA A 356 3.76 -30.40 3.46
N TRP A 357 3.51 -29.17 3.91
CA TRP A 357 4.32 -28.51 4.94
C TRP A 357 4.18 -29.14 6.32
N GLN A 358 3.16 -29.98 6.54
CA GLN A 358 2.85 -30.45 7.87
C GLN A 358 4.04 -31.20 8.47
N PRO A 359 4.21 -31.14 9.80
CA PRO A 359 5.33 -31.84 10.44
C PRO A 359 5.36 -33.32 10.09
N GLY A 360 6.56 -33.83 9.80
CA GLY A 360 6.75 -35.24 9.50
C GLY A 360 6.67 -36.12 10.74
N PRO A 361 7.05 -37.39 10.58
CA PRO A 361 6.78 -38.36 11.65
C PRO A 361 7.51 -38.09 12.95
N GLU A 362 8.79 -37.70 12.88
CA GLU A 362 9.54 -37.50 14.13
C GLU A 362 8.98 -36.32 14.91
N ALA A 363 8.68 -35.21 14.23
CA ALA A 363 8.05 -34.09 14.91
C ALA A 363 6.68 -34.48 15.44
N ALA A 364 5.94 -35.31 14.70
CA ALA A 364 4.59 -35.66 15.13
C ALA A 364 4.60 -36.48 16.41
N ALA A 365 5.56 -37.42 16.54
CA ALA A 365 5.73 -38.14 17.80
C ALA A 365 6.05 -37.17 18.93
N PHE A 366 6.83 -36.13 18.64
CA PHE A 366 7.14 -35.13 19.63
C PHE A 366 5.89 -34.38 20.06
N HIS A 367 5.08 -33.92 19.09
CA HIS A 367 3.84 -33.21 19.42
C HIS A 367 2.90 -34.09 20.22
N ARG A 368 2.80 -35.38 19.85
CA ARG A 368 1.96 -36.32 20.60
C ARG A 368 2.49 -36.55 22.01
N GLN A 369 3.82 -36.62 22.16
CA GLN A 369 4.36 -36.73 23.51
C GLN A 369 4.09 -35.47 24.34
N TRP A 370 4.25 -34.29 23.73
CA TRP A 370 3.97 -33.04 24.43
C TRP A 370 2.54 -33.01 24.96
N ILE A 371 1.56 -33.29 24.09
CA ILE A 371 0.15 -33.27 24.46
C ILE A 371 -0.17 -34.37 25.49
N ASP A 372 0.40 -35.57 25.32
CA ASP A 372 0.22 -36.63 26.31
C ASP A 372 0.65 -36.17 27.69
N ARG A 373 1.72 -35.39 27.75
CA ARG A 373 2.20 -34.87 29.03
C ARG A 373 1.19 -33.90 29.64
N LEU A 374 0.62 -33.01 28.83
CA LEU A 374 -0.40 -32.10 29.33
C LEU A 374 -1.56 -32.89 29.93
N VAL A 375 -2.00 -33.93 29.21
CA VAL A 375 -3.05 -34.84 29.69
C VAL A 375 -2.68 -35.42 31.04
N ALA A 376 -1.49 -36.02 31.12
CA ALA A 376 -1.00 -36.59 32.38
C ALA A 376 -0.96 -35.54 33.49
N ASP A 377 -0.45 -34.35 33.21
CA ASP A 377 -0.31 -33.33 34.25
C ASP A 377 -1.66 -32.89 34.77
N LEU A 378 -2.71 -32.99 33.96
CA LEU A 378 -4.02 -32.63 34.46
C LEU A 378 -4.53 -33.62 35.51
N GLY A 379 -3.85 -34.75 35.72
CA GLY A 379 -4.06 -35.57 36.90
C GLY A 379 -5.18 -36.58 36.79
N ARG B 14 -38.18 5.25 -3.43
CA ARG B 14 -37.50 3.98 -3.54
C ARG B 14 -36.32 4.09 -4.53
N THR B 15 -35.11 4.02 -3.99
CA THR B 15 -33.90 4.05 -4.77
C THR B 15 -33.24 2.68 -4.70
N GLY B 16 -32.98 2.09 -5.87
CA GLY B 16 -32.26 0.84 -5.94
C GLY B 16 -30.76 1.08 -6.09
N PHE B 17 -29.97 0.24 -5.42
CA PHE B 17 -28.52 0.34 -5.43
C PHE B 17 -27.96 -0.99 -5.88
N TYR B 18 -27.32 -0.99 -7.07
CA TYR B 18 -26.87 -2.20 -7.75
C TYR B 18 -25.35 -2.33 -7.59
N THR B 19 -24.93 -3.35 -6.83
CA THR B 19 -23.52 -3.54 -6.53
C THR B 19 -23.25 -5.02 -6.31
N ASP B 20 -22.00 -5.43 -6.51
CA ASP B 20 -21.59 -6.77 -6.20
C ASP B 20 -20.12 -6.78 -5.81
N GLU B 21 -19.81 -7.51 -4.74
CA GLU B 21 -18.45 -7.54 -4.18
C GLU B 21 -17.38 -7.76 -5.24
N ARG B 22 -17.69 -8.52 -6.30
CA ARG B 22 -16.63 -8.95 -7.19
C ARG B 22 -16.21 -7.88 -8.19
N THR B 23 -17.05 -6.83 -8.39
CA THR B 23 -16.59 -5.65 -9.11
C THR B 23 -15.37 -5.04 -8.45
N PHE B 24 -15.18 -5.26 -7.15
CA PHE B 24 -13.97 -4.77 -6.50
C PHE B 24 -12.79 -5.73 -6.67
N TRP B 25 -13.01 -6.88 -7.26
CA TRP B 25 -11.93 -7.83 -7.50
C TRP B 25 -11.26 -7.63 -8.85
N HIS B 26 -11.88 -6.88 -9.76
CA HIS B 26 -11.23 -6.54 -11.02
C HIS B 26 -9.91 -5.84 -10.72
N ALA B 27 -8.87 -6.16 -11.49
CA ALA B 27 -7.56 -5.59 -11.18
C ALA B 27 -6.85 -5.27 -12.48
N THR B 28 -6.39 -4.03 -12.61
CA THR B 28 -5.80 -3.59 -13.87
C THR B 28 -4.35 -4.04 -14.02
N GLY B 29 -3.72 -4.50 -12.95
CA GLY B 29 -2.36 -5.00 -13.03
C GLY B 29 -1.38 -4.03 -12.42
N MET B 30 -0.10 -4.31 -12.61
CA MET B 30 0.97 -3.58 -11.91
C MET B 30 1.35 -2.34 -12.72
N GLN B 31 0.57 -1.27 -12.56
CA GLN B 31 0.89 0.05 -13.10
C GLN B 31 1.15 1.03 -11.95
N ALA B 32 2.05 1.97 -12.18
CA ALA B 32 2.13 3.17 -11.35
C ALA B 32 1.10 4.14 -11.91
N LEU B 33 0.05 4.42 -11.13
CA LEU B 33 -1.12 5.15 -11.63
C LEU B 33 -1.59 4.45 -12.89
N PHE B 34 -1.65 5.16 -14.02
CA PHE B 34 -2.03 4.54 -15.28
C PHE B 34 -0.82 4.25 -16.18
N LEU B 35 0.39 4.20 -15.60
CA LEU B 35 1.61 3.98 -16.37
C LEU B 35 2.03 2.52 -16.30
N PRO B 36 1.98 1.77 -17.40
CA PRO B 36 2.41 0.37 -17.34
C PRO B 36 3.87 0.29 -16.95
N VAL B 37 4.16 -0.61 -16.02
CA VAL B 37 5.47 -0.74 -15.40
C VAL B 37 6.49 -1.22 -16.44
N GLY B 38 7.77 -1.19 -16.08
CA GLY B 38 8.84 -1.49 -17.01
C GLY B 38 9.39 -0.24 -17.64
N ASP B 39 10.52 -0.42 -18.32
CA ASP B 39 11.34 0.69 -18.79
C ASP B 39 11.56 1.70 -17.66
N TRP B 40 11.13 2.95 -17.83
CA TRP B 40 11.50 3.96 -16.85
C TRP B 40 10.47 4.11 -15.73
N VAL B 41 9.44 3.28 -15.67
CA VAL B 41 8.39 3.40 -14.66
C VAL B 41 8.68 2.40 -13.55
N GLN B 42 9.03 2.93 -12.37
CA GLN B 42 9.28 2.08 -11.21
C GLN B 42 7.96 1.52 -10.67
N PRO B 43 7.94 0.26 -10.24
CA PRO B 43 6.69 -0.32 -9.73
C PRO B 43 6.24 0.38 -8.46
N PRO B 44 4.93 0.53 -8.25
CA PRO B 44 4.44 1.24 -7.06
C PRO B 44 4.67 0.40 -5.82
N ASN B 45 5.10 1.05 -4.73
CA ASN B 45 5.20 0.37 -3.45
C ASN B 45 3.87 0.25 -2.73
N GLY B 46 2.89 1.06 -3.10
CA GLY B 46 1.56 0.98 -2.51
C GLY B 46 0.59 0.26 -3.40
N THR B 47 -0.65 0.76 -3.42
CA THR B 47 -1.69 0.21 -4.28
C THR B 47 -1.37 0.45 -5.76
N ALA B 48 -1.43 -0.62 -6.55
CA ALA B 48 -1.16 -0.54 -7.96
C ALA B 48 -2.35 0.05 -8.72
N GLY B 49 -2.04 0.72 -9.85
CA GLY B 49 -3.06 1.20 -10.78
C GLY B 49 -3.62 2.58 -10.46
N ALA B 50 -4.62 2.96 -11.26
CA ALA B 50 -5.40 4.18 -11.07
C ALA B 50 -6.87 3.89 -10.84
N ASP B 51 -7.48 3.04 -11.66
CA ASP B 51 -8.76 2.44 -11.34
C ASP B 51 -8.52 1.35 -10.30
N THR B 52 -8.36 1.81 -9.00
CA THR B 52 -8.13 0.88 -7.92
C THR B 52 -9.46 0.39 -7.34
N PRO B 53 -9.49 -0.81 -6.76
CA PRO B 53 -10.71 -1.25 -6.06
C PRO B 53 -11.23 -0.23 -5.07
N ASP B 54 -10.35 0.41 -4.29
CA ASP B 54 -10.80 1.31 -3.23
C ASP B 54 -11.32 2.64 -3.75
N SER B 55 -10.84 3.08 -4.91
CA SER B 55 -11.42 4.29 -5.51
C SER B 55 -12.90 4.13 -5.84
N LYS B 56 -13.44 2.91 -5.89
CA LYS B 56 -14.90 2.71 -5.95
C LYS B 56 -15.48 2.12 -4.67
N ARG B 57 -14.75 1.21 -4.00
CA ARG B 57 -15.31 0.59 -2.81
C ARG B 57 -15.55 1.60 -1.71
N ARG B 58 -14.70 2.62 -1.62
CA ARG B 58 -14.80 3.56 -0.51
C ARG B 58 -16.10 4.35 -0.52
N LEU B 59 -16.74 4.49 -1.68
CA LEU B 59 -18.05 5.15 -1.72
C LEU B 59 -19.09 4.28 -1.05
N LEU B 60 -19.08 2.99 -1.36
CA LEU B 60 -19.99 2.05 -0.68
C LEU B 60 -19.71 2.01 0.81
N ASN B 61 -18.43 2.05 1.21
CA ASN B 61 -18.11 1.98 2.64
C ASN B 61 -18.73 3.14 3.40
N LEU B 62 -18.75 4.34 2.78
CA LEU B 62 -19.28 5.51 3.46
C LEU B 62 -20.80 5.49 3.51
N ALA B 63 -21.43 5.02 2.44
CA ALA B 63 -22.88 4.79 2.44
C ALA B 63 -23.28 3.79 3.54
N HIS B 64 -22.46 2.79 3.81
CA HIS B 64 -22.70 1.94 4.97
C HIS B 64 -22.47 2.72 6.26
N ALA B 65 -21.30 3.36 6.38
CA ALA B 65 -20.96 4.01 7.64
C ALA B 65 -21.99 5.06 8.02
N SER B 66 -22.64 5.69 7.04
CA SER B 66 -23.61 6.72 7.37
C SER B 66 -24.99 6.17 7.64
N GLY B 67 -25.24 4.90 7.37
CA GLY B 67 -26.59 4.37 7.46
C GLY B 67 -27.43 4.61 6.22
N LEU B 68 -26.87 5.26 5.20
CA LEU B 68 -27.64 5.54 3.99
C LEU B 68 -28.04 4.26 3.27
N ILE B 69 -27.12 3.29 3.15
CA ILE B 69 -27.39 2.10 2.34
C ILE B 69 -28.59 1.32 2.87
N ARG B 70 -28.91 1.47 4.15
CA ARG B 70 -30.05 0.79 4.72
C ARG B 70 -31.38 1.37 4.29
N LYS B 71 -31.40 2.53 3.64
CA LYS B 71 -32.63 3.12 3.15
C LYS B 71 -32.84 2.85 1.68
N LEU B 72 -31.93 2.12 1.05
CA LEU B 72 -31.99 1.78 -0.35
C LEU B 72 -32.30 0.28 -0.49
N THR B 73 -32.74 -0.10 -1.68
CA THR B 73 -32.99 -1.50 -2.03
C THR B 73 -31.78 -2.04 -2.78
N LEU B 74 -31.23 -3.17 -2.33
CA LEU B 74 -30.03 -3.75 -2.93
C LEU B 74 -30.33 -5.11 -3.53
N PRO B 75 -30.79 -5.18 -4.77
CA PRO B 75 -31.08 -6.49 -5.38
C PRO B 75 -29.81 -7.24 -5.67
N GLU B 76 -29.92 -8.56 -5.73
CA GLU B 76 -28.75 -9.37 -6.06
C GLU B 76 -28.39 -9.19 -7.53
N ALA B 77 -27.09 -9.05 -7.81
CA ALA B 77 -26.62 -8.85 -9.16
C ALA B 77 -26.86 -10.09 -10.02
N ILE B 78 -27.14 -9.86 -11.30
CA ILE B 78 -27.27 -10.90 -12.31
C ILE B 78 -26.46 -10.45 -13.52
N PRO B 79 -25.38 -11.16 -13.87
CA PRO B 79 -24.51 -10.68 -14.96
C PRO B 79 -25.26 -10.54 -16.27
N ALA B 80 -24.76 -9.65 -17.13
CA ALA B 80 -25.16 -9.65 -18.53
C ALA B 80 -24.91 -11.02 -19.17
N THR B 81 -25.78 -11.41 -20.09
CA THR B 81 -25.57 -12.62 -20.85
C THR B 81 -24.73 -12.32 -22.09
N VAL B 82 -24.30 -13.38 -22.76
CA VAL B 82 -23.65 -13.21 -24.05
C VAL B 82 -24.60 -12.53 -25.03
N GLU B 83 -25.88 -12.92 -25.00
CA GLU B 83 -26.86 -12.25 -25.85
C GLU B 83 -26.95 -10.76 -25.53
N ASP B 84 -26.97 -10.40 -24.25
CA ASP B 84 -27.00 -8.99 -23.88
C ASP B 84 -25.87 -8.21 -24.54
N VAL B 85 -24.64 -8.64 -24.32
CA VAL B 85 -23.50 -7.87 -24.79
C VAL B 85 -23.36 -7.93 -26.29
N CYS B 86 -23.89 -8.96 -26.95
CA CYS B 86 -23.77 -9.03 -28.39
C CYS B 86 -24.82 -8.19 -29.10
N ARG B 87 -25.69 -7.49 -28.37
CA ARG B 87 -26.47 -6.45 -29.01
C ARG B 87 -25.60 -5.27 -29.41
N VAL B 88 -24.41 -5.14 -28.83
CA VAL B 88 -23.53 -4.00 -29.07
C VAL B 88 -22.20 -4.44 -29.69
N HIS B 89 -21.57 -5.45 -29.11
CA HIS B 89 -20.25 -5.96 -29.47
C HIS B 89 -20.37 -7.13 -30.45
N PRO B 90 -19.43 -7.23 -31.39
CA PRO B 90 -19.35 -8.46 -32.19
C PRO B 90 -18.92 -9.64 -31.32
N ARG B 91 -19.45 -10.82 -31.67
CA ARG B 91 -19.14 -12.04 -30.92
C ARG B 91 -17.65 -12.32 -30.89
N ASP B 92 -16.94 -11.97 -31.97
CA ASP B 92 -15.50 -12.16 -32.01
C ASP B 92 -14.79 -11.41 -30.87
N TYR B 93 -15.19 -10.17 -30.59
CA TYR B 93 -14.54 -9.44 -29.49
C TYR B 93 -14.83 -10.14 -28.16
N ILE B 94 -16.09 -10.49 -27.92
CA ILE B 94 -16.47 -11.19 -26.69
C ILE B 94 -15.69 -12.51 -26.56
N ASP B 95 -15.48 -13.20 -27.69
CA ASP B 95 -14.78 -14.47 -27.67
C ASP B 95 -13.30 -14.28 -27.35
N ARG B 96 -12.66 -13.31 -27.98
CA ARG B 96 -11.27 -13.03 -27.66
C ARG B 96 -11.12 -12.53 -26.23
N PHE B 97 -12.07 -11.70 -25.78
CA PHE B 97 -12.08 -11.24 -24.39
C PHE B 97 -12.13 -12.43 -23.43
N LYS B 98 -13.08 -13.34 -23.61
CA LYS B 98 -13.17 -14.47 -22.68
C LYS B 98 -11.89 -15.30 -22.71
N ALA B 99 -11.32 -15.53 -23.91
CA ALA B 99 -10.16 -16.40 -24.01
C ALA B 99 -8.93 -15.73 -23.39
N THR B 100 -8.71 -14.44 -23.66
CA THR B 100 -7.62 -13.73 -23.01
C THR B 100 -7.77 -13.77 -21.49
N SER B 101 -9.01 -13.62 -20.99
CA SER B 101 -9.27 -13.65 -19.56
C SER B 101 -8.99 -15.01 -18.95
N ASP B 102 -9.45 -16.08 -19.61
CA ASP B 102 -9.20 -17.44 -19.14
C ASP B 102 -7.70 -17.72 -19.04
N ALA B 103 -6.92 -17.21 -19.98
CA ALA B 103 -5.49 -17.47 -19.97
C ALA B 103 -4.71 -16.48 -19.08
N GLY B 104 -5.38 -15.70 -18.24
CA GLY B 104 -4.69 -14.86 -17.27
C GLY B 104 -4.74 -13.36 -17.50
N GLY B 105 -5.40 -12.84 -18.52
CA GLY B 105 -5.56 -11.40 -18.64
C GLY B 105 -4.71 -10.80 -19.74
N GLY B 106 -4.85 -9.50 -19.88
CA GLY B 106 -4.09 -8.77 -20.89
C GLY B 106 -4.73 -7.41 -21.10
N ASP B 107 -4.68 -6.96 -22.36
CA ASP B 107 -5.26 -5.69 -22.76
C ASP B 107 -5.59 -5.79 -24.24
N LEU B 108 -6.88 -5.71 -24.58
CA LEU B 108 -7.28 -5.86 -25.97
C LEU B 108 -7.56 -4.53 -26.65
N GLY B 109 -7.19 -3.41 -26.04
CA GLY B 109 -7.44 -2.09 -26.62
C GLY B 109 -6.39 -1.10 -26.23
N HIS B 110 -6.82 0.13 -25.96
N HIS B 110 -6.84 0.10 -25.85
CA HIS B 110 -5.90 1.19 -25.52
CA HIS B 110 -5.96 1.22 -25.53
C HIS B 110 -6.19 1.52 -24.07
C HIS B 110 -6.18 1.57 -24.07
N LEU B 111 -5.25 1.14 -23.20
CA LEU B 111 -5.35 1.38 -21.77
C LEU B 111 -6.58 0.68 -21.18
N ALA B 112 -6.78 -0.60 -21.55
CA ALA B 112 -7.88 -1.41 -21.03
C ALA B 112 -7.38 -2.73 -20.44
N PRO B 113 -6.47 -2.69 -19.48
CA PRO B 113 -5.93 -3.93 -18.95
C PRO B 113 -6.90 -4.58 -17.96
N PHE B 114 -6.78 -5.90 -17.87
CA PHE B 114 -7.54 -6.71 -16.92
C PHE B 114 -6.74 -7.95 -16.59
N SER B 115 -7.13 -8.60 -15.50
CA SER B 115 -6.47 -9.79 -14.97
C SER B 115 -7.32 -11.03 -15.26
N LYS B 116 -6.82 -12.17 -14.77
CA LYS B 116 -7.49 -13.44 -14.91
C LYS B 116 -8.90 -13.38 -14.32
N GLY B 117 -9.89 -13.77 -15.13
CA GLY B 117 -11.29 -13.71 -14.72
C GLY B 117 -11.93 -12.35 -14.89
N GLY B 118 -11.23 -11.37 -15.47
CA GLY B 118 -11.79 -10.06 -15.71
C GLY B 118 -12.97 -10.07 -16.66
N TYR B 119 -13.11 -11.10 -17.48
CA TYR B 119 -14.27 -11.21 -18.37
C TYR B 119 -15.56 -11.37 -17.57
N GLU B 120 -15.59 -12.37 -16.68
CA GLU B 120 -16.78 -12.56 -15.84
C GLU B 120 -17.04 -11.34 -14.96
N ILE B 121 -16.00 -10.67 -14.47
CA ILE B 121 -16.25 -9.51 -13.63
C ILE B 121 -16.85 -8.38 -14.46
N ALA B 122 -16.41 -8.22 -15.72
CA ALA B 122 -17.00 -7.23 -16.62
C ALA B 122 -18.45 -7.57 -16.98
N MET B 123 -18.77 -8.85 -17.15
CA MET B 123 -20.16 -9.24 -17.40
C MET B 123 -21.03 -8.98 -16.18
N LEU B 124 -20.48 -9.20 -14.99
CA LEU B 124 -21.17 -8.86 -13.75
C LEU B 124 -21.38 -7.35 -13.62
N SER B 125 -20.33 -6.58 -13.89
CA SER B 125 -20.44 -5.12 -13.84
C SER B 125 -21.51 -4.63 -14.80
N CYS B 126 -21.47 -5.14 -16.04
CA CYS B 126 -22.48 -4.78 -17.01
C CYS B 126 -23.88 -5.12 -16.51
N GLY B 127 -24.04 -6.31 -15.92
CA GLY B 127 -25.37 -6.70 -15.44
C GLY B 127 -25.98 -5.72 -14.47
N LEU B 128 -25.15 -5.05 -13.66
CA LEU B 128 -25.65 -4.03 -12.76
C LEU B 128 -26.39 -2.93 -13.51
N ALA B 129 -25.84 -2.48 -14.64
CA ALA B 129 -26.49 -1.45 -15.44
C ALA B 129 -27.77 -1.96 -16.10
N ILE B 130 -27.72 -3.16 -16.67
CA ILE B 130 -28.93 -3.74 -17.24
C ILE B 130 -30.04 -3.69 -16.21
N ALA B 131 -29.76 -4.20 -15.01
CA ALA B 131 -30.81 -4.39 -14.01
C ALA B 131 -31.30 -3.05 -13.46
N ALA B 132 -30.38 -2.10 -13.25
CA ALA B 132 -30.79 -0.76 -12.84
C ALA B 132 -31.77 -0.15 -13.83
N VAL B 133 -31.48 -0.25 -15.13
CA VAL B 133 -32.39 0.30 -16.12
C VAL B 133 -33.69 -0.50 -16.15
N ASP B 134 -33.58 -1.82 -16.14
CA ASP B 134 -34.77 -2.67 -16.25
C ASP B 134 -35.70 -2.44 -15.07
N ASP B 135 -35.17 -2.38 -13.85
CA ASP B 135 -36.02 -2.27 -12.69
C ASP B 135 -36.74 -0.92 -12.63
N VAL B 136 -36.06 0.15 -13.05
CA VAL B 136 -36.69 1.46 -13.10
C VAL B 136 -37.81 1.45 -14.13
N LEU B 137 -37.53 0.93 -15.32
CA LEU B 137 -38.54 0.87 -16.38
C LEU B 137 -39.73 0.01 -15.97
N SER B 138 -39.51 -0.98 -15.12
CA SER B 138 -40.63 -1.80 -14.69
C SER B 138 -41.22 -1.32 -13.38
N GLY B 139 -40.80 -0.15 -12.90
CA GLY B 139 -41.35 0.45 -11.69
C GLY B 139 -41.07 -0.29 -10.41
N LYS B 140 -40.08 -1.20 -10.40
CA LYS B 140 -39.70 -1.83 -9.15
C LYS B 140 -39.10 -0.80 -8.20
N VAL B 141 -38.38 0.20 -8.74
CA VAL B 141 -37.84 1.33 -8.00
C VAL B 141 -38.09 2.59 -8.81
N ASP B 142 -38.06 3.75 -8.13
CA ASP B 142 -38.28 5.03 -8.81
C ASP B 142 -37.04 5.48 -9.57
N ASN B 143 -35.88 5.35 -8.97
CA ASN B 143 -34.63 5.64 -9.66
C ASN B 143 -33.60 4.63 -9.17
N ALA B 144 -32.36 4.77 -9.64
CA ALA B 144 -31.41 3.68 -9.43
C ALA B 144 -30.00 4.18 -9.64
N TYR B 145 -29.07 3.54 -8.92
CA TYR B 145 -27.64 3.79 -9.01
C TYR B 145 -26.94 2.46 -9.19
N ALA B 146 -26.16 2.33 -10.27
CA ALA B 146 -25.43 1.09 -10.58
C ALA B 146 -23.95 1.35 -10.39
N LEU B 147 -23.37 0.70 -9.37
CA LEU B 147 -21.97 0.91 -8.98
C LEU B 147 -21.09 0.03 -9.86
N CYS B 148 -21.01 0.41 -11.13
CA CYS B 148 -20.28 -0.37 -12.11
C CYS B 148 -18.77 -0.26 -11.92
N ARG B 149 -18.08 -1.41 -12.02
CA ARG B 149 -16.64 -1.48 -12.17
C ARG B 149 -16.28 -2.85 -12.75
N PRO B 150 -15.58 -2.91 -13.90
CA PRO B 150 -15.08 -1.79 -14.71
C PRO B 150 -16.17 -0.93 -15.33
N ALA B 151 -15.77 0.30 -15.66
CA ALA B 151 -16.64 1.31 -16.24
C ALA B 151 -16.89 0.98 -17.72
N GLY B 152 -17.71 1.81 -18.38
CA GLY B 152 -18.09 1.48 -19.75
C GLY B 152 -18.04 2.57 -20.81
N HIS B 153 -18.03 3.85 -20.43
CA HIS B 153 -18.39 4.87 -21.43
C HIS B 153 -17.33 5.13 -22.49
N HIS B 154 -16.12 4.56 -22.38
CA HIS B 154 -15.10 4.71 -23.42
C HIS B 154 -15.04 3.50 -24.37
N CYS B 155 -15.72 2.42 -24.03
CA CYS B 155 -15.61 1.19 -24.79
C CYS B 155 -16.36 1.30 -26.11
N LEU B 156 -15.65 1.10 -27.22
CA LEU B 156 -16.26 1.08 -28.55
C LEU B 156 -16.81 -0.32 -28.85
N ALA B 157 -17.57 -0.44 -29.94
CA ALA B 157 -18.18 -1.72 -30.28
C ALA B 157 -17.15 -2.84 -30.37
N ASP B 158 -16.01 -2.58 -31.01
CA ASP B 158 -14.99 -3.61 -31.12
C ASP B 158 -13.71 -3.28 -30.36
N THR B 159 -13.66 -2.17 -29.62
CA THR B 159 -12.40 -1.78 -28.99
C THR B 159 -12.55 -1.26 -27.57
N PRO B 160 -12.05 -1.98 -26.56
CA PRO B 160 -12.13 -1.47 -25.19
C PRO B 160 -11.10 -0.37 -24.97
N MET B 161 -11.47 0.59 -24.15
CA MET B 161 -10.63 1.78 -24.00
C MET B 161 -10.77 2.32 -22.58
N GLY B 162 -9.67 2.89 -22.09
CA GLY B 162 -9.73 3.76 -20.94
C GLY B 162 -10.44 3.10 -19.77
N PHE B 163 -9.99 1.90 -19.40
CA PHE B 163 -10.50 1.16 -18.25
C PHE B 163 -11.91 0.62 -18.47
N CYS B 164 -12.42 0.68 -19.69
CA CYS B 164 -13.77 0.24 -20.01
C CYS B 164 -13.67 -0.97 -20.94
N LEU B 165 -14.13 -2.11 -20.45
CA LEU B 165 -14.04 -3.37 -21.17
C LEU B 165 -15.32 -3.75 -21.89
N LEU B 166 -16.47 -3.28 -21.41
CA LEU B 166 -17.75 -3.51 -22.05
C LEU B 166 -18.51 -2.18 -22.06
N ALA B 167 -19.44 -2.04 -23.01
CA ALA B 167 -20.18 -0.79 -23.17
C ALA B 167 -21.42 -0.84 -22.29
N ASN B 168 -21.19 -0.63 -20.99
CA ASN B 168 -22.22 -0.89 -19.98
C ASN B 168 -23.55 -0.20 -20.31
N ILE B 169 -23.51 1.08 -20.62
CA ILE B 169 -24.76 1.84 -20.74
C ILE B 169 -25.43 1.48 -22.06
N PRO B 170 -24.70 1.42 -23.19
CA PRO B 170 -25.36 1.02 -24.44
C PRO B 170 -25.96 -0.36 -24.36
N ILE B 171 -25.27 -1.31 -23.73
CA ILE B 171 -25.83 -2.65 -23.55
C ILE B 171 -27.13 -2.60 -22.76
N ALA B 172 -27.15 -1.80 -21.69
CA ALA B 172 -28.36 -1.65 -20.88
C ALA B 172 -29.49 -1.02 -21.70
N ILE B 173 -29.15 -0.07 -22.58
CA ILE B 173 -30.17 0.57 -23.39
C ILE B 173 -30.76 -0.43 -24.38
N GLU B 174 -29.91 -1.14 -25.12
CA GLU B 174 -30.42 -2.11 -26.09
C GLU B 174 -31.21 -3.22 -25.40
N ALA B 175 -30.83 -3.60 -24.18
CA ALA B 175 -31.67 -4.54 -23.43
C ALA B 175 -33.02 -3.92 -23.14
N ALA B 176 -33.01 -2.64 -22.76
CA ALA B 176 -34.26 -1.97 -22.42
C ALA B 176 -35.17 -1.91 -23.64
N LYS B 177 -34.60 -1.69 -24.82
CA LYS B 177 -35.40 -1.66 -26.03
C LYS B 177 -36.01 -3.02 -26.31
N ALA B 178 -35.25 -4.09 -26.07
CA ALA B 178 -35.77 -5.44 -26.30
C ALA B 178 -36.82 -5.81 -25.27
N ARG B 179 -36.56 -5.49 -23.99
CA ARG B 179 -37.42 -5.95 -22.91
C ARG B 179 -38.61 -5.04 -22.64
N HIS B 180 -38.49 -3.75 -22.94
CA HIS B 180 -39.55 -2.80 -22.61
C HIS B 180 -40.06 -2.03 -23.82
N GLY B 181 -39.43 -2.17 -24.98
CA GLY B 181 -39.79 -1.35 -26.12
C GLY B 181 -39.66 0.14 -25.89
N ILE B 182 -38.61 0.58 -25.19
CA ILE B 182 -38.46 2.01 -24.92
C ILE B 182 -37.98 2.75 -26.17
N SER B 183 -38.58 3.91 -26.42
CA SER B 183 -38.40 4.69 -27.64
C SER B 183 -37.25 5.70 -27.54
N ARG B 184 -37.24 6.51 -26.49
CA ARG B 184 -36.32 7.64 -26.39
C ARG B 184 -35.54 7.55 -25.08
N VAL B 185 -34.22 7.52 -25.20
CA VAL B 185 -33.34 7.54 -24.04
C VAL B 185 -32.36 8.69 -24.22
N ALA B 186 -32.05 9.39 -23.13
CA ALA B 186 -31.00 10.39 -23.10
C ALA B 186 -29.94 9.96 -22.10
N VAL B 187 -28.68 10.00 -22.53
CA VAL B 187 -27.53 9.75 -21.65
C VAL B 187 -26.86 11.10 -21.39
N VAL B 188 -26.71 11.45 -20.13
CA VAL B 188 -25.96 12.64 -19.73
C VAL B 188 -24.69 12.16 -19.03
N ASP B 189 -23.54 12.35 -19.68
CA ASP B 189 -22.26 11.80 -19.20
C ASP B 189 -21.48 12.93 -18.53
N TRP B 190 -21.46 12.96 -17.20
CA TRP B 190 -20.69 13.99 -16.52
C TRP B 190 -19.41 13.47 -15.89
N ASP B 191 -19.04 12.23 -16.20
CA ASP B 191 -17.66 11.82 -16.01
C ASP B 191 -16.76 12.83 -16.71
N VAL B 192 -15.57 13.08 -16.16
CA VAL B 192 -14.78 14.21 -16.62
C VAL B 192 -14.10 13.97 -17.96
N HIS B 193 -14.16 12.74 -18.47
CA HIS B 193 -13.64 12.42 -19.80
C HIS B 193 -14.76 12.25 -20.81
N HIS B 194 -14.42 12.43 -22.09
CA HIS B 194 -15.40 12.31 -23.17
C HIS B 194 -15.96 10.88 -23.27
N GLY B 195 -17.29 10.76 -23.26
CA GLY B 195 -17.93 9.48 -23.48
C GLY B 195 -17.85 9.05 -24.94
N ASN B 196 -16.64 8.73 -25.41
CA ASN B 196 -16.48 8.39 -26.83
C ASN B 196 -17.18 7.08 -27.16
N GLY B 197 -17.25 6.15 -26.21
CA GLY B 197 -17.89 4.87 -26.48
C GLY B 197 -19.36 5.04 -26.77
N THR B 198 -20.08 5.70 -25.86
CA THR B 198 -21.48 6.00 -26.06
C THR B 198 -21.72 6.78 -27.34
N GLN B 199 -20.91 7.83 -27.57
CA GLN B 199 -21.09 8.66 -28.75
C GLN B 199 -21.02 7.82 -30.02
N SER B 200 -19.98 7.00 -30.14
CA SER B 200 -19.78 6.24 -31.37
C SER B 200 -20.90 5.23 -31.59
N ILE B 201 -21.32 4.51 -30.55
CA ILE B 201 -22.25 3.40 -30.75
C ILE B 201 -23.62 3.90 -31.22
N PHE B 202 -24.02 5.10 -30.79
CA PHE B 202 -25.32 5.65 -31.17
C PHE B 202 -25.20 6.80 -32.16
N TYR B 203 -24.03 7.01 -32.76
CA TYR B 203 -23.77 8.22 -33.52
C TYR B 203 -24.76 8.43 -34.66
N ASP B 204 -25.27 7.36 -35.25
CA ASP B 204 -26.16 7.55 -36.39
C ASP B 204 -27.60 7.23 -36.04
N ARG B 205 -27.95 7.26 -34.76
CA ARG B 205 -29.30 6.93 -34.33
C ARG B 205 -29.92 8.10 -33.59
N ALA B 206 -31.23 8.31 -33.82
CA ALA B 206 -31.99 9.40 -33.23
C ALA B 206 -32.78 9.00 -31.99
N ASP B 207 -32.78 7.71 -31.61
CA ASP B 207 -33.54 7.28 -30.45
C ASP B 207 -32.78 7.40 -29.13
N VAL B 208 -31.46 7.59 -29.18
CA VAL B 208 -30.62 7.78 -28.00
C VAL B 208 -29.85 9.08 -28.19
N LEU B 209 -30.21 10.11 -27.42
CA LEU B 209 -29.46 11.36 -27.37
C LEU B 209 -28.29 11.21 -26.41
N THR B 210 -27.06 11.39 -26.91
CA THR B 210 -25.86 11.25 -26.09
C THR B 210 -25.28 12.62 -25.81
N ILE B 211 -25.16 12.97 -24.53
CA ILE B 211 -24.59 14.24 -24.10
C ILE B 211 -23.33 13.92 -23.30
N SER B 212 -22.22 14.60 -23.64
CA SER B 212 -20.98 14.47 -22.87
C SER B 212 -20.43 15.84 -22.47
N ILE B 213 -20.31 16.05 -21.16
CA ILE B 213 -19.63 17.20 -20.58
C ILE B 213 -18.27 16.72 -20.11
N HIS B 214 -17.20 17.35 -20.58
CA HIS B 214 -15.89 16.78 -20.31
C HIS B 214 -14.82 17.87 -20.37
N GLN B 215 -13.74 17.64 -19.64
CA GLN B 215 -12.58 18.49 -19.79
C GLN B 215 -12.09 18.46 -21.23
N ASP B 216 -12.00 19.65 -21.83
CA ASP B 216 -11.42 19.82 -23.14
C ASP B 216 -10.07 19.14 -23.26
N ARG B 217 -9.93 18.32 -24.31
CA ARG B 217 -8.70 17.66 -24.76
C ARG B 217 -8.12 16.61 -23.81
N CYS B 218 -8.89 16.11 -22.82
CA CYS B 218 -8.31 15.27 -21.77
C CYS B 218 -8.25 13.78 -22.13
N PHE B 219 -9.41 13.12 -22.24
CA PHE B 219 -9.41 11.73 -22.73
C PHE B 219 -10.69 11.43 -23.51
N PRO B 220 -10.58 11.00 -24.78
CA PRO B 220 -9.35 10.80 -25.57
C PRO B 220 -8.59 12.11 -25.73
N PRO B 221 -7.27 12.01 -25.70
CA PRO B 221 -6.43 13.21 -25.64
C PRO B 221 -6.58 14.08 -26.89
N GLY B 222 -6.66 15.40 -26.68
CA GLY B 222 -6.77 16.32 -27.79
C GLY B 222 -8.17 16.48 -28.39
N TYR B 223 -9.16 15.74 -27.90
CA TYR B 223 -10.49 15.79 -28.47
C TYR B 223 -11.33 16.83 -27.75
N SER B 224 -11.99 17.69 -28.53
CA SER B 224 -12.94 18.65 -28.01
C SER B 224 -14.36 18.23 -28.38
N GLY B 225 -14.72 18.34 -29.66
CA GLY B 225 -15.86 17.62 -30.18
C GLY B 225 -17.16 18.38 -30.32
N ALA B 226 -17.17 19.70 -30.09
CA ALA B 226 -18.45 20.43 -30.13
C ALA B 226 -19.09 20.36 -31.51
N GLU B 227 -18.27 20.23 -32.55
N GLU B 227 -18.29 20.24 -32.56
CA GLU B 227 -18.74 20.14 -33.94
CA GLU B 227 -18.92 20.16 -33.87
C GLU B 227 -19.32 18.76 -34.28
C GLU B 227 -19.46 18.77 -34.20
N ASP B 228 -19.08 17.74 -33.44
CA ASP B 228 -19.52 16.36 -33.72
C ASP B 228 -20.89 16.13 -33.13
N ARG B 229 -21.92 16.34 -33.94
CA ARG B 229 -23.30 16.35 -33.47
C ARG B 229 -24.12 15.18 -34.03
N GLY B 230 -23.44 14.17 -34.55
CA GLY B 230 -24.11 13.01 -35.08
C GLY B 230 -24.03 12.96 -36.60
N GLU B 231 -24.55 11.86 -37.14
CA GLU B 231 -24.55 11.65 -38.58
C GLU B 231 -25.83 10.92 -38.96
N GLY B 232 -26.24 11.12 -40.21
CA GLY B 232 -27.44 10.45 -40.69
C GLY B 232 -28.65 10.81 -39.85
N ALA B 233 -29.45 9.79 -39.54
CA ALA B 233 -30.59 10.00 -38.65
C ALA B 233 -30.19 10.52 -37.27
N GLY B 234 -28.95 10.27 -36.84
CA GLY B 234 -28.49 10.77 -35.56
C GLY B 234 -27.99 12.20 -35.57
N LEU B 235 -28.04 12.89 -36.71
CA LEU B 235 -27.58 14.27 -36.79
C LEU B 235 -28.44 15.15 -35.91
N GLY B 236 -27.80 15.80 -34.95
CA GLY B 236 -28.50 16.53 -33.90
C GLY B 236 -28.76 15.73 -32.64
N TYR B 237 -28.31 14.48 -32.56
CA TYR B 237 -28.60 13.65 -31.39
C TYR B 237 -27.32 13.24 -30.64
N ASN B 238 -26.25 13.99 -30.83
CA ASN B 238 -25.04 13.87 -30.03
C ASN B 238 -24.58 15.29 -29.71
N LEU B 239 -24.21 15.52 -28.46
CA LEU B 239 -23.97 16.87 -27.98
C LEU B 239 -22.77 16.84 -27.04
N ASN B 240 -21.63 17.33 -27.54
CA ASN B 240 -20.41 17.45 -26.75
C ASN B 240 -20.33 18.83 -26.12
N VAL B 241 -20.06 18.87 -24.82
CA VAL B 241 -19.89 20.11 -24.03
C VAL B 241 -18.49 20.13 -23.43
N PRO B 242 -17.47 20.42 -24.22
CA PRO B 242 -16.14 20.58 -23.64
C PRO B 242 -16.09 21.81 -22.76
N LEU B 243 -15.47 21.66 -21.60
CA LEU B 243 -15.21 22.69 -20.62
C LEU B 243 -13.71 22.81 -20.43
N PRO B 244 -13.19 24.01 -20.21
CA PRO B 244 -11.73 24.13 -20.03
C PRO B 244 -11.28 23.54 -18.70
N ALA B 245 -10.05 23.00 -18.71
CA ALA B 245 -9.36 22.63 -17.48
C ALA B 245 -9.44 23.76 -16.46
N GLY B 246 -9.67 23.39 -15.20
CA GLY B 246 -9.76 24.37 -14.14
C GLY B 246 -11.15 24.93 -13.92
N ALA B 247 -12.15 24.48 -14.67
CA ALA B 247 -13.51 24.91 -14.43
C ALA B 247 -14.10 24.17 -13.24
N GLY B 248 -15.01 24.85 -12.54
CA GLY B 248 -15.52 24.40 -11.27
C GLY B 248 -17.04 24.39 -11.21
N HIS B 249 -17.54 24.67 -10.01
CA HIS B 249 -18.96 24.48 -9.69
C HIS B 249 -19.86 25.36 -10.54
N ASP B 250 -19.56 26.65 -10.61
CA ASP B 250 -20.44 27.58 -11.33
C ASP B 250 -20.41 27.33 -12.85
N ALA B 251 -19.26 26.91 -13.38
CA ALA B 251 -19.20 26.55 -14.79
C ALA B 251 -20.10 25.34 -15.07
N TYR B 252 -20.00 24.29 -14.24
CA TYR B 252 -20.83 23.13 -14.50
C TYR B 252 -22.31 23.48 -14.35
N VAL B 253 -22.65 24.29 -13.35
CA VAL B 253 -24.06 24.68 -13.18
C VAL B 253 -24.56 25.43 -14.40
N GLN B 254 -23.76 26.35 -14.94
CA GLN B 254 -24.23 27.12 -16.10
C GLN B 254 -24.40 26.22 -17.32
N ALA B 255 -23.46 25.30 -17.53
CA ALA B 255 -23.57 24.38 -18.65
C ALA B 255 -24.82 23.52 -18.55
N PHE B 256 -25.18 23.11 -17.35
CA PHE B 256 -26.40 22.34 -17.21
C PHE B 256 -27.63 23.20 -17.43
N ASP B 257 -27.62 24.43 -16.92
CA ASP B 257 -28.76 25.32 -17.11
C ASP B 257 -28.89 25.74 -18.58
N ASP B 258 -27.78 25.99 -19.25
CA ASP B 258 -27.84 26.61 -20.58
C ASP B 258 -27.76 25.61 -21.72
N ILE B 259 -27.20 24.42 -21.50
CA ILE B 259 -27.01 23.45 -22.57
C ILE B 259 -27.71 22.13 -22.25
N VAL B 260 -27.29 21.48 -21.16
CA VAL B 260 -27.73 20.11 -20.91
C VAL B 260 -29.24 20.03 -20.70
N VAL B 261 -29.77 20.79 -19.73
CA VAL B 261 -31.18 20.66 -19.40
C VAL B 261 -32.08 21.11 -20.56
N PRO B 262 -31.76 22.21 -21.28
CA PRO B 262 -32.57 22.53 -22.48
C PRO B 262 -32.58 21.43 -23.53
N ALA B 263 -31.42 20.81 -23.78
CA ALA B 263 -31.35 19.68 -24.70
C ALA B 263 -32.26 18.54 -24.28
N LEU B 264 -32.35 18.26 -22.97
CA LEU B 264 -33.28 17.26 -22.47
C LEU B 264 -34.73 17.67 -22.74
N ASP B 265 -35.09 18.92 -22.43
CA ASP B 265 -36.46 19.38 -22.64
C ASP B 265 -36.85 19.33 -24.12
N ASP B 266 -35.91 19.64 -25.02
CA ASP B 266 -36.20 19.52 -26.44
C ASP B 266 -36.43 18.07 -26.85
N PHE B 267 -35.60 17.16 -26.33
CA PHE B 267 -35.59 15.77 -26.80
C PHE B 267 -36.75 14.95 -26.22
N LYS B 268 -37.18 15.25 -25.00
CA LYS B 268 -38.33 14.54 -24.42
C LYS B 268 -38.01 13.07 -24.26
N PRO B 269 -37.07 12.71 -23.40
CA PRO B 269 -36.71 11.30 -23.22
C PRO B 269 -37.79 10.56 -22.45
N ASP B 270 -37.80 9.24 -22.62
CA ASP B 270 -38.64 8.37 -21.79
C ASP B 270 -37.87 7.81 -20.59
N LEU B 271 -36.57 8.03 -20.54
CA LEU B 271 -35.68 7.57 -19.47
C LEU B 271 -34.41 8.41 -19.57
N ILE B 272 -33.89 8.85 -18.43
CA ILE B 272 -32.61 9.54 -18.41
C ILE B 272 -31.61 8.67 -17.68
N ILE B 273 -30.45 8.46 -18.30
CA ILE B 273 -29.31 7.78 -17.67
C ILE B 273 -28.18 8.81 -17.52
N VAL B 274 -27.64 8.91 -16.31
CA VAL B 274 -26.43 9.68 -16.09
C VAL B 274 -25.26 8.70 -16.10
N ALA B 275 -24.29 8.95 -16.99
CA ALA B 275 -22.98 8.30 -16.88
C ALA B 275 -22.17 9.13 -15.90
N SER B 276 -22.07 8.66 -14.68
CA SER B 276 -21.58 9.44 -13.55
C SER B 276 -20.19 8.95 -13.16
N GLY B 277 -19.18 9.56 -13.77
CA GLY B 277 -17.86 9.56 -13.19
C GLY B 277 -17.78 10.65 -12.14
N LEU B 278 -16.94 10.41 -11.14
CA LEU B 278 -16.71 11.38 -10.08
C LEU B 278 -15.34 12.01 -10.22
N ASP B 279 -14.73 11.89 -11.40
CA ASP B 279 -13.36 12.32 -11.57
C ASP B 279 -13.23 13.80 -11.95
N ALA B 280 -14.33 14.56 -12.00
CA ALA B 280 -14.21 16.02 -12.02
C ALA B 280 -13.97 16.60 -10.63
N ASN B 281 -13.93 15.77 -9.58
CA ASN B 281 -13.71 16.25 -8.22
C ASN B 281 -12.36 16.96 -8.08
N SER B 282 -12.28 17.86 -7.10
CA SER B 282 -11.21 18.86 -6.99
C SER B 282 -9.82 18.28 -6.75
N VAL B 283 -9.68 17.02 -6.36
CA VAL B 283 -8.34 16.49 -6.12
C VAL B 283 -8.09 15.25 -6.95
N ASP B 284 -8.81 15.06 -8.04
CA ASP B 284 -8.63 13.84 -8.80
C ASP B 284 -7.30 13.89 -9.58
N PRO B 285 -6.56 12.79 -9.65
CA PRO B 285 -5.32 12.83 -10.44
C PRO B 285 -5.53 12.79 -11.93
N LEU B 286 -6.67 12.28 -12.41
CA LEU B 286 -6.80 12.12 -13.86
C LEU B 286 -7.54 13.25 -14.56
N ALA B 287 -7.88 14.32 -13.84
CA ALA B 287 -8.36 15.50 -14.54
C ALA B 287 -8.00 16.74 -13.72
N ARG B 288 -8.36 17.93 -14.25
CA ARG B 288 -7.94 19.20 -13.68
C ARG B 288 -9.14 20.04 -13.22
N MET B 289 -10.30 19.43 -12.97
CA MET B 289 -11.51 20.17 -12.68
C MET B 289 -11.68 20.39 -11.17
N LEU B 290 -12.70 21.18 -10.81
CA LEU B 290 -12.87 21.75 -9.48
C LEU B 290 -14.28 21.54 -8.94
N LEU B 291 -14.85 20.37 -9.14
CA LEU B 291 -16.17 20.11 -8.57
C LEU B 291 -16.01 19.60 -7.15
N HIS B 292 -17.03 19.84 -6.33
CA HIS B 292 -17.00 19.33 -4.97
C HIS B 292 -18.29 18.55 -4.70
N SER B 293 -18.44 18.06 -3.46
CA SER B 293 -19.57 17.18 -3.17
C SER B 293 -20.91 17.87 -3.37
N GLU B 294 -20.99 19.19 -3.12
CA GLU B 294 -22.28 19.88 -3.33
C GLU B 294 -22.57 20.11 -4.81
N SER B 295 -21.52 20.23 -5.64
CA SER B 295 -21.72 20.21 -7.08
C SER B 295 -22.49 18.96 -7.49
N TYR B 296 -22.02 17.79 -7.05
CA TYR B 296 -22.68 16.55 -7.44
C TYR B 296 -24.08 16.47 -6.86
N ARG B 297 -24.30 16.93 -5.62
CA ARG B 297 -25.67 16.97 -5.10
C ARG B 297 -26.57 17.81 -6.00
N LEU B 298 -26.09 18.95 -6.48
CA LEU B 298 -26.92 19.88 -7.22
C LEU B 298 -27.19 19.38 -8.64
N LEU B 299 -26.17 18.89 -9.33
CA LEU B 299 -26.37 18.33 -10.67
C LEU B 299 -27.29 17.11 -10.63
N THR B 300 -27.24 16.34 -9.55
CA THR B 300 -28.16 15.20 -9.43
C THR B 300 -29.59 15.68 -9.25
N GLN B 301 -29.77 16.74 -8.47
CA GLN B 301 -31.11 17.30 -8.32
C GLN B 301 -31.60 17.90 -9.63
N LYS B 302 -30.70 18.41 -10.48
CA LYS B 302 -31.14 18.87 -11.79
C LYS B 302 -31.59 17.69 -12.64
N MET B 303 -30.97 16.54 -12.48
CA MET B 303 -31.44 15.41 -13.27
C MET B 303 -32.73 14.82 -12.69
N LEU B 304 -32.86 14.79 -11.36
CA LEU B 304 -34.11 14.38 -10.74
C LEU B 304 -35.26 15.27 -11.19
N ASP B 305 -35.03 16.58 -11.25
CA ASP B 305 -36.08 17.50 -11.69
C ASP B 305 -36.44 17.27 -13.14
N ALA B 306 -35.44 17.13 -14.02
CA ALA B 306 -35.72 16.80 -15.41
C ALA B 306 -36.48 15.49 -15.54
N ALA B 307 -36.07 14.46 -14.79
CA ALA B 307 -36.76 13.17 -14.92
C ALA B 307 -38.20 13.28 -14.47
N ALA B 308 -38.45 13.95 -13.34
CA ALA B 308 -39.83 14.16 -12.89
C ALA B 308 -40.62 14.95 -13.92
N ARG B 309 -39.96 15.90 -14.59
CA ARG B 309 -40.64 16.74 -15.56
C ARG B 309 -40.91 16.02 -16.89
N LEU B 310 -39.98 15.15 -17.31
CA LEU B 310 -39.99 14.59 -18.67
C LEU B 310 -40.39 13.12 -18.75
N CYS B 311 -40.16 12.31 -17.71
CA CYS B 311 -40.40 10.87 -17.85
C CYS B 311 -40.70 10.21 -16.51
N GLY B 312 -41.72 10.71 -15.81
CA GLY B 312 -42.20 10.12 -14.58
C GLY B 312 -41.15 9.81 -13.53
N GLY B 313 -40.05 10.56 -13.52
CA GLY B 313 -39.00 10.35 -12.54
C GLY B 313 -38.05 9.21 -12.81
N LYS B 314 -38.08 8.62 -14.01
CA LYS B 314 -37.26 7.44 -14.32
C LYS B 314 -35.83 7.90 -14.58
N LEU B 315 -34.99 7.81 -13.56
CA LEU B 315 -33.61 8.23 -13.65
C LEU B 315 -32.73 7.08 -13.22
N VAL B 316 -31.66 6.81 -13.95
CA VAL B 316 -30.68 5.79 -13.59
C VAL B 316 -29.30 6.42 -13.62
N VAL B 317 -28.53 6.24 -12.55
CA VAL B 317 -27.17 6.78 -12.45
C VAL B 317 -26.19 5.60 -12.49
N VAL B 318 -25.26 5.64 -13.45
CA VAL B 318 -24.32 4.54 -13.67
C VAL B 318 -22.91 5.04 -13.40
N HIS B 319 -22.21 4.38 -12.48
CA HIS B 319 -20.88 4.80 -12.11
C HIS B 319 -19.90 4.56 -13.24
N GLU B 320 -19.06 5.56 -13.53
CA GLU B 320 -17.96 5.38 -14.48
C GLU B 320 -16.63 5.62 -13.79
N GLY B 321 -16.01 6.78 -14.00
CA GLY B 321 -14.71 7.09 -13.44
C GLY B 321 -14.76 7.68 -12.03
N GLY B 322 -13.58 8.10 -11.57
CA GLY B 322 -13.35 8.63 -10.25
C GLY B 322 -12.12 7.99 -9.65
N TYR B 323 -11.08 8.76 -9.32
CA TYR B 323 -9.78 8.18 -8.98
C TYR B 323 -9.19 8.68 -7.67
N ALA B 324 -9.74 9.74 -7.08
CA ALA B 324 -9.31 10.24 -5.77
C ALA B 324 -9.99 9.44 -4.66
N GLU B 325 -9.29 8.43 -4.14
N GLU B 325 -9.30 8.43 -4.12
CA GLU B 325 -9.87 7.53 -3.15
CA GLU B 325 -9.94 7.54 -3.17
C GLU B 325 -10.37 8.28 -1.92
C GLU B 325 -10.36 8.27 -1.89
N ALA B 326 -9.78 9.43 -1.59
CA ALA B 326 -10.14 10.14 -0.37
C ALA B 326 -11.36 11.02 -0.53
N TYR B 327 -11.68 11.45 -1.76
CA TYR B 327 -12.70 12.46 -1.95
C TYR B 327 -13.88 11.98 -2.79
N VAL B 328 -13.64 11.11 -3.77
CA VAL B 328 -14.71 10.39 -4.45
C VAL B 328 -15.84 9.96 -3.50
N PRO B 329 -15.56 9.40 -2.30
CA PRO B 329 -16.69 8.95 -1.45
C PRO B 329 -17.65 10.06 -1.07
N PHE B 330 -17.14 11.26 -0.76
CA PHE B 330 -18.01 12.34 -0.36
C PHE B 330 -18.78 12.91 -1.55
N CYS B 331 -18.19 12.88 -2.74
CA CYS B 331 -18.93 13.34 -3.92
C CYS B 331 -20.09 12.39 -4.23
N GLY B 332 -19.81 11.09 -4.33
CA GLY B 332 -20.85 10.13 -4.67
C GLY B 332 -21.91 9.99 -3.57
N HIS B 333 -21.52 10.23 -2.32
CA HIS B 333 -22.48 10.11 -1.23
C HIS B 333 -23.49 11.24 -1.26
N ALA B 334 -23.06 12.46 -1.60
CA ALA B 334 -24.02 13.56 -1.74
C ALA B 334 -24.94 13.32 -2.93
N LEU B 335 -24.39 12.83 -4.05
CA LEU B 335 -25.22 12.31 -5.15
C LEU B 335 -26.28 11.34 -4.64
N LEU B 336 -25.87 10.34 -3.84
CA LEU B 336 -26.82 9.33 -3.40
C LEU B 336 -27.88 9.91 -2.47
N GLU B 337 -27.50 10.84 -1.60
CA GLU B 337 -28.50 11.52 -0.78
C GLU B 337 -29.55 12.19 -1.66
N ALA B 338 -29.09 12.98 -2.64
CA ALA B 338 -30.00 13.64 -3.56
C ALA B 338 -30.89 12.62 -4.29
N LEU B 339 -30.27 11.60 -4.87
CA LEU B 339 -31.01 10.54 -5.55
C LEU B 339 -32.08 9.92 -4.65
N SER B 340 -31.69 9.51 -3.44
CA SER B 340 -32.67 8.85 -2.58
C SER B 340 -33.63 9.83 -1.91
N GLY B 341 -33.33 11.13 -1.94
CA GLY B 341 -34.08 12.07 -1.13
C GLY B 341 -33.82 11.92 0.35
N GLU B 342 -32.74 11.25 0.72
CA GLU B 342 -32.40 11.10 2.12
C GLU B 342 -31.34 12.11 2.51
N ARG B 343 -31.15 12.26 3.82
CA ARG B 343 -30.22 13.23 4.35
C ARG B 343 -29.59 12.62 5.60
N THR B 344 -28.28 12.50 5.60
CA THR B 344 -27.52 11.82 6.65
C THR B 344 -26.71 12.85 7.44
N ALA B 345 -25.98 12.36 8.45
CA ALA B 345 -25.09 13.24 9.21
C ALA B 345 -23.73 13.43 8.54
N VAL B 346 -23.49 12.90 7.34
CA VAL B 346 -22.15 13.01 6.77
C VAL B 346 -21.82 14.47 6.52
N VAL B 347 -20.62 14.88 6.94
CA VAL B 347 -20.10 16.21 6.69
C VAL B 347 -18.81 16.05 5.88
N ASP B 348 -18.81 16.62 4.67
CA ASP B 348 -17.68 16.64 3.74
C ASP B 348 -16.56 17.48 4.32
N PRO B 349 -15.50 16.86 4.85
CA PRO B 349 -14.42 17.64 5.47
C PRO B 349 -13.64 18.51 4.48
N VAL B 350 -13.82 18.33 3.17
CA VAL B 350 -13.09 19.12 2.18
C VAL B 350 -13.90 20.31 1.67
N LEU B 351 -15.18 20.42 2.05
CA LEU B 351 -16.09 21.32 1.34
C LEU B 351 -15.65 22.77 1.45
N GLU B 352 -15.32 23.23 2.66
CA GLU B 352 -14.88 24.60 2.89
C GLU B 352 -13.68 24.97 2.03
N MET B 353 -12.68 24.09 2.00
CA MET B 353 -11.48 24.38 1.22
C MET B 353 -11.77 24.35 -0.27
N ALA B 354 -12.57 23.38 -0.72
CA ALA B 354 -12.89 23.29 -2.15
C ALA B 354 -13.72 24.49 -2.61
N GLU B 355 -14.55 25.05 -1.72
CA GLU B 355 -15.25 26.27 -2.05
C GLU B 355 -14.26 27.44 -2.16
N ALA B 356 -13.29 27.49 -1.25
CA ALA B 356 -12.27 28.53 -1.32
C ALA B 356 -11.47 28.44 -2.61
N TRP B 357 -11.27 27.22 -3.11
CA TRP B 357 -10.50 26.92 -4.31
C TRP B 357 -11.17 27.38 -5.61
N GLN B 358 -12.44 27.77 -5.56
CA GLN B 358 -13.21 27.96 -6.77
C GLN B 358 -12.69 29.13 -7.60
N PRO B 359 -12.89 29.09 -8.92
CA PRO B 359 -12.36 30.15 -9.79
C PRO B 359 -12.91 31.51 -9.41
N GLY B 360 -12.02 32.51 -9.37
CA GLY B 360 -12.38 33.87 -9.05
C GLY B 360 -13.03 34.59 -10.21
N PRO B 361 -13.27 35.89 -10.03
CA PRO B 361 -14.10 36.63 -11.01
C PRO B 361 -13.59 36.58 -12.43
N GLU B 362 -12.29 36.84 -12.66
CA GLU B 362 -11.75 36.86 -14.03
C GLU B 362 -11.84 35.47 -14.66
N ALA B 363 -11.53 34.42 -13.91
CA ALA B 363 -11.68 33.08 -14.44
C ALA B 363 -13.15 32.73 -14.61
N ALA B 364 -14.01 33.18 -13.71
CA ALA B 364 -15.43 32.89 -13.83
C ALA B 364 -16.02 33.55 -15.07
N ALA B 365 -15.55 34.77 -15.39
CA ALA B 365 -16.00 35.45 -16.60
C ALA B 365 -15.61 34.69 -17.86
N PHE B 366 -14.41 34.10 -17.87
CA PHE B 366 -13.95 33.31 -19.01
C PHE B 366 -14.78 32.03 -19.17
N HIS B 367 -15.12 31.36 -18.07
CA HIS B 367 -15.97 30.18 -18.18
C HIS B 367 -17.33 30.51 -18.75
N ARG B 368 -17.96 31.58 -18.23
CA ARG B 368 -19.25 32.03 -18.73
C ARG B 368 -19.18 32.44 -20.20
N GLN B 369 -18.12 33.15 -20.60
CA GLN B 369 -17.97 33.45 -22.02
C GLN B 369 -17.80 32.18 -22.85
N TRP B 370 -17.05 31.20 -22.34
CA TRP B 370 -16.85 29.93 -23.04
C TRP B 370 -18.19 29.22 -23.28
N ILE B 371 -18.99 29.12 -22.24
CA ILE B 371 -20.27 28.42 -22.35
C ILE B 371 -21.24 29.20 -23.23
N ASP B 372 -21.23 30.53 -23.12
CA ASP B 372 -22.06 31.35 -24.00
C ASP B 372 -21.73 31.08 -25.46
N ARG B 373 -20.45 30.90 -25.76
CA ARG B 373 -20.07 30.62 -27.16
C ARG B 373 -20.57 29.25 -27.60
N LEU B 374 -20.45 28.23 -26.72
CA LEU B 374 -20.98 26.90 -27.05
C LEU B 374 -22.45 26.98 -27.38
N VAL B 375 -23.21 27.69 -26.54
CA VAL B 375 -24.63 27.88 -26.78
C VAL B 375 -24.85 28.51 -28.15
N ALA B 376 -24.10 29.59 -28.44
CA ALA B 376 -24.25 30.26 -29.72
C ALA B 376 -23.98 29.31 -30.88
N ASP B 377 -22.91 28.51 -30.78
CA ASP B 377 -22.51 27.66 -31.90
C ASP B 377 -23.57 26.62 -32.21
N LEU B 378 -24.44 26.32 -31.25
CA LEU B 378 -25.47 25.31 -31.40
C LEU B 378 -26.60 25.84 -32.24
N GLY B 379 -26.35 26.93 -32.96
CA GLY B 379 -27.38 27.67 -33.66
C GLY B 379 -28.30 28.35 -32.67
N MET C 12 32.06 21.50 -17.43
CA MET C 12 30.64 21.60 -17.12
C MET C 12 30.40 22.16 -15.71
N ALA C 13 29.13 22.47 -15.43
CA ALA C 13 28.70 22.87 -14.09
C ALA C 13 28.58 21.63 -13.24
N ARG C 14 29.62 21.30 -12.46
CA ARG C 14 29.42 20.24 -11.49
C ARG C 14 28.29 20.66 -10.56
N THR C 15 27.29 19.80 -10.51
CA THR C 15 26.08 20.03 -9.79
C THR C 15 26.16 19.22 -8.50
N GLY C 16 25.89 19.87 -7.37
CA GLY C 16 25.81 19.17 -6.10
C GLY C 16 24.38 18.71 -5.85
N PHE C 17 24.24 17.48 -5.37
CA PHE C 17 22.94 16.88 -5.09
C PHE C 17 22.92 16.52 -3.62
N TYR C 18 22.05 17.19 -2.86
CA TYR C 18 22.00 17.12 -1.40
C TYR C 18 20.77 16.29 -0.99
N THR C 19 21.03 15.10 -0.42
CA THR C 19 19.96 14.19 -0.03
C THR C 19 20.39 13.38 1.18
N ASP C 20 19.42 12.95 1.96
CA ASP C 20 19.73 12.07 3.07
C ASP C 20 18.61 11.03 3.18
N GLU C 21 19.01 9.77 3.36
CA GLU C 21 18.05 8.68 3.48
C GLU C 21 16.94 8.99 4.47
N ARG C 22 17.30 9.62 5.59
CA ARG C 22 16.37 9.81 6.71
C ARG C 22 15.26 10.80 6.37
N THR C 23 15.42 11.61 5.32
CA THR C 23 14.34 12.50 4.90
C THR C 23 13.14 11.70 4.42
N PHE C 24 13.36 10.46 3.99
CA PHE C 24 12.27 9.62 3.56
C PHE C 24 11.61 8.90 4.72
N TRP C 25 12.15 9.05 5.94
CA TRP C 25 11.60 8.42 7.13
C TRP C 25 10.64 9.34 7.88
N HIS C 26 10.52 10.60 7.47
CA HIS C 26 9.47 11.48 7.97
C HIS C 26 8.11 10.95 7.52
N ALA C 27 7.15 10.92 8.44
CA ALA C 27 5.82 10.37 8.14
C ALA C 27 4.74 11.25 8.74
N THR C 28 3.79 11.66 7.94
CA THR C 28 2.81 12.61 8.44
C THR C 28 1.74 11.96 9.31
N GLY C 29 1.64 10.65 9.30
CA GLY C 29 0.65 9.95 10.10
C GLY C 29 -0.40 9.28 9.22
N MET C 30 -1.47 8.83 9.88
CA MET C 30 -2.55 8.08 9.24
C MET C 30 -3.56 9.07 8.69
N GLN C 31 -3.36 9.53 7.46
CA GLN C 31 -4.31 10.37 6.74
C GLN C 31 -4.64 9.72 5.40
N ALA C 32 -5.89 9.85 4.98
CA ALA C 32 -6.29 9.58 3.60
C ALA C 32 -6.01 10.84 2.80
N LEU C 33 -4.98 10.80 1.95
CA LEU C 33 -4.45 12.01 1.33
C LEU C 33 -4.12 13.03 2.43
N PHE C 34 -4.66 14.26 2.37
CA PHE C 34 -4.36 15.22 3.42
C PHE C 34 -5.38 15.21 4.55
N LEU C 35 -6.21 14.17 4.64
CA LEU C 35 -7.36 14.16 5.54
C LEU C 35 -7.11 13.29 6.76
N PRO C 36 -7.11 13.87 7.97
CA PRO C 36 -7.02 13.05 9.18
C PRO C 36 -8.11 12.01 9.21
N VAL C 37 -7.73 10.76 9.53
CA VAL C 37 -8.72 9.72 9.77
C VAL C 37 -9.48 10.10 11.03
N GLY C 38 -10.61 9.48 11.26
CA GLY C 38 -11.51 10.05 12.22
C GLY C 38 -12.77 10.56 11.54
N ASP C 39 -13.88 10.46 12.26
CA ASP C 39 -15.16 10.96 11.77
C ASP C 39 -15.48 10.23 10.47
N TRP C 40 -15.76 10.92 9.37
CA TRP C 40 -16.25 10.30 8.15
C TRP C 40 -15.15 9.84 7.20
N VAL C 41 -13.88 9.91 7.61
CA VAL C 41 -12.77 9.62 6.72
C VAL C 41 -12.22 8.24 7.07
N GLN C 42 -12.41 7.32 6.16
CA GLN C 42 -11.93 5.97 6.36
C GLN C 42 -10.42 5.92 6.18
N PRO C 43 -9.72 5.19 7.04
CA PRO C 43 -8.25 5.08 6.89
C PRO C 43 -7.87 4.43 5.59
N PRO C 44 -6.73 4.80 5.00
CA PRO C 44 -6.31 4.21 3.72
C PRO C 44 -5.75 2.81 3.91
N ASN C 45 -6.02 1.96 2.92
CA ASN C 45 -5.42 0.64 2.90
C ASN C 45 -4.03 0.62 2.26
N GLY C 46 -3.67 1.64 1.50
CA GLY C 46 -2.38 1.69 0.86
C GLY C 46 -1.44 2.60 1.62
N THR C 47 -0.60 3.32 0.88
CA THR C 47 0.27 4.31 1.51
C THR C 47 -0.59 5.37 2.18
N ALA C 48 -0.30 5.67 3.44
CA ALA C 48 -0.94 6.78 4.15
C ALA C 48 -0.35 8.14 3.71
N GLY C 49 -1.18 9.18 3.78
CA GLY C 49 -0.72 10.54 3.57
C GLY C 49 -0.81 11.05 2.15
N ALA C 50 -0.35 12.30 1.98
CA ALA C 50 -0.17 12.93 0.68
C ALA C 50 1.29 13.23 0.41
N ASP C 51 1.95 13.92 1.33
CA ASP C 51 3.40 13.97 1.36
C ASP C 51 3.91 12.57 1.69
N THR C 52 3.99 11.69 0.65
CA THR C 52 4.47 10.37 0.97
C THR C 52 5.97 10.28 0.75
N PRO C 53 6.67 9.42 1.51
CA PRO C 53 8.10 9.21 1.24
C PRO C 53 8.42 8.95 -0.23
N ASP C 54 7.60 8.14 -0.91
CA ASP C 54 7.86 7.80 -2.30
C ASP C 54 7.56 8.94 -3.25
N SER C 55 6.66 9.86 -2.87
CA SER C 55 6.48 11.05 -3.71
C SER C 55 7.76 11.88 -3.82
N LYS C 56 8.73 11.66 -2.95
CA LYS C 56 10.06 12.24 -3.13
C LYS C 56 11.13 11.22 -3.46
N ARG C 57 11.14 10.03 -2.82
CA ARG C 57 12.20 9.07 -3.09
C ARG C 57 12.23 8.62 -4.55
N ARG C 58 11.07 8.51 -5.20
CA ARG C 58 11.05 8.00 -6.57
C ARG C 58 11.81 8.91 -7.54
N LEU C 59 11.88 10.22 -7.27
CA LEU C 59 12.77 11.07 -8.07
C LEU C 59 14.22 10.60 -7.96
N LEU C 60 14.73 10.46 -6.72
CA LEU C 60 16.08 9.95 -6.54
C LEU C 60 16.26 8.55 -7.15
N ASN C 61 15.26 7.68 -7.01
CA ASN C 61 15.35 6.35 -7.60
C ASN C 61 15.59 6.43 -9.11
N LEU C 62 14.78 7.25 -9.80
CA LEU C 62 14.92 7.39 -11.25
C LEU C 62 16.29 7.96 -11.63
N ALA C 63 16.77 8.96 -10.87
CA ALA C 63 18.12 9.50 -11.11
C ALA C 63 19.20 8.43 -10.96
N HIS C 64 19.03 7.48 -10.03
CA HIS C 64 19.93 6.34 -9.99
C HIS C 64 19.80 5.47 -11.23
N ALA C 65 18.57 5.12 -11.62
CA ALA C 65 18.39 4.15 -12.69
C ALA C 65 18.89 4.66 -14.03
N SER C 66 18.84 5.98 -14.26
CA SER C 66 19.29 6.55 -15.51
C SER C 66 20.80 6.76 -15.56
N GLY C 67 21.48 6.68 -14.41
CA GLY C 67 22.88 7.02 -14.34
C GLY C 67 23.16 8.47 -14.05
N LEU C 68 22.13 9.33 -14.06
CA LEU C 68 22.34 10.75 -13.81
C LEU C 68 23.03 11.00 -12.47
N ILE C 69 22.65 10.22 -11.44
CA ILE C 69 23.21 10.43 -10.11
C ILE C 69 24.73 10.30 -10.09
N ARG C 70 25.30 9.43 -10.92
CA ARG C 70 26.76 9.28 -10.95
C ARG C 70 27.47 10.49 -11.56
N LYS C 71 26.76 11.37 -12.25
CA LYS C 71 27.36 12.56 -12.84
C LYS C 71 27.30 13.77 -11.93
N LEU C 72 26.72 13.65 -10.74
CA LEU C 72 26.63 14.73 -9.77
C LEU C 72 27.54 14.40 -8.59
N THR C 73 27.84 15.42 -7.78
N THR C 73 27.85 15.39 -7.76
CA THR C 73 28.51 15.22 -6.50
CA THR C 73 28.56 15.11 -6.52
C THR C 73 27.45 15.20 -5.42
C THR C 73 27.56 15.22 -5.38
N LEU C 74 27.53 14.20 -4.52
CA LEU C 74 26.59 14.10 -3.43
C LEU C 74 27.31 14.29 -2.10
N PRO C 75 27.51 15.53 -1.65
CA PRO C 75 28.13 15.75 -0.34
C PRO C 75 27.25 15.23 0.78
N GLU C 76 27.88 14.93 1.91
CA GLU C 76 27.12 14.58 3.11
C GLU C 76 26.95 15.84 3.96
N ALA C 77 25.73 16.35 4.02
CA ALA C 77 25.43 17.58 4.73
C ALA C 77 25.25 17.32 6.22
N ILE C 78 25.67 18.29 7.03
CA ILE C 78 25.43 18.25 8.47
C ILE C 78 24.03 18.81 8.69
N PRO C 79 23.35 18.45 9.77
CA PRO C 79 22.03 19.04 10.03
C PRO C 79 22.14 20.53 10.37
N ALA C 80 21.02 21.20 10.22
CA ALA C 80 20.89 22.53 10.77
C ALA C 80 21.15 22.47 12.27
N THR C 81 21.86 23.48 12.78
CA THR C 81 22.01 23.67 14.21
C THR C 81 20.83 24.49 14.74
N VAL C 82 20.65 24.46 16.07
CA VAL C 82 19.66 25.33 16.69
C VAL C 82 19.95 26.78 16.36
N GLU C 83 21.23 27.16 16.34
CA GLU C 83 21.58 28.53 15.99
C GLU C 83 21.17 28.87 14.57
N ASP C 84 21.39 27.95 13.62
CA ASP C 84 20.89 28.19 12.26
C ASP C 84 19.39 28.45 12.26
N VAL C 85 18.60 27.53 12.84
CA VAL C 85 17.15 27.66 12.70
C VAL C 85 16.63 28.83 13.52
N CYS C 86 17.32 29.20 14.60
CA CYS C 86 16.87 30.34 15.38
C CYS C 86 17.24 31.68 14.77
N ARG C 87 17.88 31.68 13.60
CA ARG C 87 17.95 32.96 12.90
C ARG C 87 16.60 33.32 12.27
N VAL C 88 15.62 32.42 12.33
CA VAL C 88 14.33 32.65 11.71
C VAL C 88 13.23 32.36 12.72
N HIS C 89 13.36 31.24 13.40
CA HIS C 89 12.29 30.89 14.30
C HIS C 89 12.62 31.28 15.74
N PRO C 90 11.59 31.64 16.52
CA PRO C 90 11.79 31.82 17.96
C PRO C 90 12.11 30.48 18.63
N ARG C 91 13.03 30.55 19.61
CA ARG C 91 13.46 29.36 20.33
C ARG C 91 12.27 28.61 20.95
N ASP C 92 11.21 29.34 21.35
CA ASP C 92 10.06 28.67 21.94
C ASP C 92 9.40 27.73 20.94
N TYR C 93 9.32 28.10 19.67
CA TYR C 93 8.81 27.16 18.67
C TYR C 93 9.69 25.93 18.59
N ILE C 94 11.01 26.15 18.46
CA ILE C 94 11.98 25.06 18.32
C ILE C 94 11.92 24.12 19.53
N ASP C 95 11.80 24.68 20.74
CA ASP C 95 11.71 23.84 21.94
C ASP C 95 10.41 23.06 21.97
N ARG C 96 9.30 23.69 21.57
CA ARG C 96 8.03 22.96 21.53
C ARG C 96 8.06 21.88 20.45
N PHE C 97 8.62 22.21 19.29
CA PHE C 97 8.79 21.22 18.23
C PHE C 97 9.54 20.00 18.74
N LYS C 98 10.74 20.21 19.31
CA LYS C 98 11.53 19.07 19.76
C LYS C 98 10.79 18.24 20.80
N ALA C 99 10.09 18.91 21.74
CA ALA C 99 9.46 18.18 22.83
C ALA C 99 8.25 17.37 22.34
N THR C 100 7.50 17.92 21.39
CA THR C 100 6.41 17.15 20.79
C THR C 100 6.98 15.96 20.05
N SER C 101 8.06 16.17 19.29
CA SER C 101 8.68 15.11 18.54
C SER C 101 9.22 14.01 19.47
N ASP C 102 9.92 14.41 20.53
CA ASP C 102 10.43 13.43 21.48
C ASP C 102 9.30 12.58 22.08
N ALA C 103 8.13 13.17 22.27
CA ALA C 103 7.01 12.49 22.93
C ALA C 103 6.12 11.72 21.97
N GLY C 104 6.46 11.64 20.70
CA GLY C 104 5.69 10.85 19.76
C GLY C 104 5.19 11.57 18.52
N GLY C 105 5.37 12.88 18.39
CA GLY C 105 4.91 13.59 17.21
C GLY C 105 3.63 14.35 17.48
N GLY C 106 3.18 15.06 16.46
CA GLY C 106 1.98 15.86 16.58
C GLY C 106 1.79 16.79 15.40
N ASP C 107 1.21 17.95 15.68
CA ASP C 107 1.00 19.00 14.69
C ASP C 107 0.90 20.31 15.47
N LEU C 108 1.90 21.17 15.32
CA LEU C 108 1.93 22.45 16.03
C LEU C 108 1.40 23.60 15.19
N GLY C 109 0.78 23.31 14.06
CA GLY C 109 0.37 24.35 13.12
C GLY C 109 -0.86 23.98 12.33
N HIS C 110 -0.92 24.45 11.08
CA HIS C 110 -2.06 24.24 10.18
C HIS C 110 -1.65 23.22 9.12
N LEU C 111 -2.09 21.97 9.30
CA LEU C 111 -1.77 20.88 8.38
C LEU C 111 -0.25 20.64 8.29
N ALA C 112 0.39 20.46 9.44
CA ALA C 112 1.82 20.20 9.51
C ALA C 112 2.12 19.00 10.42
N PRO C 113 1.50 17.84 10.18
CA PRO C 113 1.69 16.72 11.10
C PRO C 113 3.04 16.05 10.93
N PHE C 114 3.52 15.43 12.02
CA PHE C 114 4.79 14.70 12.02
C PHE C 114 4.78 13.62 13.10
N SER C 115 5.70 12.67 12.97
CA SER C 115 5.81 11.52 13.85
C SER C 115 6.97 11.68 14.81
N LYS C 116 7.12 10.70 15.71
CA LYS C 116 8.21 10.71 16.67
C LYS C 116 9.53 10.87 15.94
N GLY C 117 10.38 11.76 16.44
CA GLY C 117 11.66 11.99 15.80
C GLY C 117 11.57 12.86 14.58
N GLY C 118 10.39 13.42 14.27
CA GLY C 118 10.24 14.35 13.16
C GLY C 118 11.09 15.60 13.31
N TYR C 119 11.47 15.94 14.55
CA TYR C 119 12.27 17.13 14.78
C TYR C 119 13.66 16.97 14.18
N GLU C 120 14.29 15.81 14.41
CA GLU C 120 15.63 15.58 13.88
C GLU C 120 15.62 15.47 12.37
N ILE C 121 14.54 14.92 11.81
CA ILE C 121 14.50 14.78 10.36
C ILE C 121 14.31 16.13 9.71
N ALA C 122 13.60 17.03 10.37
CA ALA C 122 13.41 18.36 9.79
C ALA C 122 14.70 19.17 9.87
N MET C 123 15.43 19.06 10.98
CA MET C 123 16.73 19.72 11.11
C MET C 123 17.67 19.23 10.01
N LEU C 124 17.63 17.94 9.73
CA LEU C 124 18.41 17.34 8.65
C LEU C 124 17.95 17.87 7.29
N SER C 125 16.64 17.84 7.05
CA SER C 125 16.10 18.38 5.82
C SER C 125 16.61 19.79 5.62
N CYS C 126 16.51 20.61 6.66
CA CYS C 126 17.02 21.98 6.63
C CYS C 126 18.51 22.03 6.31
N GLY C 127 19.30 21.10 6.87
CA GLY C 127 20.72 21.08 6.59
C GLY C 127 21.05 20.95 5.11
N LEU C 128 20.24 20.18 4.38
CA LEU C 128 20.46 20.02 2.95
C LEU C 128 20.40 21.36 2.24
N ALA C 129 19.42 22.21 2.58
CA ALA C 129 19.29 23.49 1.88
C ALA C 129 20.36 24.47 2.34
N ILE C 130 20.70 24.44 3.64
CA ILE C 130 21.83 25.23 4.12
C ILE C 130 23.10 24.86 3.34
N ALA C 131 23.35 23.56 3.19
CA ALA C 131 24.58 23.08 2.55
C ALA C 131 24.63 23.48 1.09
N ALA C 132 23.53 23.26 0.36
CA ALA C 132 23.48 23.65 -1.05
C ALA C 132 23.80 25.14 -1.21
N VAL C 133 23.19 25.99 -0.37
CA VAL C 133 23.47 27.42 -0.50
C VAL C 133 24.92 27.71 -0.15
N ASP C 134 25.40 27.12 0.95
CA ASP C 134 26.75 27.39 1.42
C ASP C 134 27.79 26.97 0.39
N ASP C 135 27.59 25.80 -0.22
CA ASP C 135 28.59 25.26 -1.14
C ASP C 135 28.58 25.99 -2.48
N VAL C 136 27.42 26.48 -2.91
CA VAL C 136 27.40 27.28 -4.12
C VAL C 136 28.07 28.62 -3.87
N LEU C 137 27.77 29.27 -2.73
CA LEU C 137 28.42 30.55 -2.48
C LEU C 137 29.92 30.38 -2.29
N SER C 138 30.36 29.23 -1.79
CA SER C 138 31.79 29.02 -1.62
C SER C 138 32.48 28.53 -2.90
N GLY C 139 31.72 28.24 -3.94
CA GLY C 139 32.32 27.75 -5.17
C GLY C 139 32.62 26.26 -5.16
N LYS C 140 32.22 25.54 -4.10
CA LYS C 140 32.47 24.10 -4.05
C LYS C 140 31.85 23.40 -5.25
N VAL C 141 30.66 23.87 -5.66
CA VAL C 141 29.97 23.36 -6.83
C VAL C 141 29.43 24.57 -7.56
N ASP C 142 29.09 24.40 -8.83
CA ASP C 142 28.56 25.53 -9.60
C ASP C 142 27.08 25.77 -9.30
N ASN C 143 26.31 24.71 -9.07
CA ASN C 143 24.90 24.87 -8.72
C ASN C 143 24.49 23.59 -7.98
N ALA C 144 23.31 23.64 -7.38
CA ALA C 144 22.94 22.59 -6.43
C ALA C 144 21.44 22.30 -6.48
N TYR C 145 21.10 21.05 -6.14
CA TYR C 145 19.72 20.60 -5.92
C TYR C 145 19.67 19.99 -4.53
N ALA C 146 18.80 20.53 -3.68
CA ALA C 146 18.57 19.99 -2.34
C ALA C 146 17.24 19.26 -2.32
N LEU C 147 17.27 17.94 -2.16
CA LEU C 147 16.05 17.14 -2.07
C LEU C 147 15.56 17.18 -0.62
N CYS C 148 15.01 18.35 -0.23
CA CYS C 148 14.46 18.52 1.10
C CYS C 148 13.13 17.80 1.23
N ARG C 149 12.95 17.18 2.40
CA ARG C 149 11.70 16.63 2.92
C ARG C 149 11.87 16.48 4.43
N PRO C 150 11.03 17.13 5.25
CA PRO C 150 9.90 17.97 4.89
C PRO C 150 10.29 19.27 4.18
N ALA C 151 9.33 19.81 3.44
CA ALA C 151 9.53 21.04 2.68
C ALA C 151 9.57 22.24 3.62
N GLY C 152 9.65 23.46 3.06
CA GLY C 152 9.74 24.64 3.91
C GLY C 152 8.93 25.89 3.58
N HIS C 153 8.50 26.06 2.32
CA HIS C 153 8.09 27.39 1.88
C HIS C 153 6.75 27.85 2.46
N HIS C 154 6.02 27.03 3.21
CA HIS C 154 4.81 27.50 3.89
C HIS C 154 5.04 27.83 5.36
N CYS C 155 6.22 27.53 5.90
CA CYS C 155 6.40 27.62 7.33
C CYS C 155 6.65 29.07 7.72
N LEU C 156 5.79 29.59 8.59
CA LEU C 156 5.96 30.92 9.15
C LEU C 156 6.99 30.89 10.28
N ALA C 157 7.41 32.08 10.72
CA ALA C 157 8.42 32.17 11.76
C ALA C 157 8.05 31.32 12.98
N ASP C 158 6.80 31.38 13.41
CA ASP C 158 6.40 30.65 14.62
C ASP C 158 5.29 29.64 14.36
N THR C 159 4.92 29.39 13.10
CA THR C 159 3.80 28.51 12.77
C THR C 159 4.16 27.62 11.59
N PRO C 160 4.26 26.29 11.77
CA PRO C 160 4.39 25.40 10.61
C PRO C 160 3.04 25.26 9.92
N MET C 161 3.07 25.08 8.60
CA MET C 161 1.84 24.76 7.89
C MET C 161 2.14 24.09 6.56
N GLY C 162 1.12 23.41 6.04
CA GLY C 162 1.18 22.82 4.72
C GLY C 162 2.41 21.95 4.49
N PHE C 163 2.67 21.03 5.43
CA PHE C 163 3.72 20.01 5.36
C PHE C 163 5.12 20.57 5.60
N CYS C 164 5.24 21.81 6.07
CA CYS C 164 6.51 22.47 6.29
C CYS C 164 6.69 22.73 7.78
N LEU C 165 7.78 22.21 8.34
CA LEU C 165 8.05 22.27 9.78
C LEU C 165 9.13 23.28 10.14
N LEU C 166 9.99 23.63 9.19
CA LEU C 166 11.01 24.65 9.34
C LEU C 166 11.08 25.44 8.06
N ALA C 167 11.56 26.68 8.16
CA ALA C 167 11.65 27.56 6.99
C ALA C 167 12.98 27.33 6.27
N ASN C 168 13.04 26.20 5.56
CA ASN C 168 14.30 25.75 4.94
C ASN C 168 15.02 26.86 4.20
N ILE C 169 14.39 27.44 3.17
CA ILE C 169 15.07 28.45 2.35
C ILE C 169 15.39 29.69 3.18
N PRO C 170 14.46 30.29 3.94
CA PRO C 170 14.84 31.42 4.80
C PRO C 170 16.01 31.12 5.73
N ILE C 171 16.03 29.93 6.34
CA ILE C 171 17.14 29.56 7.21
C ILE C 171 18.46 29.53 6.42
N ALA C 172 18.45 28.88 5.25
CA ALA C 172 19.67 28.86 4.44
C ALA C 172 20.09 30.27 4.01
N ILE C 173 19.13 31.14 3.72
CA ILE C 173 19.50 32.50 3.36
C ILE C 173 20.13 33.22 4.54
N GLU C 174 19.57 33.05 5.74
CA GLU C 174 20.12 33.80 6.87
C GLU C 174 21.50 33.29 7.26
N ALA C 175 21.71 31.97 7.19
CA ALA C 175 23.03 31.40 7.37
C ALA C 175 24.02 31.99 6.36
N ALA C 176 23.63 32.01 5.08
CA ALA C 176 24.51 32.57 4.04
C ALA C 176 24.85 34.04 4.28
N LYS C 177 23.91 34.83 4.77
CA LYS C 177 24.26 36.22 5.05
C LYS C 177 25.25 36.30 6.20
N ALA C 178 25.19 35.35 7.16
CA ALA C 178 26.12 35.34 8.29
C ALA C 178 27.49 34.81 7.89
N ARG C 179 27.56 33.87 6.94
CA ARG C 179 28.82 33.25 6.58
C ARG C 179 29.47 33.82 5.33
N HIS C 180 28.71 34.43 4.42
CA HIS C 180 29.27 34.99 3.20
C HIS C 180 29.02 36.49 3.02
N GLY C 181 28.18 37.10 3.84
CA GLY C 181 27.82 38.50 3.66
C GLY C 181 27.10 38.82 2.37
N ILE C 182 26.37 37.85 1.79
CA ILE C 182 25.73 38.05 0.50
C ILE C 182 24.65 39.13 0.60
N SER C 183 24.63 40.03 -0.38
CA SER C 183 23.79 41.23 -0.28
C SER C 183 22.37 40.99 -0.79
N ARG C 184 22.22 40.40 -1.96
CA ARG C 184 20.92 40.28 -2.62
C ARG C 184 20.67 38.84 -3.04
N VAL C 185 19.53 38.31 -2.61
CA VAL C 185 19.07 36.97 -2.96
C VAL C 185 17.66 37.06 -3.56
N ALA C 186 17.44 36.37 -4.66
CA ALA C 186 16.12 36.25 -5.23
C ALA C 186 15.65 34.82 -5.05
N VAL C 187 14.39 34.65 -4.62
CA VAL C 187 13.77 33.33 -4.47
C VAL C 187 12.62 33.24 -5.46
N VAL C 188 12.72 32.28 -6.36
CA VAL C 188 11.73 32.00 -7.40
C VAL C 188 11.02 30.74 -6.97
N ASP C 189 9.75 30.86 -6.54
CA ASP C 189 8.99 29.74 -5.97
C ASP C 189 7.98 29.30 -7.02
N TRP C 190 8.28 28.21 -7.73
CA TRP C 190 7.36 27.66 -8.71
C TRP C 190 6.68 26.38 -8.22
N ASP C 191 6.83 26.03 -6.94
CA ASP C 191 5.88 25.13 -6.32
C ASP C 191 4.48 25.68 -6.60
N VAL C 192 3.52 24.79 -6.85
CA VAL C 192 2.24 25.26 -7.33
C VAL C 192 1.44 26.02 -6.28
N HIS C 193 1.86 25.98 -5.01
CA HIS C 193 1.18 26.69 -3.94
C HIS C 193 1.98 27.93 -3.53
N HIS C 194 1.27 28.92 -2.98
CA HIS C 194 1.90 30.20 -2.64
C HIS C 194 3.00 29.99 -1.62
N GLY C 195 4.15 30.63 -1.82
CA GLY C 195 5.16 30.61 -0.78
C GLY C 195 4.93 31.61 0.34
N ASN C 196 3.83 31.43 1.10
CA ASN C 196 3.49 32.39 2.15
C ASN C 196 4.55 32.47 3.24
N GLY C 197 5.20 31.33 3.55
CA GLY C 197 6.28 31.36 4.52
C GLY C 197 7.41 32.29 4.12
N THR C 198 7.94 32.13 2.90
CA THR C 198 9.02 33.02 2.45
C THR C 198 8.57 34.46 2.38
N GLN C 199 7.37 34.69 1.85
CA GLN C 199 6.83 36.05 1.76
C GLN C 199 6.81 36.71 3.12
N SER C 200 6.31 36.00 4.12
CA SER C 200 6.13 36.56 5.45
C SER C 200 7.45 36.92 6.08
N ILE C 201 8.45 36.05 5.96
CA ILE C 201 9.69 36.23 6.71
C ILE C 201 10.48 37.43 6.19
N PHE C 202 10.46 37.66 4.87
CA PHE C 202 11.20 38.77 4.29
C PHE C 202 10.29 39.91 3.82
N TYR C 203 9.05 39.99 4.30
CA TYR C 203 8.08 40.91 3.73
C TYR C 203 8.52 42.38 3.81
N ASP C 204 9.26 42.76 4.86
CA ASP C 204 9.70 44.14 4.98
C ASP C 204 11.19 44.31 4.70
N ARG C 205 11.78 43.38 3.96
CA ARG C 205 13.20 43.43 3.65
C ARG C 205 13.41 43.54 2.15
N ALA C 206 14.37 44.38 1.76
CA ALA C 206 14.68 44.61 0.36
C ALA C 206 15.87 43.80 -0.13
N ASP C 207 16.60 43.12 0.77
CA ASP C 207 17.73 42.30 0.36
C ASP C 207 17.32 40.92 -0.15
N VAL C 208 16.11 40.45 0.12
CA VAL C 208 15.62 39.18 -0.43
C VAL C 208 14.38 39.48 -1.24
N LEU C 209 14.45 39.25 -2.54
CA LEU C 209 13.31 39.36 -3.43
C LEU C 209 12.56 38.03 -3.47
N THR C 210 11.30 38.03 -3.05
CA THR C 210 10.53 36.81 -2.95
C THR C 210 9.49 36.79 -4.06
N ILE C 211 9.59 35.78 -4.94
CA ILE C 211 8.69 35.60 -6.06
C ILE C 211 7.96 34.26 -5.89
N SER C 212 6.63 34.30 -5.94
CA SER C 212 5.83 33.09 -5.93
C SER C 212 4.91 33.06 -7.15
N ILE C 213 5.03 31.99 -7.94
CA ILE C 213 4.10 31.63 -9.00
C ILE C 213 3.24 30.51 -8.45
N HIS C 214 1.91 30.68 -8.47
CA HIS C 214 1.07 29.68 -7.79
C HIS C 214 -0.34 29.67 -8.37
N GLN C 215 -1.01 28.53 -8.20
CA GLN C 215 -2.41 28.45 -8.58
C GLN C 215 -3.25 29.41 -7.74
N ASP C 216 -3.98 30.28 -8.44
CA ASP C 216 -4.91 31.21 -7.81
C ASP C 216 -5.81 30.51 -6.79
N ARG C 217 -5.71 30.94 -5.53
CA ARG C 217 -6.58 30.54 -4.41
C ARG C 217 -6.41 29.12 -3.88
N CYS C 218 -5.33 28.42 -4.19
CA CYS C 218 -5.22 27.01 -3.80
C CYS C 218 -4.73 26.87 -2.36
N PHE C 219 -3.46 27.15 -2.10
CA PHE C 219 -3.01 27.08 -0.72
C PHE C 219 -1.98 28.17 -0.44
N PRO C 220 -2.19 29.03 0.58
CA PRO C 220 -3.36 29.13 1.49
C PRO C 220 -4.68 29.30 0.74
N PRO C 221 -5.71 28.53 1.09
CA PRO C 221 -6.97 28.57 0.35
C PRO C 221 -7.49 30.00 0.24
N GLY C 222 -7.99 30.35 -0.93
CA GLY C 222 -8.58 31.65 -1.17
C GLY C 222 -7.62 32.78 -1.44
N TYR C 223 -6.30 32.56 -1.36
CA TYR C 223 -5.34 33.65 -1.47
C TYR C 223 -4.81 33.81 -2.90
N SER C 224 -4.74 35.05 -3.39
CA SER C 224 -4.12 35.35 -4.69
C SER C 224 -2.85 36.18 -4.49
N GLY C 225 -2.96 37.42 -3.98
CA GLY C 225 -1.81 38.16 -3.48
C GLY C 225 -1.07 39.07 -4.45
N ALA C 226 -1.58 39.28 -5.67
CA ALA C 226 -0.79 40.07 -6.62
C ALA C 226 -0.59 41.52 -6.17
N GLU C 227 -1.42 42.02 -5.26
CA GLU C 227 -1.27 43.38 -4.76
C GLU C 227 -0.42 43.44 -3.49
N ASP C 228 -0.10 42.29 -2.88
CA ASP C 228 0.82 42.24 -1.74
C ASP C 228 2.25 42.21 -2.27
N ARG C 229 2.87 43.39 -2.27
CA ARG C 229 4.15 43.63 -2.92
C ARG C 229 5.26 43.98 -1.93
N GLY C 230 4.98 43.91 -0.63
CA GLY C 230 5.95 44.22 0.41
C GLY C 230 5.51 45.43 1.23
N GLU C 231 6.24 45.66 2.32
CA GLU C 231 5.94 46.74 3.25
C GLU C 231 7.24 47.41 3.68
N GLY C 232 7.15 48.71 4.00
CA GLY C 232 8.31 49.45 4.46
C GLY C 232 9.47 49.33 3.51
N ALA C 233 10.64 48.96 4.05
CA ALA C 233 11.82 48.82 3.20
C ALA C 233 11.65 47.73 2.14
N GLY C 234 10.83 46.73 2.43
CA GLY C 234 10.56 45.66 1.48
C GLY C 234 9.49 45.95 0.45
N LEU C 235 9.01 47.20 0.35
CA LEU C 235 7.97 47.52 -0.64
C LEU C 235 8.55 47.41 -2.05
N GLY C 236 7.93 46.57 -2.87
CA GLY C 236 8.44 46.30 -4.20
C GLY C 236 9.35 45.09 -4.29
N TYR C 237 9.55 44.37 -3.18
CA TYR C 237 10.47 43.22 -3.13
C TYR C 237 9.75 41.93 -2.78
N ASN C 238 8.42 41.91 -2.95
CA ASN C 238 7.64 40.69 -2.98
C ASN C 238 6.77 40.70 -4.22
N LEU C 239 6.67 39.58 -4.91
CA LEU C 239 6.01 39.54 -6.21
C LEU C 239 5.23 38.24 -6.31
N ASN C 240 3.91 38.34 -6.21
CA ASN C 240 3.03 37.20 -6.38
C ASN C 240 2.48 37.16 -7.79
N VAL C 241 2.58 35.98 -8.40
CA VAL C 241 2.10 35.72 -9.75
C VAL C 241 1.07 34.60 -9.68
N PRO C 242 -0.18 34.90 -9.33
CA PRO C 242 -1.22 33.86 -9.37
C PRO C 242 -1.61 33.58 -10.81
N LEU C 243 -1.89 32.31 -11.07
CA LEU C 243 -2.27 31.87 -12.39
C LEU C 243 -3.53 31.04 -12.24
N PRO C 244 -4.47 31.15 -13.18
CA PRO C 244 -5.74 30.42 -13.01
C PRO C 244 -5.51 28.92 -12.99
N ALA C 245 -6.34 28.23 -12.21
CA ALA C 245 -6.35 26.78 -12.26
C ALA C 245 -6.52 26.34 -13.70
N GLY C 246 -5.82 25.28 -14.11
CA GLY C 246 -5.94 24.79 -15.47
C GLY C 246 -4.95 25.38 -16.47
N ALA C 247 -4.11 26.32 -16.04
CA ALA C 247 -3.01 26.85 -16.84
C ALA C 247 -1.90 25.81 -16.95
N GLY C 248 -1.12 25.88 -18.03
CA GLY C 248 -0.09 24.90 -18.32
C GLY C 248 1.16 25.49 -18.92
N HIS C 249 1.74 24.77 -19.89
CA HIS C 249 3.12 25.03 -20.28
C HIS C 249 3.30 26.44 -20.82
N ASP C 250 2.51 26.81 -21.83
CA ASP C 250 2.67 28.12 -22.46
C ASP C 250 2.37 29.25 -21.48
N ALA C 251 1.39 29.07 -20.61
CA ALA C 251 1.09 30.09 -19.61
C ALA C 251 2.27 30.31 -18.68
N TYR C 252 2.84 29.22 -18.15
CA TYR C 252 3.99 29.35 -17.25
C TYR C 252 5.17 30.02 -17.94
N VAL C 253 5.48 29.62 -19.18
CA VAL C 253 6.65 30.24 -19.80
C VAL C 253 6.36 31.71 -20.13
N GLN C 254 5.12 32.07 -20.47
CA GLN C 254 4.81 33.49 -20.64
C GLN C 254 5.00 34.27 -19.34
N ALA C 255 4.49 33.71 -18.24
CA ALA C 255 4.67 34.31 -16.93
C ALA C 255 6.14 34.52 -16.60
N PHE C 256 6.98 33.54 -16.94
CA PHE C 256 8.41 33.66 -16.66
C PHE C 256 9.06 34.67 -17.58
N ASP C 257 8.70 34.65 -18.88
CA ASP C 257 9.30 35.59 -19.82
C ASP C 257 8.93 37.03 -19.48
N ASP C 258 7.68 37.25 -19.07
CA ASP C 258 7.12 38.60 -18.96
C ASP C 258 7.10 39.14 -17.54
N ILE C 259 7.24 38.30 -16.51
CA ILE C 259 7.21 38.79 -15.14
C ILE C 259 8.44 38.36 -14.35
N VAL C 260 8.65 37.04 -14.25
CA VAL C 260 9.68 36.51 -13.36
C VAL C 260 11.06 36.96 -13.80
N VAL C 261 11.40 36.74 -15.07
CA VAL C 261 12.74 37.02 -15.56
C VAL C 261 13.01 38.53 -15.56
N PRO C 262 12.09 39.40 -15.99
CA PRO C 262 12.40 40.83 -15.86
C PRO C 262 12.57 41.27 -14.42
N ALA C 263 11.81 40.70 -13.48
CA ALA C 263 11.99 41.10 -12.09
C ALA C 263 13.38 40.71 -11.59
N LEU C 264 13.84 39.53 -11.99
CA LEU C 264 15.21 39.12 -11.65
C LEU C 264 16.22 40.10 -12.24
N ASP C 265 16.07 40.43 -13.52
CA ASP C 265 16.94 41.39 -14.17
C ASP C 265 16.94 42.73 -13.44
N ASP C 266 15.76 43.19 -13.00
CA ASP C 266 15.70 44.46 -12.28
C ASP C 266 16.50 44.40 -10.98
N PHE C 267 16.40 43.27 -10.27
CA PHE C 267 16.84 43.17 -8.87
C PHE C 267 18.34 42.93 -8.74
N LYS C 268 18.96 42.29 -9.74
CA LYS C 268 20.40 42.04 -9.70
C LYS C 268 20.79 41.21 -8.47
N PRO C 269 20.33 39.97 -8.35
CA PRO C 269 20.71 39.14 -7.19
C PRO C 269 22.17 38.70 -7.25
N ASP C 270 22.71 38.39 -6.09
CA ASP C 270 23.99 37.70 -6.05
C ASP C 270 23.83 36.18 -5.97
N LEU C 271 22.59 35.70 -5.92
CA LEU C 271 22.26 34.29 -5.83
C LEU C 271 20.79 34.16 -6.18
N ILE C 272 20.44 33.18 -7.01
CA ILE C 272 19.06 32.79 -7.25
C ILE C 272 18.81 31.44 -6.57
N ILE C 273 17.68 31.34 -5.88
CA ILE C 273 17.24 30.11 -5.23
C ILE C 273 15.85 29.78 -5.78
N VAL C 274 15.68 28.56 -6.29
CA VAL C 274 14.39 28.08 -6.73
C VAL C 274 13.82 27.21 -5.62
N ALA C 275 12.68 27.64 -5.06
CA ALA C 275 11.83 26.75 -4.28
C ALA C 275 11.08 25.90 -5.29
N SER C 276 11.55 24.67 -5.54
CA SER C 276 11.00 23.88 -6.62
C SER C 276 10.01 22.86 -6.06
N GLY C 277 8.73 23.20 -6.06
CA GLY C 277 7.70 22.18 -5.96
C GLY C 277 7.45 21.59 -7.33
N LEU C 278 7.12 20.30 -7.37
CA LEU C 278 6.78 19.67 -8.64
C LEU C 278 5.29 19.39 -8.73
N ASP C 279 4.50 20.08 -7.93
CA ASP C 279 3.08 19.79 -7.84
C ASP C 279 2.22 20.57 -8.84
N ALA C 280 2.83 21.37 -9.72
CA ALA C 280 2.09 21.89 -10.87
C ALA C 280 2.05 20.89 -12.03
N ASN C 281 2.50 19.65 -11.81
CA ASN C 281 2.49 18.66 -12.88
C ASN C 281 1.06 18.23 -13.21
N SER C 282 0.88 17.70 -14.42
CA SER C 282 -0.45 17.46 -14.98
C SER C 282 -1.29 16.42 -14.23
N VAL C 283 -0.72 15.62 -13.33
CA VAL C 283 -1.58 14.66 -12.63
C VAL C 283 -1.45 14.78 -11.12
N ASP C 284 -1.04 15.95 -10.64
CA ASP C 284 -0.92 16.11 -9.20
C ASP C 284 -2.32 16.15 -8.59
N PRO C 285 -2.55 15.42 -7.50
CA PRO C 285 -3.85 15.53 -6.82
C PRO C 285 -4.04 16.85 -6.08
N LEU C 286 -2.97 17.54 -5.70
CA LEU C 286 -3.14 18.70 -4.83
C LEU C 286 -3.14 20.02 -5.60
N ALA C 287 -3.21 19.99 -6.93
CA ALA C 287 -3.46 21.22 -7.68
C ALA C 287 -4.02 20.86 -9.05
N ARG C 288 -4.36 21.89 -9.83
CA ARG C 288 -5.11 21.75 -11.08
C ARG C 288 -4.36 22.28 -12.30
N MET C 289 -3.02 22.20 -12.30
CA MET C 289 -2.19 22.75 -13.37
C MET C 289 -1.77 21.66 -14.37
N LEU C 290 -1.19 22.09 -15.49
CA LEU C 290 -0.88 21.15 -16.58
C LEU C 290 0.55 21.30 -17.05
N LEU C 291 1.51 21.28 -16.12
CA LEU C 291 2.91 21.21 -16.52
C LEU C 291 3.30 19.76 -16.80
N HIS C 292 4.37 19.60 -17.58
CA HIS C 292 4.94 18.30 -17.86
C HIS C 292 6.44 18.38 -17.72
N SER C 293 7.12 17.28 -18.05
CA SER C 293 8.55 17.15 -17.78
C SER C 293 9.35 18.23 -18.51
N GLU C 294 9.00 18.49 -19.77
CA GLU C 294 9.72 19.48 -20.55
C GLU C 294 9.48 20.92 -20.06
N SER C 295 8.28 21.23 -19.55
CA SER C 295 8.06 22.47 -18.83
C SER C 295 9.17 22.72 -17.81
N TYR C 296 9.46 21.71 -16.99
CA TYR C 296 10.42 21.91 -15.91
C TYR C 296 11.84 21.99 -16.42
N ARG C 297 12.17 21.26 -17.48
CA ARG C 297 13.46 21.45 -18.12
C ARG C 297 13.62 22.89 -18.59
N LEU C 298 12.60 23.42 -19.28
CA LEU C 298 12.70 24.77 -19.85
C LEU C 298 12.74 25.87 -18.78
N LEU C 299 11.95 25.70 -17.70
CA LEU C 299 11.99 26.70 -16.63
C LEU C 299 13.33 26.68 -15.92
N THR C 300 13.92 25.50 -15.73
CA THR C 300 15.24 25.45 -15.12
C THR C 300 16.27 26.12 -16.01
N GLN C 301 16.17 25.92 -17.33
CA GLN C 301 17.09 26.57 -18.25
C GLN C 301 16.95 28.09 -18.18
N LYS C 302 15.73 28.61 -18.07
CA LYS C 302 15.59 30.06 -17.89
C LYS C 302 16.28 30.51 -16.61
N MET C 303 16.22 29.67 -15.55
CA MET C 303 16.86 30.07 -14.30
C MET C 303 18.39 29.98 -14.43
N LEU C 304 18.88 28.93 -15.10
CA LEU C 304 20.30 28.80 -15.38
C LEU C 304 20.81 29.97 -16.21
N ASP C 305 20.07 30.37 -17.25
CA ASP C 305 20.50 31.49 -18.08
C ASP C 305 20.50 32.78 -17.26
N ALA C 306 19.46 33.01 -16.47
CA ALA C 306 19.39 34.19 -15.62
C ALA C 306 20.54 34.23 -14.62
N ALA C 307 20.92 33.08 -14.08
CA ALA C 307 21.97 33.06 -13.06
C ALA C 307 23.34 33.29 -13.69
N ALA C 308 23.57 32.75 -14.90
CA ALA C 308 24.81 33.02 -15.61
C ALA C 308 24.92 34.50 -15.96
N ARG C 309 23.80 35.12 -16.28
CA ARG C 309 23.76 36.51 -16.71
C ARG C 309 23.87 37.47 -15.53
N LEU C 310 23.44 37.05 -14.35
CA LEU C 310 23.24 37.99 -13.25
C LEU C 310 24.13 37.75 -12.03
N CYS C 311 24.59 36.51 -11.80
CA CYS C 311 25.26 36.19 -10.54
C CYS C 311 26.22 35.01 -10.70
N GLY C 312 26.90 34.95 -11.85
CA GLY C 312 27.97 33.99 -12.05
C GLY C 312 27.56 32.53 -12.01
N GLY C 313 26.35 32.21 -12.47
CA GLY C 313 25.84 30.85 -12.47
C GLY C 313 25.37 30.34 -11.13
N LYS C 314 25.41 31.16 -10.09
CA LYS C 314 25.06 30.75 -8.74
C LYS C 314 23.57 30.48 -8.66
N LEU C 315 23.20 29.21 -8.76
CA LEU C 315 21.80 28.78 -8.75
C LEU C 315 21.65 27.58 -7.80
N VAL C 316 20.61 27.62 -6.96
CA VAL C 316 20.34 26.58 -5.98
C VAL C 316 18.86 26.22 -6.10
N VAL C 317 18.56 24.93 -6.25
CA VAL C 317 17.19 24.45 -6.37
C VAL C 317 16.88 23.65 -5.11
N VAL C 318 15.76 23.98 -4.45
CA VAL C 318 15.39 23.34 -3.21
C VAL C 318 14.01 22.72 -3.40
N HIS C 319 13.95 21.38 -3.34
CA HIS C 319 12.69 20.68 -3.46
C HIS C 319 11.69 21.10 -2.40
N GLU C 320 10.42 21.26 -2.82
CA GLU C 320 9.35 21.58 -1.89
C GLU C 320 8.26 20.51 -2.02
N GLY C 321 7.14 20.85 -2.68
CA GLY C 321 6.01 19.94 -2.83
C GLY C 321 6.09 19.08 -4.08
N GLY C 322 5.00 18.35 -4.32
CA GLY C 322 4.96 17.35 -5.38
C GLY C 322 4.45 16.03 -4.83
N TYR C 323 3.29 15.58 -5.33
CA TYR C 323 2.50 14.53 -4.68
C TYR C 323 2.09 13.39 -5.60
N ALA C 324 2.32 13.50 -6.91
CA ALA C 324 2.00 12.44 -7.86
C ALA C 324 3.21 11.51 -8.01
N GLU C 325 3.20 10.38 -7.28
CA GLU C 325 4.37 9.50 -7.21
C GLU C 325 4.78 9.00 -8.59
N ALA C 326 3.83 8.84 -9.51
CA ALA C 326 4.20 8.25 -10.78
C ALA C 326 4.78 9.27 -11.74
N TYR C 327 4.44 10.56 -11.61
CA TYR C 327 4.89 11.53 -12.60
C TYR C 327 5.93 12.52 -12.07
N VAL C 328 5.97 12.77 -10.76
CA VAL C 328 7.01 13.63 -10.18
C VAL C 328 8.42 13.22 -10.58
N PRO C 329 8.80 11.92 -10.54
CA PRO C 329 10.15 11.54 -10.99
C PRO C 329 10.54 12.08 -12.36
N PHE C 330 9.67 11.96 -13.35
CA PHE C 330 10.02 12.43 -14.70
C PHE C 330 10.17 13.96 -14.75
N CYS C 331 9.35 14.69 -14.00
CA CYS C 331 9.47 16.16 -14.00
C CYS C 331 10.77 16.59 -13.32
N GLY C 332 11.08 15.96 -12.18
CA GLY C 332 12.29 16.33 -11.48
C GLY C 332 13.55 15.89 -12.21
N HIS C 333 13.48 14.75 -12.91
CA HIS C 333 14.64 14.24 -13.63
C HIS C 333 15.00 15.16 -14.80
N ALA C 334 13.99 15.63 -15.54
CA ALA C 334 14.24 16.59 -16.61
C ALA C 334 14.82 17.89 -16.06
N LEU C 335 14.30 18.34 -14.90
CA LEU C 335 14.91 19.44 -14.16
C LEU C 335 16.37 19.17 -13.84
N LEU C 336 16.66 17.98 -13.30
CA LEU C 336 18.05 17.66 -12.95
C LEU C 336 18.93 17.62 -14.19
N GLU C 337 18.43 17.04 -15.29
CA GLU C 337 19.18 17.06 -16.54
C GLU C 337 19.58 18.49 -16.93
N ALA C 338 18.61 19.41 -16.97
CA ALA C 338 18.92 20.80 -17.27
C ALA C 338 20.00 21.34 -16.33
N LEU C 339 19.77 21.23 -15.03
CA LEU C 339 20.64 21.81 -14.01
C LEU C 339 22.09 21.37 -14.18
N SER C 340 22.32 20.09 -14.43
CA SER C 340 23.67 19.58 -14.57
C SER C 340 24.17 19.63 -16.01
N GLY C 341 23.34 20.08 -16.95
CA GLY C 341 23.71 20.01 -18.35
C GLY C 341 24.01 18.62 -18.86
N GLU C 342 23.47 17.58 -18.24
CA GLU C 342 23.62 16.21 -18.72
C GLU C 342 22.35 15.77 -19.43
N ARG C 343 22.48 14.79 -20.33
CA ARG C 343 21.36 14.12 -20.97
C ARG C 343 21.47 12.63 -20.71
N THR C 344 20.33 11.99 -20.48
CA THR C 344 20.25 10.55 -20.26
C THR C 344 19.29 9.96 -21.27
N ALA C 345 19.19 8.63 -21.27
CA ALA C 345 18.23 7.92 -22.08
C ALA C 345 16.79 7.98 -21.54
N VAL C 346 16.54 8.58 -20.38
CA VAL C 346 15.19 8.60 -19.82
C VAL C 346 14.22 9.24 -20.82
N VAL C 347 13.13 8.54 -21.11
CA VAL C 347 12.05 9.11 -21.89
C VAL C 347 10.79 9.12 -21.02
N ASP C 348 10.06 10.26 -21.01
CA ASP C 348 8.83 10.47 -20.27
C ASP C 348 7.66 9.80 -20.98
N PRO C 349 7.09 8.69 -20.44
CA PRO C 349 6.04 7.99 -21.20
C PRO C 349 4.73 8.74 -21.26
N VAL C 350 4.58 9.82 -20.47
CA VAL C 350 3.38 10.64 -20.43
C VAL C 350 3.48 11.88 -21.32
N LEU C 351 4.63 12.15 -21.91
CA LEU C 351 4.87 13.49 -22.45
C LEU C 351 3.89 13.83 -23.58
N GLU C 352 3.68 12.89 -24.50
CA GLU C 352 2.86 13.17 -25.68
C GLU C 352 1.40 13.37 -25.32
N MET C 353 0.91 12.64 -24.32
CA MET C 353 -0.44 12.87 -23.81
C MET C 353 -0.53 14.22 -23.10
N ALA C 354 0.48 14.57 -22.31
CA ALA C 354 0.46 15.86 -21.62
C ALA C 354 0.42 17.01 -22.62
N GLU C 355 1.11 16.86 -23.75
CA GLU C 355 1.06 17.88 -24.78
C GLU C 355 -0.33 17.96 -25.42
N ALA C 356 -0.97 16.81 -25.68
CA ALA C 356 -2.33 16.82 -26.21
C ALA C 356 -3.31 17.47 -25.24
N TRP C 357 -3.02 17.37 -23.94
CA TRP C 357 -3.89 17.87 -22.88
C TRP C 357 -3.88 19.38 -22.75
N GLN C 358 -2.86 20.04 -23.31
CA GLN C 358 -2.62 21.46 -23.02
C GLN C 358 -3.80 22.32 -23.45
N PRO C 359 -3.94 23.50 -22.88
CA PRO C 359 -5.06 24.37 -23.24
C PRO C 359 -5.03 24.70 -24.73
N GLY C 360 -6.21 24.73 -25.32
CA GLY C 360 -6.34 25.09 -26.70
C GLY C 360 -6.38 26.60 -26.87
N PRO C 361 -6.71 27.05 -28.08
CA PRO C 361 -6.54 28.47 -28.42
C PRO C 361 -7.44 29.42 -27.65
N GLU C 362 -8.68 29.04 -27.39
CA GLU C 362 -9.53 29.94 -26.62
C GLU C 362 -9.00 30.10 -25.20
N ALA C 363 -8.70 28.98 -24.52
CA ALA C 363 -8.15 29.08 -23.17
C ALA C 363 -6.79 29.78 -23.18
N ALA C 364 -6.00 29.57 -24.24
CA ALA C 364 -4.67 30.17 -24.29
C ALA C 364 -4.74 31.70 -24.39
N ALA C 365 -5.70 32.24 -25.16
CA ALA C 365 -5.85 33.69 -25.17
C ALA C 365 -6.25 34.23 -23.80
N PHE C 366 -7.00 33.47 -23.02
CA PHE C 366 -7.38 33.88 -21.67
C PHE C 366 -6.18 33.94 -20.74
N HIS C 367 -5.33 32.90 -20.79
CA HIS C 367 -4.13 32.91 -19.98
C HIS C 367 -3.20 34.06 -20.35
N ARG C 368 -3.11 34.38 -21.65
CA ARG C 368 -2.30 35.50 -22.10
C ARG C 368 -2.90 36.83 -21.65
N GLN C 369 -4.22 36.96 -21.74
CA GLN C 369 -4.88 38.14 -21.18
C GLN C 369 -4.67 38.23 -19.68
N TRP C 370 -4.72 37.10 -18.99
CA TRP C 370 -4.56 37.12 -17.53
C TRP C 370 -3.16 37.60 -17.17
N ILE C 371 -2.15 37.07 -17.86
CA ILE C 371 -0.77 37.44 -17.54
C ILE C 371 -0.47 38.90 -17.93
N ASP C 372 -1.00 39.34 -19.09
CA ASP C 372 -0.81 40.73 -19.51
C ASP C 372 -1.38 41.71 -18.48
N ARG C 373 -2.46 41.34 -17.80
CA ARG C 373 -3.03 42.22 -16.78
C ARG C 373 -2.15 42.27 -15.54
N LEU C 374 -1.60 41.13 -15.12
CA LEU C 374 -0.63 41.13 -14.03
C LEU C 374 0.54 42.05 -14.35
N VAL C 375 1.01 41.99 -15.61
CA VAL C 375 2.10 42.85 -16.06
C VAL C 375 1.69 44.31 -16.00
N ALA C 376 0.52 44.64 -16.57
CA ALA C 376 0.02 46.00 -16.53
C ALA C 376 -0.13 46.49 -15.09
N ASP C 377 -0.72 45.65 -14.23
CA ASP C 377 -0.94 46.07 -12.84
C ASP C 377 0.36 46.37 -12.12
N LEU C 378 1.47 45.82 -12.57
CA LEU C 378 2.74 46.03 -11.92
C LEU C 378 3.41 47.34 -12.34
N GLY C 379 2.73 48.19 -13.10
CA GLY C 379 3.44 49.14 -13.93
C GLY C 379 4.14 48.30 -15.00
N LYS C 380 3.67 48.42 -16.23
CA LYS C 380 3.94 47.42 -17.27
C LYS C 380 5.40 47.30 -17.73
N MET D 12 34.44 -9.23 9.51
CA MET D 12 35.37 -8.12 9.74
C MET D 12 36.31 -7.89 8.60
N ALA D 13 36.21 -6.69 8.01
CA ALA D 13 37.20 -6.20 7.06
C ALA D 13 36.74 -4.98 6.29
N ARG D 14 37.56 -4.54 5.33
N ARG D 14 37.55 -4.54 5.32
CA ARG D 14 37.03 -3.78 4.22
CA ARG D 14 36.98 -3.70 4.28
C ARG D 14 36.01 -4.65 3.50
C ARG D 14 36.04 -4.57 3.44
N THR D 15 34.77 -4.16 3.42
CA THR D 15 33.68 -4.97 2.92
C THR D 15 33.12 -4.26 1.70
N GLY D 16 33.02 -5.01 0.60
CA GLY D 16 32.28 -4.54 -0.54
C GLY D 16 30.81 -4.84 -0.35
N PHE D 17 29.98 -3.88 -0.76
CA PHE D 17 28.53 -4.02 -0.71
C PHE D 17 28.02 -3.82 -2.12
N TYR D 18 27.40 -4.84 -2.70
CA TYR D 18 27.10 -4.83 -4.13
C TYR D 18 25.59 -4.69 -4.28
N THR D 19 25.14 -3.50 -4.69
CA THR D 19 23.73 -3.24 -4.86
C THR D 19 23.49 -2.42 -6.13
N ASP D 20 22.26 -2.46 -6.65
CA ASP D 20 21.85 -1.53 -7.69
C ASP D 20 20.37 -1.18 -7.56
N GLU D 21 20.06 0.09 -7.80
CA GLU D 21 18.69 0.59 -7.65
C GLU D 21 17.69 -0.25 -8.42
N ARG D 22 18.07 -0.71 -9.61
CA ARG D 22 17.11 -1.41 -10.46
C ARG D 22 16.73 -2.81 -9.93
N THR D 23 17.52 -3.37 -9.01
CA THR D 23 17.09 -4.63 -8.38
C THR D 23 15.78 -4.46 -7.61
N PHE D 24 15.49 -3.25 -7.15
CA PHE D 24 14.23 -2.96 -6.47
C PHE D 24 13.09 -2.67 -7.46
N TRP D 25 13.37 -2.61 -8.75
CA TRP D 25 12.33 -2.38 -9.73
C TRP D 25 11.71 -3.67 -10.30
N HIS D 26 12.32 -4.83 -10.02
CA HIS D 26 11.71 -6.11 -10.36
C HIS D 26 10.38 -6.27 -9.62
N ALA D 27 9.33 -6.62 -10.33
CA ALA D 27 8.01 -6.77 -9.72
C ALA D 27 7.44 -8.12 -10.16
N THR D 28 6.92 -8.88 -9.18
CA THR D 28 6.42 -10.21 -9.49
C THR D 28 5.01 -10.17 -10.08
N GLY D 29 4.27 -9.09 -9.87
CA GLY D 29 2.95 -8.93 -10.44
C GLY D 29 1.88 -8.85 -9.37
N MET D 30 0.63 -8.88 -9.81
N MET D 30 0.63 -8.84 -9.84
CA MET D 30 -0.48 -8.63 -8.91
CA MET D 30 -0.55 -8.79 -8.98
C MET D 30 -0.84 -9.95 -8.23
C MET D 30 -0.74 -10.11 -8.28
N GLN D 31 -0.18 -10.25 -7.10
CA GLN D 31 -0.47 -11.39 -6.25
C GLN D 31 -0.84 -10.90 -4.86
N ALA D 32 -1.67 -11.69 -4.19
CA ALA D 32 -1.86 -11.57 -2.74
C ALA D 32 -0.87 -12.53 -2.10
N LEU D 33 0.12 -11.96 -1.38
CA LEU D 33 1.30 -12.71 -0.93
C LEU D 33 1.88 -13.45 -2.14
N PHE D 34 2.01 -14.78 -2.05
CA PHE D 34 2.47 -15.58 -3.19
C PHE D 34 1.33 -16.24 -3.97
N LEU D 35 0.09 -15.79 -3.78
CA LEU D 35 -1.05 -16.39 -4.48
C LEU D 35 -1.43 -15.53 -5.67
N PRO D 36 -1.50 -16.11 -6.86
CA PRO D 36 -1.88 -15.33 -8.05
C PRO D 36 -3.33 -14.89 -7.96
N VAL D 37 -3.58 -13.57 -8.10
CA VAL D 37 -4.97 -13.11 -8.06
C VAL D 37 -5.74 -13.82 -9.18
N GLY D 38 -7.06 -13.82 -9.04
CA GLY D 38 -7.89 -14.60 -9.92
C GLY D 38 -8.51 -15.76 -9.19
N ASP D 39 -9.57 -16.29 -9.81
CA ASP D 39 -10.44 -17.26 -9.15
C ASP D 39 -10.84 -16.75 -7.77
N TRP D 40 -10.46 -17.45 -6.72
CA TRP D 40 -10.95 -17.09 -5.39
C TRP D 40 -10.04 -16.12 -4.64
N VAL D 41 -8.93 -15.68 -5.23
CA VAL D 41 -7.97 -14.83 -4.54
C VAL D 41 -8.21 -13.38 -4.96
N GLN D 42 -8.61 -12.54 -3.99
CA GLN D 42 -8.90 -11.13 -4.19
C GLN D 42 -7.60 -10.32 -4.31
N PRO D 43 -7.52 -9.39 -5.26
CA PRO D 43 -6.30 -8.58 -5.38
C PRO D 43 -5.99 -7.86 -4.08
N PRO D 44 -4.71 -7.59 -3.82
CA PRO D 44 -4.35 -6.84 -2.60
C PRO D 44 -4.48 -5.34 -2.80
N ASN D 45 -4.95 -4.68 -1.75
CA ASN D 45 -5.01 -3.22 -1.70
C ASN D 45 -3.69 -2.58 -1.32
N GLY D 46 -2.81 -3.28 -0.61
CA GLY D 46 -1.52 -2.70 -0.29
C GLY D 46 -0.44 -3.02 -1.30
N THR D 47 0.76 -3.33 -0.81
CA THR D 47 1.82 -3.79 -1.70
C THR D 47 1.48 -5.18 -2.24
N ALA D 48 1.68 -5.37 -3.54
CA ALA D 48 1.39 -6.64 -4.18
C ALA D 48 2.60 -7.57 -4.05
N GLY D 49 2.32 -8.87 -3.97
CA GLY D 49 3.38 -9.86 -3.98
C GLY D 49 3.91 -10.22 -2.60
N ALA D 50 4.85 -11.17 -2.60
CA ALA D 50 5.59 -11.60 -1.42
C ALA D 50 7.03 -11.13 -1.45
N ASP D 51 7.72 -11.42 -2.55
CA ASP D 51 9.03 -10.81 -2.80
C ASP D 51 8.74 -9.37 -3.24
N THR D 52 8.55 -8.54 -2.27
CA THR D 52 8.28 -7.13 -2.56
C THR D 52 9.60 -6.36 -2.65
N PRO D 53 9.65 -5.30 -3.44
CA PRO D 53 10.86 -4.43 -3.43
C PRO D 53 11.31 -4.02 -2.03
N ASP D 54 10.37 -3.56 -1.19
CA ASP D 54 10.74 -3.08 0.13
C ASP D 54 11.24 -4.19 1.06
N SER D 55 10.81 -5.44 0.85
CA SER D 55 11.35 -6.50 1.68
C SER D 55 12.86 -6.63 1.54
N LYS D 56 13.44 -6.04 0.49
CA LYS D 56 14.89 -5.94 0.33
C LYS D 56 15.41 -4.52 0.52
N ARG D 57 14.73 -3.51 -0.02
CA ARG D 57 15.29 -2.15 0.05
C ARG D 57 15.44 -1.69 1.49
N ARG D 58 14.56 -2.12 2.38
CA ARG D 58 14.55 -1.56 3.73
C ARG D 58 15.80 -1.93 4.49
N LEU D 59 16.43 -3.05 4.13
CA LEU D 59 17.75 -3.37 4.67
C LEU D 59 18.75 -2.29 4.28
N LEU D 60 18.85 -2.00 2.99
CA LEU D 60 19.77 -0.95 2.55
C LEU D 60 19.40 0.40 3.17
N ASN D 61 18.10 0.70 3.30
CA ASN D 61 17.70 1.98 3.88
C ASN D 61 18.24 2.14 5.30
N LEU D 62 18.12 1.08 6.11
CA LEU D 62 18.61 1.13 7.50
C LEU D 62 20.13 1.19 7.55
N ALA D 63 20.81 0.48 6.65
CA ALA D 63 22.26 0.57 6.56
C ALA D 63 22.69 1.98 6.16
N HIS D 64 21.87 2.68 5.35
CA HIS D 64 22.13 4.11 5.14
C HIS D 64 21.85 4.91 6.41
N ALA D 65 20.64 4.79 6.95
CA ALA D 65 20.26 5.62 8.09
C ALA D 65 21.21 5.44 9.27
N SER D 66 21.79 4.25 9.45
CA SER D 66 22.69 4.01 10.57
C SER D 66 24.08 4.60 10.36
N GLY D 67 24.43 5.00 9.15
CA GLY D 67 25.81 5.32 8.85
C GLY D 67 26.66 4.12 8.54
N LEU D 68 26.09 2.91 8.50
CA LEU D 68 26.92 1.75 8.19
C LEU D 68 27.39 1.78 6.75
N ILE D 69 26.52 2.22 5.84
CA ILE D 69 26.84 2.22 4.42
C ILE D 69 28.12 3.02 4.13
N ARG D 70 28.40 4.06 4.94
CA ARG D 70 29.53 4.94 4.70
C ARG D 70 30.87 4.32 5.09
N LYS D 71 30.85 3.21 5.82
CA LYS D 71 32.07 2.47 6.13
C LYS D 71 32.34 1.31 5.16
N LEU D 72 31.46 1.09 4.18
CA LEU D 72 31.64 0.03 3.20
C LEU D 72 32.06 0.59 1.85
N THR D 73 32.59 -0.28 0.98
CA THR D 73 32.87 0.08 -0.41
C THR D 73 31.70 -0.36 -1.28
N LEU D 74 31.21 0.52 -2.13
CA LEU D 74 30.10 0.20 -3.03
C LEU D 74 30.53 0.28 -4.48
N PRO D 75 31.07 -0.81 -5.06
CA PRO D 75 31.42 -0.78 -6.49
C PRO D 75 30.17 -0.63 -7.35
N GLU D 76 30.35 0.03 -8.49
CA GLU D 76 29.29 0.11 -9.49
C GLU D 76 28.93 -1.28 -10.02
N ALA D 77 27.65 -1.48 -10.33
CA ALA D 77 27.18 -2.82 -10.68
C ALA D 77 27.59 -3.20 -12.09
N ILE D 78 27.99 -4.46 -12.24
CA ILE D 78 28.35 -5.04 -13.52
C ILE D 78 27.38 -6.17 -13.79
N PRO D 79 26.47 -6.04 -14.76
CA PRO D 79 25.54 -7.14 -15.04
C PRO D 79 26.28 -8.40 -15.50
N ALA D 80 25.69 -9.55 -15.17
CA ALA D 80 26.09 -10.79 -15.80
C ALA D 80 25.96 -10.65 -17.30
N THR D 81 26.88 -11.26 -18.05
CA THR D 81 26.72 -11.39 -19.49
C THR D 81 25.96 -12.66 -19.80
N VAL D 82 25.51 -12.79 -21.06
CA VAL D 82 24.86 -14.05 -21.45
C VAL D 82 25.85 -15.20 -21.38
N GLU D 83 27.11 -14.95 -21.76
CA GLU D 83 28.14 -15.98 -21.59
C GLU D 83 28.24 -16.44 -20.13
N ASP D 84 28.25 -15.49 -19.20
CA ASP D 84 28.20 -15.80 -17.77
C ASP D 84 27.10 -16.79 -17.44
N VAL D 85 25.85 -16.38 -17.64
CA VAL D 85 24.74 -17.20 -17.19
C VAL D 85 24.70 -18.52 -17.95
N CYS D 86 25.26 -18.56 -19.16
CA CYS D 86 25.18 -19.81 -19.92
C CYS D 86 26.25 -20.82 -19.55
N ARG D 87 27.09 -20.52 -18.55
CA ARG D 87 27.91 -21.57 -17.95
C ARG D 87 27.06 -22.50 -17.10
N VAL D 88 25.88 -22.06 -16.66
CA VAL D 88 24.95 -22.86 -15.88
C VAL D 88 23.70 -23.23 -16.68
N HIS D 89 23.04 -22.24 -17.30
CA HIS D 89 21.75 -22.39 -17.95
C HIS D 89 21.93 -22.64 -19.45
N PRO D 90 21.13 -23.51 -20.04
CA PRO D 90 21.17 -23.66 -21.50
C PRO D 90 20.73 -22.35 -22.13
N ARG D 91 21.37 -22.01 -23.24
CA ARG D 91 21.05 -20.76 -23.90
C ARG D 91 19.58 -20.69 -24.26
N ASP D 92 18.95 -21.84 -24.57
CA ASP D 92 17.54 -21.81 -24.96
C ASP D 92 16.67 -21.23 -23.85
N TYR D 93 16.98 -21.58 -22.60
CA TYR D 93 16.22 -20.98 -21.50
C TYR D 93 16.40 -19.46 -21.48
N ILE D 94 17.63 -18.99 -21.67
CA ILE D 94 17.90 -17.57 -21.55
C ILE D 94 17.19 -16.81 -22.66
N ASP D 95 17.17 -17.37 -23.87
CA ASP D 95 16.53 -16.68 -24.98
C ASP D 95 15.02 -16.59 -24.79
N ARG D 96 14.40 -17.63 -24.25
CA ARG D 96 12.95 -17.57 -24.02
C ARG D 96 12.64 -16.60 -22.89
N PHE D 97 13.49 -16.58 -21.87
CA PHE D 97 13.37 -15.59 -20.80
C PHE D 97 13.42 -14.17 -21.38
N LYS D 98 14.41 -13.89 -22.22
CA LYS D 98 14.51 -12.58 -22.85
C LYS D 98 13.26 -12.27 -23.66
N ALA D 99 12.79 -13.23 -24.45
CA ALA D 99 11.65 -12.96 -25.33
C ALA D 99 10.37 -12.69 -24.53
N THR D 100 10.12 -13.45 -23.46
CA THR D 100 8.96 -13.19 -22.61
C THR D 100 9.06 -11.85 -21.91
N SER D 101 10.24 -11.54 -21.38
CA SER D 101 10.45 -10.27 -20.68
C SER D 101 10.13 -9.10 -21.59
N ASP D 102 10.61 -9.15 -22.84
CA ASP D 102 10.30 -8.11 -23.81
C ASP D 102 8.80 -8.00 -24.07
N ALA D 103 8.10 -9.13 -24.11
CA ALA D 103 6.69 -9.12 -24.46
C ALA D 103 5.80 -8.76 -23.27
N GLY D 104 6.37 -8.55 -22.10
CA GLY D 104 5.57 -8.11 -20.96
C GLY D 104 5.75 -8.93 -19.70
N GLY D 105 6.58 -9.98 -19.74
CA GLY D 105 6.77 -10.80 -18.56
C GLY D 105 5.93 -12.06 -18.58
N GLY D 106 6.06 -12.82 -17.51
CA GLY D 106 5.33 -14.06 -17.37
C GLY D 106 5.91 -14.90 -16.24
N ASP D 107 5.91 -16.22 -16.44
CA ASP D 107 6.45 -17.17 -15.47
C ASP D 107 6.83 -18.38 -16.29
N LEU D 108 8.13 -18.67 -16.41
CA LEU D 108 8.63 -19.81 -17.16
C LEU D 108 8.94 -21.01 -16.26
N GLY D 109 8.57 -20.97 -15.00
CA GLY D 109 8.87 -22.08 -14.11
C GLY D 109 7.76 -22.30 -13.11
N HIS D 110 8.11 -22.47 -11.84
CA HIS D 110 7.15 -22.77 -10.77
C HIS D 110 7.30 -21.69 -9.71
N LEU D 111 6.34 -20.78 -9.67
CA LEU D 111 6.39 -19.64 -8.75
C LEU D 111 7.63 -18.80 -9.02
N ALA D 112 7.84 -18.44 -10.30
CA ALA D 112 8.92 -17.53 -10.69
C ALA D 112 8.38 -16.48 -11.65
N PRO D 113 7.39 -15.71 -11.23
CA PRO D 113 6.81 -14.69 -12.11
C PRO D 113 7.67 -13.43 -12.14
N PHE D 114 7.52 -12.68 -13.24
CA PHE D 114 8.25 -11.42 -13.44
C PHE D 114 7.51 -10.54 -14.43
N SER D 115 7.84 -9.24 -14.42
CA SER D 115 7.23 -8.23 -15.27
C SER D 115 8.14 -7.90 -16.46
N LYS D 116 7.61 -7.09 -17.36
CA LYS D 116 8.37 -6.58 -18.51
C LYS D 116 9.69 -5.98 -18.06
N GLY D 117 10.77 -6.39 -18.72
CA GLY D 117 12.11 -5.99 -18.33
C GLY D 117 12.72 -6.78 -17.19
N GLY D 118 12.05 -7.84 -16.71
CA GLY D 118 12.61 -8.63 -15.60
C GLY D 118 13.88 -9.38 -15.98
N TYR D 119 14.06 -9.65 -17.28
CA TYR D 119 15.29 -10.29 -17.74
C TYR D 119 16.51 -9.41 -17.46
N GLU D 120 16.47 -8.15 -17.91
CA GLU D 120 17.54 -7.22 -17.63
C GLU D 120 17.83 -7.12 -16.13
N ILE D 121 16.78 -7.08 -15.30
CA ILE D 121 17.05 -6.92 -13.87
C ILE D 121 17.63 -8.21 -13.30
N ALA D 122 17.22 -9.37 -13.80
CA ALA D 122 17.83 -10.60 -13.30
C ALA D 122 19.29 -10.68 -13.70
N MET D 123 19.61 -10.28 -14.93
CA MET D 123 21.01 -10.24 -15.35
C MET D 123 21.81 -9.30 -14.47
N LEU D 124 21.20 -8.17 -14.10
CA LEU D 124 21.87 -7.23 -13.21
C LEU D 124 22.09 -7.85 -11.83
N SER D 125 21.02 -8.35 -11.21
CA SER D 125 21.12 -9.00 -9.92
C SER D 125 22.22 -10.08 -9.91
N CYS D 126 22.22 -10.95 -10.91
CA CYS D 126 23.26 -11.96 -11.01
C CYS D 126 24.66 -11.32 -11.03
N GLY D 127 24.83 -10.25 -11.81
CA GLY D 127 26.10 -9.57 -11.83
C GLY D 127 26.60 -9.13 -10.46
N LEU D 128 25.68 -8.83 -9.53
CA LEU D 128 26.11 -8.46 -8.18
C LEU D 128 26.86 -9.60 -7.50
N ALA D 129 26.31 -10.81 -7.60
CA ALA D 129 26.99 -11.97 -7.02
C ALA D 129 28.32 -12.26 -7.73
N ILE D 130 28.32 -12.20 -9.06
CA ILE D 130 29.53 -12.47 -9.84
C ILE D 130 30.66 -11.55 -9.38
N ALA D 131 30.37 -10.24 -9.31
CA ALA D 131 31.40 -9.24 -8.99
C ALA D 131 31.86 -9.37 -7.55
N ALA D 132 30.95 -9.65 -6.62
CA ALA D 132 31.32 -9.84 -5.22
C ALA D 132 32.30 -10.99 -5.05
N VAL D 133 32.01 -12.14 -5.67
CA VAL D 133 32.96 -13.25 -5.65
C VAL D 133 34.29 -12.83 -6.29
N ASP D 134 34.21 -12.30 -7.52
CA ASP D 134 35.41 -11.88 -8.25
C ASP D 134 36.29 -10.95 -7.41
N ASP D 135 35.68 -9.94 -6.77
CA ASP D 135 36.47 -8.95 -6.05
C ASP D 135 37.09 -9.51 -4.79
N VAL D 136 36.40 -10.44 -4.11
CA VAL D 136 36.99 -11.12 -2.96
C VAL D 136 38.15 -12.00 -3.40
N LEU D 137 37.99 -12.75 -4.49
CA LEU D 137 39.08 -13.61 -4.95
C LEU D 137 40.27 -12.80 -5.44
N SER D 138 40.03 -11.68 -6.10
CA SER D 138 41.14 -10.89 -6.60
C SER D 138 41.66 -9.94 -5.53
N GLY D 139 41.03 -9.89 -4.36
CA GLY D 139 41.55 -9.14 -3.24
C GLY D 139 41.30 -7.65 -3.24
N LYS D 140 40.29 -7.16 -3.97
CA LYS D 140 39.97 -5.73 -3.84
C LYS D 140 39.28 -5.43 -2.52
N VAL D 141 38.55 -6.41 -1.97
CA VAL D 141 37.94 -6.32 -0.65
C VAL D 141 38.14 -7.67 0.03
N ASP D 142 38.06 -7.69 1.36
CA ASP D 142 38.32 -8.95 2.06
C ASP D 142 37.09 -9.85 2.11
N ASN D 143 35.91 -9.29 2.32
CA ASN D 143 34.66 -10.03 2.23
C ASN D 143 33.65 -9.13 1.53
N ALA D 144 32.46 -9.68 1.24
CA ALA D 144 31.50 -8.94 0.43
C ALA D 144 30.07 -9.40 0.73
N TYR D 145 29.14 -8.44 0.58
CA TYR D 145 27.70 -8.68 0.63
C TYR D 145 27.10 -8.29 -0.70
N ALA D 146 26.34 -9.18 -1.30
CA ALA D 146 25.68 -8.91 -2.57
C ALA D 146 24.17 -8.87 -2.32
N LEU D 147 23.58 -7.69 -2.47
CA LEU D 147 22.15 -7.52 -2.24
C LEU D 147 21.41 -7.93 -3.50
N CYS D 148 21.33 -9.26 -3.70
CA CYS D 148 20.71 -9.82 -4.90
C CYS D 148 19.20 -9.76 -4.81
N ARG D 149 18.56 -9.29 -5.90
CA ARG D 149 17.13 -9.43 -6.15
C ARG D 149 16.86 -9.31 -7.63
N PRO D 150 16.29 -10.33 -8.29
CA PRO D 150 15.76 -11.60 -7.73
C PRO D 150 16.84 -12.51 -7.17
N ALA D 151 16.45 -13.39 -6.24
CA ALA D 151 17.35 -14.37 -5.64
C ALA D 151 17.62 -15.51 -6.62
N GLY D 152 18.38 -16.50 -6.18
CA GLY D 152 18.86 -17.51 -7.09
C GLY D 152 18.86 -18.98 -6.64
N HIS D 153 18.71 -19.26 -5.34
CA HIS D 153 19.06 -20.60 -4.87
C HIS D 153 18.00 -21.66 -5.18
N HIS D 154 16.81 -21.30 -5.66
CA HIS D 154 15.89 -22.33 -6.12
C HIS D 154 16.00 -22.61 -7.61
N CYS D 155 16.71 -21.78 -8.36
CA CYS D 155 16.67 -21.89 -9.82
C CYS D 155 17.51 -23.09 -10.27
N LEU D 156 16.87 -23.99 -11.02
CA LEU D 156 17.48 -25.11 -11.71
C LEU D 156 18.08 -24.65 -13.05
N ALA D 157 18.83 -25.53 -13.71
CA ALA D 157 19.54 -25.13 -14.92
C ALA D 157 18.59 -24.71 -16.04
N ASP D 158 17.46 -25.40 -16.17
CA ASP D 158 16.47 -25.02 -17.18
C ASP D 158 15.12 -24.61 -16.59
N THR D 159 15.01 -24.50 -15.26
CA THR D 159 13.71 -24.22 -14.64
C THR D 159 13.83 -23.22 -13.50
N PRO D 160 13.37 -21.98 -13.67
CA PRO D 160 13.33 -21.06 -12.54
C PRO D 160 12.23 -21.48 -11.59
N MET D 161 12.43 -21.20 -10.30
N MET D 161 12.41 -21.15 -10.31
CA MET D 161 11.37 -21.49 -9.35
CA MET D 161 11.49 -21.58 -9.27
C MET D 161 11.62 -20.70 -8.07
C MET D 161 11.65 -20.67 -8.06
N GLY D 162 10.55 -20.53 -7.30
CA GLY D 162 10.59 -19.90 -6.00
C GLY D 162 11.18 -18.51 -5.97
N PHE D 163 10.75 -17.64 -6.88
CA PHE D 163 11.19 -16.25 -6.99
C PHE D 163 12.63 -16.14 -7.48
N CYS D 164 13.18 -17.21 -8.05
CA CYS D 164 14.55 -17.23 -8.53
C CYS D 164 14.54 -17.46 -10.03
N LEU D 165 15.04 -16.47 -10.78
CA LEU D 165 15.04 -16.54 -12.23
C LEU D 165 16.38 -16.99 -12.82
N LEU D 166 17.49 -16.80 -12.09
CA LEU D 166 18.83 -17.21 -12.51
C LEU D 166 19.56 -17.81 -11.33
N ALA D 167 20.46 -18.76 -11.60
CA ALA D 167 21.17 -19.41 -10.51
C ALA D 167 22.35 -18.51 -10.10
N ASN D 168 22.03 -17.45 -9.34
CA ASN D 168 23.02 -16.42 -9.02
C ASN D 168 24.36 -16.99 -8.56
N ILE D 169 24.35 -17.80 -7.50
CA ILE D 169 25.57 -18.27 -6.84
C ILE D 169 26.29 -19.29 -7.74
N PRO D 170 25.60 -20.30 -8.31
CA PRO D 170 26.28 -21.15 -9.30
C PRO D 170 26.93 -20.37 -10.43
N ILE D 171 26.25 -19.36 -10.97
CA ILE D 171 26.81 -18.60 -12.09
C ILE D 171 28.06 -17.84 -11.64
N ALA D 172 28.05 -17.34 -10.40
CA ALA D 172 29.21 -16.63 -9.85
C ALA D 172 30.38 -17.58 -9.61
N ILE D 173 30.11 -18.82 -9.20
CA ILE D 173 31.18 -19.79 -8.97
C ILE D 173 31.80 -20.21 -10.29
N GLU D 174 30.98 -20.43 -11.32
CA GLU D 174 31.52 -20.82 -12.62
C GLU D 174 32.29 -19.67 -13.27
N ALA D 175 31.89 -18.43 -13.00
CA ALA D 175 32.70 -17.32 -13.47
C ALA D 175 34.04 -17.30 -12.75
N ALA D 176 34.04 -17.54 -11.44
CA ALA D 176 35.30 -17.57 -10.69
C ALA D 176 36.21 -18.66 -11.22
N LYS D 177 35.67 -19.85 -11.44
CA LYS D 177 36.46 -20.92 -12.03
C LYS D 177 37.05 -20.49 -13.37
N ALA D 178 36.25 -19.88 -14.24
CA ALA D 178 36.76 -19.48 -15.55
C ALA D 178 37.79 -18.37 -15.47
N ARG D 179 37.70 -17.50 -14.46
CA ARG D 179 38.56 -16.33 -14.38
C ARG D 179 39.72 -16.47 -13.41
N HIS D 180 39.61 -17.36 -12.43
CA HIS D 180 40.67 -17.54 -11.44
C HIS D 180 41.14 -18.98 -11.29
N GLY D 181 40.41 -19.96 -11.80
CA GLY D 181 40.84 -21.34 -11.66
C GLY D 181 40.61 -21.92 -10.29
N ILE D 182 39.74 -21.29 -9.48
CA ILE D 182 39.53 -21.73 -8.11
C ILE D 182 39.07 -23.19 -8.06
N SER D 183 39.66 -23.96 -7.13
CA SER D 183 39.43 -25.39 -7.02
C SER D 183 38.23 -25.75 -6.13
N ARG D 184 38.10 -25.13 -4.95
CA ARG D 184 37.16 -25.60 -3.92
C ARG D 184 36.31 -24.46 -3.40
N VAL D 185 35.00 -24.58 -3.56
CA VAL D 185 34.04 -23.59 -3.05
C VAL D 185 33.00 -24.30 -2.20
N ALA D 186 32.72 -23.75 -1.02
CA ALA D 186 31.63 -24.18 -0.16
C ALA D 186 30.51 -23.13 -0.18
N VAL D 187 29.28 -23.60 -0.29
CA VAL D 187 28.09 -22.77 -0.20
C VAL D 187 27.32 -23.22 1.04
N VAL D 188 27.12 -22.29 1.98
CA VAL D 188 26.32 -22.48 3.17
C VAL D 188 25.03 -21.70 2.95
N ASP D 189 23.93 -22.40 2.70
CA ASP D 189 22.65 -21.78 2.37
C ASP D 189 21.81 -21.77 3.64
N TRP D 190 21.70 -20.61 4.29
CA TRP D 190 20.90 -20.56 5.51
C TRP D 190 19.58 -19.83 5.30
N ASP D 191 19.27 -19.46 4.06
CA ASP D 191 17.89 -19.20 3.69
C ASP D 191 17.01 -20.36 4.16
N VAL D 192 15.82 -20.02 4.65
CA VAL D 192 15.02 -21.00 5.37
C VAL D 192 14.47 -22.10 4.47
N HIS D 193 14.57 -21.92 3.16
CA HIS D 193 14.05 -22.85 2.18
C HIS D 193 15.21 -23.64 1.58
N HIS D 194 14.91 -24.86 1.12
CA HIS D 194 15.96 -25.73 0.61
C HIS D 194 16.59 -25.13 -0.63
N GLY D 195 17.92 -25.15 -0.68
CA GLY D 195 18.60 -24.65 -1.86
C GLY D 195 18.69 -25.72 -2.93
N ASN D 196 17.54 -26.05 -3.53
CA ASN D 196 17.47 -27.14 -4.50
C ASN D 196 18.18 -26.80 -5.81
N GLY D 197 18.22 -25.53 -6.19
CA GLY D 197 18.94 -25.16 -7.39
C GLY D 197 20.42 -25.43 -7.30
N THR D 198 21.05 -24.99 -6.20
CA THR D 198 22.49 -25.17 -6.01
C THR D 198 22.85 -26.64 -5.84
N GLN D 199 22.05 -27.37 -5.05
CA GLN D 199 22.25 -28.80 -4.92
C GLN D 199 22.26 -29.48 -6.26
N SER D 200 21.26 -29.16 -7.10
CA SER D 200 21.10 -29.83 -8.38
C SER D 200 22.29 -29.55 -9.30
N ILE D 201 22.67 -28.28 -9.42
CA ILE D 201 23.67 -27.90 -10.40
C ILE D 201 25.00 -28.57 -10.11
N PHE D 202 25.33 -28.72 -8.82
CA PHE D 202 26.62 -29.24 -8.42
C PHE D 202 26.55 -30.68 -7.90
N TYR D 203 25.42 -31.37 -8.07
CA TYR D 203 25.17 -32.62 -7.36
C TYR D 203 26.21 -33.71 -7.65
N ASP D 204 26.79 -33.72 -8.85
CA ASP D 204 27.78 -34.74 -9.19
C ASP D 204 29.20 -34.19 -9.18
N ARG D 205 29.46 -33.11 -8.45
CA ARG D 205 30.78 -32.50 -8.43
C ARG D 205 31.35 -32.44 -7.02
N ALA D 206 32.63 -32.72 -6.91
CA ALA D 206 33.33 -32.68 -5.63
C ALA D 206 33.97 -31.33 -5.34
N ASP D 207 34.04 -30.44 -6.33
CA ASP D 207 34.67 -29.12 -6.16
C ASP D 207 33.76 -28.05 -5.56
N VAL D 208 32.47 -28.29 -5.42
CA VAL D 208 31.58 -27.34 -4.73
C VAL D 208 30.83 -28.13 -3.67
N LEU D 209 31.19 -27.91 -2.40
CA LEU D 209 30.41 -28.46 -1.29
C LEU D 209 29.18 -27.59 -1.08
N THR D 210 28.00 -28.16 -1.26
CA THR D 210 26.75 -27.42 -1.11
C THR D 210 26.07 -27.87 0.18
N ILE D 211 25.86 -26.92 1.11
CA ILE D 211 25.21 -27.18 2.38
C ILE D 211 23.92 -26.37 2.43
N SER D 212 22.80 -27.02 2.79
CA SER D 212 21.53 -26.36 3.00
C SER D 212 20.94 -26.69 4.37
N ILE D 213 20.65 -25.65 5.15
CA ILE D 213 19.90 -25.73 6.40
C ILE D 213 18.53 -25.14 6.09
N HIS D 214 17.46 -25.89 6.38
CA HIS D 214 16.16 -25.38 5.96
C HIS D 214 15.06 -25.99 6.83
N GLN D 215 13.91 -25.31 6.80
CA GLN D 215 12.71 -25.86 7.45
C GLN D 215 12.28 -27.13 6.73
N ASP D 216 12.23 -28.23 7.47
CA ASP D 216 11.75 -29.50 6.94
C ASP D 216 10.43 -29.31 6.19
N ARG D 217 10.40 -29.75 4.93
CA ARG D 217 9.19 -29.89 4.13
C ARG D 217 8.61 -28.58 3.67
N CYS D 218 9.36 -27.47 3.79
CA CYS D 218 8.79 -26.16 3.47
C CYS D 218 8.81 -25.90 1.97
N PHE D 219 9.97 -25.51 1.40
CA PHE D 219 10.07 -25.33 -0.04
C PHE D 219 11.40 -25.83 -0.59
N PRO D 220 11.38 -26.73 -1.58
CA PRO D 220 10.21 -27.37 -2.22
C PRO D 220 9.37 -28.14 -1.19
N PRO D 221 8.04 -28.04 -1.33
CA PRO D 221 7.14 -28.63 -0.33
C PRO D 221 7.36 -30.14 -0.18
N GLY D 222 7.32 -30.62 1.06
CA GLY D 222 7.44 -32.03 1.35
C GLY D 222 8.87 -32.55 1.41
N TYR D 223 9.86 -31.78 0.99
CA TYR D 223 11.24 -32.25 0.85
C TYR D 223 12.01 -32.08 2.15
N SER D 224 12.72 -33.14 2.56
CA SER D 224 13.60 -33.11 3.71
C SER D 224 15.05 -33.16 3.24
N GLY D 225 15.51 -34.29 2.72
CA GLY D 225 16.70 -34.37 1.90
C GLY D 225 17.98 -34.79 2.58
N ALA D 226 17.94 -35.17 3.87
CA ALA D 226 19.19 -35.50 4.56
C ALA D 226 19.93 -36.64 3.87
N GLU D 227 19.22 -37.58 3.26
CA GLU D 227 19.87 -38.74 2.66
C GLU D 227 20.42 -38.46 1.27
N ASP D 228 20.21 -37.25 0.74
CA ASP D 228 20.68 -36.84 -0.59
C ASP D 228 22.05 -36.22 -0.43
N ARG D 229 23.08 -37.04 -0.56
CA ARG D 229 24.45 -36.63 -0.25
C ARG D 229 25.33 -36.40 -1.48
N GLY D 230 24.75 -36.41 -2.68
CA GLY D 230 25.49 -36.28 -3.92
C GLY D 230 25.52 -37.59 -4.68
N GLU D 231 26.10 -37.56 -5.88
CA GLU D 231 26.22 -38.77 -6.66
C GLU D 231 27.52 -38.72 -7.44
N GLY D 232 28.05 -39.91 -7.78
CA GLY D 232 29.25 -39.95 -8.59
C GLY D 232 30.42 -39.33 -7.85
N ALA D 233 31.20 -38.53 -8.58
CA ALA D 233 32.26 -37.77 -7.92
C ALA D 233 31.70 -36.82 -6.87
N GLY D 234 30.41 -36.52 -6.92
CA GLY D 234 29.84 -35.61 -5.95
C GLY D 234 29.32 -36.26 -4.69
N LEU D 235 29.51 -37.57 -4.53
CA LEU D 235 29.01 -38.29 -3.36
C LEU D 235 29.75 -37.83 -2.10
N GLY D 236 29.00 -37.36 -1.10
CA GLY D 236 29.60 -36.75 0.07
C GLY D 236 29.75 -35.24 0.00
N TYR D 237 29.42 -34.60 -1.12
CA TYR D 237 29.67 -33.17 -1.28
C TYR D 237 28.39 -32.35 -1.36
N ASN D 238 27.27 -32.91 -0.91
CA ASN D 238 26.03 -32.19 -0.68
C ASN D 238 25.52 -32.61 0.69
N LEU D 239 25.07 -31.63 1.49
CA LEU D 239 24.72 -31.85 2.89
C LEU D 239 23.47 -31.06 3.22
N ASN D 240 22.36 -31.75 3.41
CA ASN D 240 21.08 -31.16 3.78
C ASN D 240 20.88 -31.29 5.29
N VAL D 241 20.51 -30.19 5.92
CA VAL D 241 20.23 -30.14 7.35
C VAL D 241 18.79 -29.65 7.50
N PRO D 242 17.80 -30.51 7.35
CA PRO D 242 16.43 -30.09 7.64
C PRO D 242 16.25 -29.94 9.14
N LEU D 243 15.50 -28.92 9.53
CA LEU D 243 15.23 -28.61 10.93
C LEU D 243 13.72 -28.48 11.06
N PRO D 244 13.14 -28.89 12.17
CA PRO D 244 11.67 -28.88 12.28
C PRO D 244 11.17 -27.45 12.38
N ALA D 245 9.99 -27.23 11.79
CA ALA D 245 9.33 -25.95 11.95
C ALA D 245 9.29 -25.60 13.43
N GLY D 246 9.45 -24.31 13.73
CA GLY D 246 9.49 -23.88 15.12
C GLY D 246 10.84 -23.92 15.81
N ALA D 247 11.88 -24.44 15.14
CA ALA D 247 13.22 -24.33 15.71
C ALA D 247 13.70 -22.87 15.70
N GLY D 248 14.56 -22.53 16.66
CA GLY D 248 14.98 -21.15 16.80
C GLY D 248 16.49 -21.03 16.96
N HIS D 249 16.88 -19.99 17.69
CA HIS D 249 18.28 -19.60 17.80
C HIS D 249 19.17 -20.78 18.22
N ASP D 250 18.86 -21.42 19.35
CA ASP D 250 19.68 -22.49 19.91
C ASP D 250 19.74 -23.72 18.99
N ALA D 251 18.67 -23.99 18.22
CA ALA D 251 18.76 -25.11 17.28
C ALA D 251 19.69 -24.77 16.11
N TYR D 252 19.63 -23.55 15.62
CA TYR D 252 20.52 -23.18 14.53
C TYR D 252 21.98 -23.18 14.98
N VAL D 253 22.22 -22.70 16.20
CA VAL D 253 23.57 -22.69 16.71
C VAL D 253 24.14 -24.10 16.74
N GLN D 254 23.35 -25.06 17.26
CA GLN D 254 23.86 -26.43 17.36
C GLN D 254 24.08 -27.03 15.99
N ALA D 255 23.14 -26.83 15.08
CA ALA D 255 23.33 -27.29 13.71
C ALA D 255 24.63 -26.74 13.13
N PHE D 256 24.97 -25.48 13.43
CA PHE D 256 26.20 -24.95 12.84
C PHE D 256 27.43 -25.54 13.53
N ASP D 257 27.37 -25.70 14.86
CA ASP D 257 28.52 -26.22 15.60
C ASP D 257 28.75 -27.69 15.30
N ASP D 258 27.67 -28.47 15.16
CA ASP D 258 27.82 -29.91 15.07
C ASP D 258 27.84 -30.45 13.64
N ILE D 259 27.41 -29.66 12.65
CA ILE D 259 27.31 -30.18 11.28
C ILE D 259 27.96 -29.25 10.28
N VAL D 260 27.58 -27.96 10.28
CA VAL D 260 28.01 -27.07 9.20
C VAL D 260 29.50 -26.78 9.28
N VAL D 261 29.96 -26.35 10.44
CA VAL D 261 31.37 -25.99 10.62
C VAL D 261 32.25 -27.25 10.54
N PRO D 262 31.87 -28.40 11.14
CA PRO D 262 32.66 -29.61 10.86
C PRO D 262 32.78 -29.93 9.37
N ALA D 263 31.70 -29.74 8.59
CA ALA D 263 31.78 -30.02 7.17
C ALA D 263 32.78 -29.09 6.47
N LEU D 264 32.71 -27.79 6.78
CA LEU D 264 33.66 -26.86 6.18
C LEU D 264 35.10 -27.23 6.51
N ASP D 265 35.36 -27.56 7.78
CA ASP D 265 36.72 -27.93 8.17
C ASP D 265 37.21 -29.19 7.44
N ASP D 266 36.33 -30.16 7.15
CA ASP D 266 36.78 -31.33 6.41
C ASP D 266 37.05 -30.99 4.95
N PHE D 267 36.24 -30.12 4.36
CA PHE D 267 36.27 -29.89 2.92
C PHE D 267 37.43 -29.01 2.49
N LYS D 268 37.87 -28.10 3.35
CA LYS D 268 38.97 -27.16 3.07
C LYS D 268 38.63 -26.27 1.88
N PRO D 269 37.60 -25.43 1.98
CA PRO D 269 37.24 -24.57 0.84
C PRO D 269 38.28 -23.50 0.63
N ASP D 270 38.42 -23.05 -0.61
CA ASP D 270 39.21 -21.85 -0.87
C ASP D 270 38.38 -20.58 -0.85
N LEU D 271 37.06 -20.71 -0.81
CA LEU D 271 36.11 -19.61 -0.80
C LEU D 271 34.84 -20.14 -0.14
N ILE D 272 34.25 -19.33 0.75
CA ILE D 272 32.96 -19.69 1.37
C ILE D 272 31.93 -18.67 0.91
N ILE D 273 30.85 -19.15 0.32
CA ILE D 273 29.73 -18.32 -0.06
C ILE D 273 28.55 -18.69 0.82
N VAL D 274 27.94 -17.70 1.45
CA VAL D 274 26.73 -17.88 2.22
C VAL D 274 25.56 -17.50 1.32
N ALA D 275 24.64 -18.42 1.07
CA ALA D 275 23.36 -18.03 0.49
C ALA D 275 22.50 -17.59 1.68
N SER D 276 22.40 -16.27 1.88
CA SER D 276 21.74 -15.70 3.06
C SER D 276 20.35 -15.18 2.71
N GLY D 277 19.36 -16.04 2.89
CA GLY D 277 18.00 -15.58 3.08
C GLY D 277 17.77 -15.22 4.54
N LEU D 278 16.93 -14.21 4.77
CA LEU D 278 16.61 -13.76 6.12
C LEU D 278 15.22 -14.19 6.53
N ASP D 279 14.68 -15.21 5.87
CA ASP D 279 13.31 -15.61 6.07
C ASP D 279 13.13 -16.64 7.18
N ALA D 280 14.21 -16.99 7.90
CA ALA D 280 14.05 -17.71 9.16
C ALA D 280 13.83 -16.77 10.35
N ASN D 281 13.73 -15.46 10.11
CA ASN D 281 13.40 -14.54 11.19
C ASN D 281 12.02 -14.88 11.78
N SER D 282 11.86 -14.48 13.04
CA SER D 282 10.73 -14.88 13.88
C SER D 282 9.36 -14.42 13.41
N VAL D 283 9.25 -13.56 12.39
CA VAL D 283 7.92 -13.13 11.95
C VAL D 283 7.76 -13.26 10.44
N ASP D 284 8.58 -14.08 9.79
CA ASP D 284 8.47 -14.18 8.37
C ASP D 284 7.17 -14.90 7.98
N PRO D 285 6.43 -14.39 6.99
CA PRO D 285 5.24 -15.12 6.55
C PRO D 285 5.53 -16.43 5.83
N LEU D 286 6.71 -16.60 5.22
CA LEU D 286 6.95 -17.76 4.36
C LEU D 286 7.71 -18.88 5.05
N ALA D 287 7.83 -18.84 6.37
CA ALA D 287 8.37 -19.98 7.10
C ALA D 287 7.90 -19.87 8.54
N ARG D 288 8.36 -20.82 9.37
CA ARG D 288 7.87 -21.03 10.73
C ARG D 288 8.99 -21.01 11.75
N MET D 289 10.12 -20.38 11.44
CA MET D 289 11.29 -20.43 12.31
C MET D 289 11.37 -19.20 13.22
N LEU D 290 12.24 -19.29 14.23
CA LEU D 290 12.30 -18.32 15.30
C LEU D 290 13.72 -17.74 15.44
N LEU D 291 14.33 -17.32 14.34
CA LEU D 291 15.61 -16.64 14.48
C LEU D 291 15.36 -15.15 14.72
N HIS D 292 16.34 -14.49 15.35
CA HIS D 292 16.31 -13.05 15.59
C HIS D 292 17.60 -12.40 15.10
N SER D 293 17.70 -11.07 15.26
CA SER D 293 18.84 -10.34 14.68
C SER D 293 20.17 -10.88 15.19
N GLU D 294 20.24 -11.21 16.48
CA GLU D 294 21.52 -11.66 17.02
C GLU D 294 21.86 -13.08 16.54
N SER D 295 20.86 -13.85 16.09
CA SER D 295 21.16 -15.13 15.45
C SER D 295 21.96 -14.94 14.17
N TYR D 296 21.57 -13.95 13.36
CA TYR D 296 22.27 -13.73 12.10
C TYR D 296 23.65 -13.13 12.33
N ARG D 297 23.79 -12.32 13.38
CA ARG D 297 25.10 -11.78 13.72
C ARG D 297 26.07 -12.91 14.06
N LEU D 298 25.65 -13.80 14.95
CA LEU D 298 26.48 -14.92 15.39
C LEU D 298 26.76 -15.91 14.25
N LEU D 299 25.74 -16.26 13.47
CA LEU D 299 26.00 -17.14 12.34
C LEU D 299 27.01 -16.50 11.39
N THR D 300 26.94 -15.18 11.23
CA THR D 300 27.93 -14.52 10.41
C THR D 300 29.31 -14.61 11.03
N GLN D 301 29.41 -14.42 12.36
CA GLN D 301 30.70 -14.57 13.04
C GLN D 301 31.27 -15.97 12.83
N LYS D 302 30.43 -17.02 12.97
CA LYS D 302 30.90 -18.38 12.73
C LYS D 302 31.49 -18.55 11.32
N MET D 303 30.86 -17.95 10.32
CA MET D 303 31.38 -18.09 8.96
C MET D 303 32.64 -17.23 8.76
N LEU D 304 32.68 -16.05 9.38
CA LEU D 304 33.90 -15.25 9.41
C LEU D 304 35.06 -16.02 10.01
N ASP D 305 34.82 -16.74 11.10
CA ASP D 305 35.91 -17.46 11.74
C ASP D 305 36.34 -18.66 10.88
N ALA D 306 35.37 -19.33 10.25
CA ALA D 306 35.70 -20.40 9.32
C ALA D 306 36.47 -19.88 8.12
N ALA D 307 36.06 -18.73 7.57
CA ALA D 307 36.79 -18.20 6.43
C ALA D 307 38.22 -17.83 6.84
N ALA D 308 38.37 -17.21 8.01
CA ALA D 308 39.69 -16.85 8.52
C ALA D 308 40.58 -18.09 8.73
N ARG D 309 40.00 -19.19 9.22
CA ARG D 309 40.80 -20.40 9.46
C ARG D 309 41.09 -21.17 8.19
N LEU D 310 40.16 -21.16 7.24
CA LEU D 310 40.23 -22.09 6.10
C LEU D 310 40.70 -21.46 4.80
N CYS D 311 40.45 -20.17 4.57
CA CYS D 311 40.72 -19.61 3.26
C CYS D 311 41.00 -18.11 3.34
N GLY D 312 41.89 -17.72 4.25
CA GLY D 312 42.35 -16.35 4.34
C GLY D 312 41.27 -15.30 4.40
N GLY D 313 40.17 -15.59 5.10
CA GLY D 313 39.07 -14.66 5.28
C GLY D 313 38.20 -14.45 4.06
N LYS D 314 38.35 -15.25 3.02
CA LYS D 314 37.57 -15.00 1.80
C LYS D 314 36.14 -15.51 2.02
N LEU D 315 35.20 -14.57 2.25
CA LEU D 315 33.81 -14.85 2.55
C LEU D 315 32.89 -13.95 1.73
N VAL D 316 31.90 -14.53 1.06
CA VAL D 316 30.94 -13.77 0.26
C VAL D 316 29.53 -14.13 0.70
N VAL D 317 28.72 -13.10 0.98
CA VAL D 317 27.34 -13.27 1.43
C VAL D 317 26.42 -12.72 0.35
N VAL D 318 25.56 -13.58 -0.17
CA VAL D 318 24.66 -13.27 -1.26
C VAL D 318 23.24 -13.32 -0.71
N HIS D 319 22.52 -12.21 -0.82
CA HIS D 319 21.13 -12.15 -0.38
C HIS D 319 20.24 -13.09 -1.18
N GLU D 320 19.35 -13.80 -0.48
CA GLU D 320 18.33 -14.63 -1.14
C GLU D 320 16.92 -14.19 -0.75
N GLY D 321 16.20 -15.01 0.04
CA GLY D 321 14.88 -14.66 0.49
C GLY D 321 14.84 -13.82 1.76
N GLY D 322 13.63 -13.62 2.27
CA GLY D 322 13.36 -12.71 3.35
C GLY D 322 12.15 -11.87 3.01
N TYR D 323 11.09 -11.96 3.82
CA TYR D 323 9.79 -11.45 3.40
C TYR D 323 9.10 -10.55 4.43
N ALA D 324 9.56 -10.53 5.68
CA ALA D 324 9.06 -9.63 6.72
C ALA D 324 9.70 -8.25 6.54
N GLU D 325 8.98 -7.33 5.88
N GLU D 325 8.98 -7.32 5.91
CA GLU D 325 9.55 -6.01 5.59
CA GLU D 325 9.58 -6.03 5.59
C GLU D 325 9.94 -5.28 6.85
C GLU D 325 9.89 -5.22 6.84
N ALA D 326 9.25 -5.53 7.97
CA ALA D 326 9.51 -4.79 9.19
C ALA D 326 10.70 -5.36 9.97
N TYR D 327 11.02 -6.64 9.83
CA TYR D 327 12.05 -7.21 10.68
C TYR D 327 13.29 -7.67 9.92
N VAL D 328 13.17 -8.03 8.65
CA VAL D 328 14.35 -8.34 7.85
C VAL D 328 15.45 -7.28 8.02
N PRO D 329 15.15 -5.97 8.03
CA PRO D 329 16.27 -5.02 8.11
C PRO D 329 17.13 -5.17 9.36
N PHE D 330 16.55 -5.42 10.52
CA PHE D 330 17.37 -5.60 11.72
C PHE D 330 18.21 -6.86 11.64
N CYS D 331 17.70 -7.93 11.02
CA CYS D 331 18.49 -9.16 10.90
C CYS D 331 19.65 -8.99 9.94
N GLY D 332 19.39 -8.41 8.77
CA GLY D 332 20.47 -8.15 7.84
C GLY D 332 21.45 -7.09 8.31
N HIS D 333 20.96 -6.12 9.10
CA HIS D 333 21.86 -5.06 9.57
C HIS D 333 22.87 -5.60 10.57
N ALA D 334 22.43 -6.49 11.48
CA ALA D 334 23.37 -7.13 12.41
C ALA D 334 24.33 -8.04 11.66
N LEU D 335 23.84 -8.72 10.63
CA LEU D 335 24.72 -9.44 9.71
C LEU D 335 25.80 -8.52 9.18
N LEU D 336 25.42 -7.37 8.63
CA LEU D 336 26.39 -6.47 8.01
C LEU D 336 27.36 -5.91 9.03
N GLU D 337 26.90 -5.66 10.26
CA GLU D 337 27.82 -5.23 11.32
C GLU D 337 28.92 -6.26 11.53
N ALA D 338 28.55 -7.55 11.56
CA ALA D 338 29.55 -8.61 11.75
C ALA D 338 30.48 -8.70 10.55
N LEU D 339 29.90 -8.75 9.35
CA LEU D 339 30.68 -8.80 8.12
C LEU D 339 31.72 -7.69 8.06
N SER D 340 31.28 -6.44 8.25
CA SER D 340 32.18 -5.29 8.18
C SER D 340 32.98 -5.12 9.46
N GLY D 341 32.55 -5.75 10.55
CA GLY D 341 33.12 -5.46 11.86
C GLY D 341 32.89 -4.01 12.29
N GLU D 342 31.81 -3.33 11.82
CA GLU D 342 31.54 -1.95 12.24
C GLU D 342 30.34 -1.95 13.17
N ARG D 343 30.44 -1.24 14.29
CA ARG D 343 29.31 -1.10 15.20
C ARG D 343 28.58 0.20 14.88
N THR D 344 27.26 0.19 15.00
CA THR D 344 26.46 1.40 14.94
C THR D 344 25.59 1.43 16.20
N ALA D 345 24.73 2.44 16.29
CA ALA D 345 23.83 2.58 17.42
C ALA D 345 22.50 1.87 17.19
N VAL D 346 22.36 1.13 16.09
CA VAL D 346 21.12 0.41 15.80
C VAL D 346 20.77 -0.52 16.95
N VAL D 347 19.52 -0.45 17.40
CA VAL D 347 19.00 -1.32 18.43
C VAL D 347 17.75 -2.00 17.85
N ASP D 348 17.74 -3.32 17.92
CA ASP D 348 16.64 -4.13 17.43
C ASP D 348 15.47 -4.06 18.40
N PRO D 349 14.37 -3.39 18.05
CA PRO D 349 13.27 -3.22 19.02
C PRO D 349 12.53 -4.51 19.35
N VAL D 350 12.67 -5.55 18.51
CA VAL D 350 11.98 -6.82 18.67
C VAL D 350 12.78 -7.83 19.49
N LEU D 351 14.04 -7.55 19.79
CA LEU D 351 14.95 -8.61 20.21
C LEU D 351 14.49 -9.25 21.51
N GLU D 352 14.15 -8.43 22.51
CA GLU D 352 13.74 -8.96 23.81
C GLU D 352 12.57 -9.92 23.66
N MET D 353 11.56 -9.52 22.88
CA MET D 353 10.41 -10.37 22.69
C MET D 353 10.78 -11.64 21.95
N ALA D 354 11.64 -11.54 20.93
CA ALA D 354 11.98 -12.75 20.19
C ALA D 354 12.78 -13.71 21.07
N GLU D 355 13.61 -13.19 21.96
CA GLU D 355 14.25 -14.02 22.96
C GLU D 355 13.21 -14.70 23.85
N ALA D 356 12.16 -13.97 24.26
CA ALA D 356 11.14 -14.58 25.11
C ALA D 356 10.36 -15.66 24.35
N TRP D 357 10.23 -15.48 23.03
CA TRP D 357 9.56 -16.42 22.15
C TRP D 357 10.30 -17.75 21.99
N GLN D 358 11.57 -17.85 22.40
CA GLN D 358 12.37 -19.00 22.00
C GLN D 358 11.87 -20.28 22.68
N PRO D 359 12.08 -21.43 22.02
CA PRO D 359 11.53 -22.69 22.55
C PRO D 359 12.04 -22.97 23.96
N GLY D 360 11.13 -23.43 24.83
CA GLY D 360 11.47 -23.80 26.18
C GLY D 360 12.20 -25.12 26.25
N PRO D 361 12.41 -25.63 27.47
CA PRO D 361 13.27 -26.81 27.64
C PRO D 361 12.80 -28.06 26.90
N GLU D 362 11.49 -28.29 26.80
CA GLU D 362 11.01 -29.54 26.22
C GLU D 362 11.19 -29.53 24.70
N ALA D 363 10.81 -28.41 24.05
CA ALA D 363 11.10 -28.28 22.63
C ALA D 363 12.61 -28.20 22.37
N ALA D 364 13.37 -27.57 23.26
CA ALA D 364 14.81 -27.51 23.05
C ALA D 364 15.43 -28.90 22.99
N ALA D 365 14.95 -29.82 23.85
CA ALA D 365 15.48 -31.17 23.90
C ALA D 365 15.14 -31.96 22.64
N PHE D 366 13.93 -31.75 22.11
CA PHE D 366 13.58 -32.29 20.81
C PHE D 366 14.52 -31.78 19.73
N HIS D 367 14.80 -30.47 19.69
CA HIS D 367 15.67 -29.96 18.63
C HIS D 367 17.08 -30.55 18.75
N ARG D 368 17.58 -30.68 19.98
N ARG D 368 17.59 -30.70 19.97
CA ARG D 368 18.90 -31.25 20.23
CA ARG D 368 18.93 -31.25 20.15
C ARG D 368 18.96 -32.71 19.80
C ARG D 368 18.97 -32.73 19.77
N GLN D 369 17.93 -33.50 20.10
CA GLN D 369 17.98 -34.91 19.73
C GLN D 369 17.74 -35.09 18.23
N TRP D 370 16.93 -34.23 17.61
CA TRP D 370 16.80 -34.20 16.16
C TRP D 370 18.16 -34.00 15.49
N ILE D 371 18.92 -33.01 15.96
CA ILE D 371 20.21 -32.70 15.35
C ILE D 371 21.22 -33.81 15.66
N ASP D 372 21.22 -34.31 16.90
CA ASP D 372 21.99 -35.50 17.25
C ASP D 372 21.68 -36.65 16.29
N ARG D 373 20.40 -36.84 15.95
CA ARG D 373 20.07 -37.89 14.99
C ARG D 373 20.69 -37.60 13.62
N LEU D 374 20.66 -36.34 13.17
CA LEU D 374 21.25 -36.01 11.88
C LEU D 374 22.76 -36.29 11.86
N VAL D 375 23.45 -35.92 12.94
CA VAL D 375 24.89 -36.15 13.03
C VAL D 375 25.17 -37.64 12.98
N ALA D 376 24.37 -38.45 13.69
CA ALA D 376 24.57 -39.90 13.70
C ALA D 376 24.38 -40.50 12.33
N ASP D 377 23.35 -40.05 11.60
CA ASP D 377 23.12 -40.57 10.26
C ASP D 377 24.24 -40.21 9.29
N LEU D 378 25.06 -39.21 9.61
CA LEU D 378 26.20 -38.85 8.77
C LEU D 378 27.36 -39.81 9.05
N GLY D 379 27.68 -40.65 8.06
CA GLY D 379 28.63 -41.73 8.25
C GLY D 379 28.12 -43.05 7.69
#